data_6H0E
#
_entry.id   6H0E
#
_cell.length_a   107.551
_cell.length_b   95.502
_cell.length_c   108.317
_cell.angle_alpha   90.00
_cell.angle_beta   112.64
_cell.angle_gamma   90.00
#
_symmetry.space_group_name_H-M   'P 1 21 1'
#
loop_
_entity.id
_entity.type
_entity.pdbx_description
1 polymer 'HUMAN FAB ANTIBODY FRAGMENT OF dmCBTAU-22.1'
2 polymer 'HUMAN FAB ANTIBODY FRAGMENT OF dmCBTAU-22.1'
3 polymer 'Microtubule-associated protein tau'
4 non-polymer GLYCEROL
5 water water
#
loop_
_entity_poly.entity_id
_entity_poly.type
_entity_poly.pdbx_seq_one_letter_code
_entity_poly.pdbx_strand_id
1 'polypeptide(L)'
;(PCA)VQLVQSGAEVKKPGAPVKVSCETSGYRFSDYFVHWVRQAPGQGPEWIGRIRPNSGGTKYAQKFQGRVTMTRDMSM
NTAYMELSGLRSDDTAVYYCVRGHCDGTTCSRAYWGQGTLVTVSSASTKGPSVFPLAPSSKSTSGGTAALGCLVKDYFPE
PVTVSWNSGALTSGVHTFPAVLQSSGLYSLSSVVTVPSSSLGTQTYICNVNHKPSNTKVDKRVEPK
;
H,A,C,E
2 'polypeptide(L)'
;DVVMTQSPLSLPVTPGEPASISCRSSQSLLHRSGHKYLHWYLQRPGQSPQVLIYLGSNRASGVPDRFSGSGSGTDFTLKI
SRVEAEDVGLYYCMQTLQTPWTFGQGTKVEIKRTVAAPSVFIFPPSDEQLKSGTASVVCLLNNFYPREAKVQWKVDNALQ
SGNSQESVTEQDSKDSTYSLSSTLTLSKADYEKHKVYACEVTHQGLSSPVTKSFNRGE
;
L,B,D,F
3 'polypeptide(L)' RHLSNVSSTG(SEP)IDMVD(SEP)PQLATLA I,G,J,K
#
loop_
_chem_comp.id
_chem_comp.type
_chem_comp.name
_chem_comp.formula
GOL non-polymer GLYCEROL 'C3 H8 O3'
#
# COMPACT_ATOMS: atom_id res chain seq x y z
N PCA A 1 -6.73 -3.09 7.56
CA PCA A 1 -5.48 -2.37 7.87
CB PCA A 1 -4.65 -2.38 6.59
CG PCA A 1 -5.61 -2.81 5.51
CD PCA A 1 -6.80 -3.33 6.27
OE PCA A 1 -7.70 -3.91 5.78
C PCA A 1 -5.73 -0.92 8.15
O PCA A 1 -6.75 -0.39 7.68
N VAL A 2 -4.83 -0.30 8.90
CA VAL A 2 -4.82 1.15 9.07
C VAL A 2 -4.48 1.74 7.71
N GLN A 3 -5.33 2.66 7.22
CA GLN A 3 -5.12 3.31 5.93
C GLN A 3 -5.38 4.76 5.98
N LEU A 4 -4.52 5.54 5.30
CA LEU A 4 -4.73 6.98 5.16
C LEU A 4 -4.62 7.26 3.67
N VAL A 5 -5.69 7.81 3.10
CA VAL A 5 -5.80 8.06 1.69
C VAL A 5 -5.97 9.52 1.45
N GLN A 6 -4.98 10.10 0.77
CA GLN A 6 -5.02 11.53 0.41
C GLN A 6 -5.57 11.88 -0.94
N SER A 7 -6.01 13.13 -1.08
CA SER A 7 -6.50 13.68 -2.38
C SER A 7 -5.37 13.78 -3.38
N GLY A 8 -5.75 14.02 -4.64
CA GLY A 8 -4.82 13.99 -5.78
C GLY A 8 -3.86 15.14 -5.91
N ALA A 9 -2.93 15.00 -6.89
CA ALA A 9 -1.94 16.03 -7.21
C ALA A 9 -2.54 17.40 -7.52
N GLU A 10 -1.83 18.47 -7.12
CA GLU A 10 -2.31 19.84 -7.22
C GLU A 10 -1.26 20.64 -7.96
N VAL A 11 -1.70 21.45 -8.91
CA VAL A 11 -0.93 22.48 -9.45
C VAL A 11 -1.59 23.85 -9.07
N LYS A 12 -0.83 24.75 -8.45
CA LYS A 12 -1.34 26.01 -8.02
C LYS A 12 -0.43 27.17 -8.36
N LYS A 13 -0.99 28.35 -8.63
CA LYS A 13 -0.17 29.51 -8.97
C LYS A 13 0.29 30.16 -7.71
N PRO A 14 1.39 30.93 -7.77
CA PRO A 14 1.85 31.57 -6.56
C PRO A 14 0.79 32.43 -5.91
N GLY A 15 0.73 32.43 -4.59
CA GLY A 15 -0.35 33.13 -3.87
C GLY A 15 -1.64 32.34 -3.63
N ALA A 16 -1.96 31.38 -4.47
CA ALA A 16 -3.14 30.53 -4.28
C ALA A 16 -3.05 29.66 -3.04
N PRO A 17 -4.21 29.20 -2.47
CA PRO A 17 -4.16 28.22 -1.39
C PRO A 17 -4.30 26.80 -1.92
N VAL A 18 -3.92 25.85 -1.11
CA VAL A 18 -4.18 24.40 -1.41
C VAL A 18 -4.82 23.76 -0.19
N LYS A 19 -5.83 22.91 -0.43
CA LYS A 19 -6.49 22.15 0.63
C LYS A 19 -6.39 20.65 0.30
N VAL A 20 -5.64 19.92 1.15
CA VAL A 20 -5.38 18.49 0.96
C VAL A 20 -6.28 17.78 1.97
N SER A 21 -6.92 16.68 1.53
CA SER A 21 -7.78 15.89 2.40
C SER A 21 -7.06 14.54 2.68
N CYS A 22 -7.38 13.94 3.82
CA CYS A 22 -6.74 12.70 4.27
C CYS A 22 -7.80 11.86 4.97
N GLU A 23 -8.37 10.91 4.20
CA GLU A 23 -9.39 10.07 4.71
C GLU A 23 -8.75 8.85 5.34
N THR A 24 -9.31 8.42 6.51
CA THR A 24 -8.68 7.33 7.29
C THR A 24 -9.65 6.16 7.41
N SER A 25 -9.07 4.98 7.60
CA SER A 25 -9.85 3.79 8.00
C SER A 25 -9.00 2.77 8.76
N GLY A 26 -9.68 1.81 9.40
CA GLY A 26 -9.01 0.72 10.10
C GLY A 26 -8.60 0.97 11.55
N TYR A 27 -8.97 2.12 12.09
CA TYR A 27 -8.72 2.46 13.49
C TYR A 27 -9.70 3.52 13.93
N ARG A 28 -9.80 3.75 15.23
CA ARG A 28 -10.72 4.79 15.72
C ARG A 28 -10.06 6.19 15.52
N PHE A 29 -10.64 6.96 14.61
CA PHE A 29 -10.14 8.24 14.20
C PHE A 29 -9.94 9.21 15.38
N SER A 30 -10.88 9.22 16.32
CA SER A 30 -10.87 10.12 17.45
C SER A 30 -9.68 9.95 18.41
N ASP A 31 -9.05 8.77 18.41
CA ASP A 31 -8.08 8.36 19.38
C ASP A 31 -6.64 8.79 19.08
N TYR A 32 -6.34 9.23 17.85
CA TYR A 32 -4.92 9.57 17.43
C TYR A 32 -4.78 10.94 16.85
N PHE A 33 -3.70 11.63 17.23
CA PHE A 33 -3.33 12.91 16.56
C PHE A 33 -3.08 12.59 15.07
N VAL A 34 -3.35 13.57 14.19
CA VAL A 34 -3.04 13.50 12.77
C VAL A 34 -2.02 14.59 12.56
N HIS A 35 -0.87 14.20 12.04
CA HIS A 35 0.24 15.15 11.76
C HIS A 35 0.36 15.37 10.28
N TRP A 36 1.03 16.45 9.90
CA TRP A 36 1.26 16.75 8.51
C TRP A 36 2.78 17.03 8.37
N VAL A 37 3.36 16.38 7.35
CA VAL A 37 4.78 16.46 7.04
C VAL A 37 4.88 16.69 5.56
N ARG A 38 5.86 17.47 5.16
CA ARG A 38 6.18 17.58 3.75
C ARG A 38 7.64 17.29 3.48
N GLN A 39 7.93 17.06 2.22
CA GLN A 39 9.35 17.00 1.78
C GLN A 39 9.39 17.62 0.42
N ALA A 40 10.11 18.77 0.34
CA ALA A 40 10.37 19.47 -0.94
C ALA A 40 11.51 18.76 -1.64
N PRO A 41 11.62 18.89 -2.98
CA PRO A 41 12.85 18.35 -3.61
C PRO A 41 14.11 19.08 -3.17
N GLY A 42 15.21 18.34 -2.94
CA GLY A 42 16.48 18.93 -2.45
C GLY A 42 16.47 19.47 -1.03
N GLN A 43 15.51 18.99 -0.22
CA GLN A 43 15.35 19.35 1.21
C GLN A 43 15.02 18.11 2.05
N GLY A 44 15.38 18.15 3.32
CA GLY A 44 14.93 17.18 4.28
C GLY A 44 13.42 17.30 4.53
N PRO A 45 12.77 16.24 5.05
CA PRO A 45 11.40 16.40 5.53
C PRO A 45 11.20 17.44 6.64
N GLU A 46 9.97 17.96 6.72
CA GLU A 46 9.62 19.07 7.51
C GLU A 46 8.25 18.83 8.13
N TRP A 47 8.19 18.92 9.47
CA TRP A 47 6.89 18.79 10.21
C TRP A 47 6.14 20.10 10.15
N ILE A 48 4.89 20.02 9.72
CA ILE A 48 4.07 21.22 9.50
C ILE A 48 3.24 21.55 10.74
N GLY A 49 2.54 20.51 11.24
CA GLY A 49 1.70 20.69 12.37
C GLY A 49 0.85 19.46 12.60
N ARG A 50 -0.02 19.54 13.60
CA ARG A 50 -0.91 18.45 13.95
C ARG A 50 -2.29 18.95 14.37
N ILE A 51 -3.27 18.06 14.25
CA ILE A 51 -4.57 18.25 14.81
C ILE A 51 -4.90 17.07 15.78
N ARG A 52 -5.68 17.38 16.85
CA ARG A 52 -6.16 16.38 17.78
C ARG A 52 -7.66 16.20 17.47
N PRO A 53 -8.06 15.10 16.84
CA PRO A 53 -9.41 15.02 16.30
C PRO A 53 -10.53 15.13 17.35
N ASN A 54 -10.34 14.56 18.55
CA ASN A 54 -11.36 14.62 19.61
C ASN A 54 -11.72 16.08 19.96
N SER A 55 -10.71 16.91 20.20
CA SER A 55 -10.96 18.35 20.55
C SER A 55 -10.98 19.28 19.36
N GLY A 56 -10.32 18.89 18.29
CA GLY A 56 -10.08 19.80 17.16
C GLY A 56 -8.88 20.73 17.42
N GLY A 57 -8.18 20.55 18.54
CA GLY A 57 -7.04 21.43 18.89
C GLY A 57 -5.87 21.24 17.89
N THR A 58 -5.23 22.36 17.51
CA THR A 58 -4.13 22.33 16.54
C THR A 58 -2.86 22.88 17.14
N LYS A 59 -1.72 22.40 16.61
CA LYS A 59 -0.38 22.96 16.93
C LYS A 59 0.39 23.00 15.60
N TYR A 60 0.94 24.17 15.23
CA TYR A 60 1.67 24.36 13.98
C TYR A 60 3.11 24.75 14.31
N ALA A 61 4.08 24.35 13.48
CA ALA A 61 5.43 24.87 13.53
C ALA A 61 5.43 26.41 13.31
N GLN A 62 6.36 27.08 13.97
CA GLN A 62 6.59 28.52 13.85
C GLN A 62 6.47 29.04 12.44
N LYS A 63 7.19 28.38 11.52
CA LYS A 63 7.22 28.85 10.13
C LYS A 63 5.87 28.78 9.36
N PHE A 64 4.93 27.98 9.80
CA PHE A 64 3.63 27.87 9.13
C PHE A 64 2.52 28.48 9.92
N GLN A 65 2.80 28.94 11.14
CA GLN A 65 1.83 29.75 11.89
C GLN A 65 1.37 31.01 11.11
N GLY A 66 0.06 31.19 10.98
CA GLY A 66 -0.48 32.26 10.18
C GLY A 66 -0.71 31.93 8.72
N ARG A 67 -0.27 30.75 8.24
CA ARG A 67 -0.56 30.35 6.83
C ARG A 67 -1.15 28.96 6.65
N VAL A 68 -1.27 28.19 7.72
CA VAL A 68 -1.82 26.83 7.67
C VAL A 68 -3.04 26.72 8.59
N THR A 69 -4.05 25.98 8.14
CA THR A 69 -5.24 25.71 8.90
C THR A 69 -5.51 24.22 8.76
N MET A 70 -5.49 23.53 9.89
CA MET A 70 -5.83 22.07 9.93
C MET A 70 -7.19 21.92 10.53
N THR A 71 -7.97 21.01 9.98
CA THR A 71 -9.35 20.77 10.46
C THR A 71 -9.59 19.28 10.29
N ARG A 72 -10.74 18.84 10.74
CA ARG A 72 -11.17 17.42 10.54
C ARG A 72 -12.70 17.34 10.53
N ASP A 73 -13.20 16.28 9.92
CA ASP A 73 -14.61 15.99 9.85
C ASP A 73 -14.76 14.63 10.43
N MET A 74 -15.20 14.54 11.71
CA MET A 74 -15.29 13.29 12.43
C MET A 74 -16.22 12.30 11.72
N SER A 75 -17.32 12.79 11.20
CA SER A 75 -18.31 11.92 10.57
C SER A 75 -17.73 11.17 9.35
N MET A 76 -16.74 11.78 8.69
CA MET A 76 -16.08 11.19 7.51
C MET A 76 -14.69 10.59 7.78
N ASN A 77 -14.23 10.62 9.02
CA ASN A 77 -12.91 10.14 9.44
C ASN A 77 -11.78 10.79 8.63
N THR A 78 -11.94 12.07 8.29
CA THR A 78 -11.06 12.76 7.42
C THR A 78 -10.45 13.99 8.12
N ALA A 79 -9.16 14.21 7.91
CA ALA A 79 -8.43 15.42 8.33
C ALA A 79 -8.10 16.22 7.08
N TYR A 80 -7.85 17.55 7.24
CA TYR A 80 -7.59 18.41 6.17
C TYR A 80 -6.50 19.38 6.54
N MET A 81 -5.73 19.77 5.56
CA MET A 81 -4.72 20.83 5.77
C MET A 81 -4.82 21.82 4.65
N GLU A 82 -4.96 23.11 5.00
CA GLU A 82 -5.02 24.14 4.05
C GLU A 82 -3.80 25.05 4.25
N LEU A 83 -3.02 25.21 3.21
CA LEU A 83 -1.86 26.03 3.25
C LEU A 83 -2.10 27.19 2.29
N SER A 84 -1.98 28.41 2.77
CA SER A 84 -2.28 29.62 1.94
C SER A 84 -0.98 30.29 1.55
N GLY A 85 -1.07 31.24 0.62
CA GLY A 85 0.08 32.04 0.22
C GLY A 85 1.20 31.24 -0.45
N LEU A 86 0.86 30.29 -1.29
CA LEU A 86 1.89 29.35 -1.83
C LEU A 86 2.99 30.09 -2.62
N ARG A 87 4.21 29.69 -2.40
CA ARG A 87 5.38 30.13 -3.08
C ARG A 87 6.08 28.90 -3.67
N SER A 88 7.04 29.17 -4.54
CA SER A 88 7.80 28.09 -5.22
C SER A 88 8.36 27.06 -4.21
N ASP A 89 8.92 27.55 -3.13
CA ASP A 89 9.43 26.76 -2.02
C ASP A 89 8.42 25.87 -1.23
N ASP A 90 7.15 26.02 -1.46
CA ASP A 90 6.10 25.12 -1.02
C ASP A 90 5.82 23.95 -1.94
N THR A 91 6.47 23.89 -3.10
CA THR A 91 6.38 22.76 -3.99
C THR A 91 7.01 21.59 -3.22
N ALA A 92 6.20 20.53 -3.04
CA ALA A 92 6.56 19.45 -2.12
C ALA A 92 5.54 18.38 -2.18
N VAL A 93 5.94 17.18 -1.72
CA VAL A 93 4.99 16.11 -1.45
C VAL A 93 4.56 16.29 0.02
N TYR A 94 3.25 16.33 0.25
CA TYR A 94 2.63 16.56 1.57
C TYR A 94 1.99 15.25 2.04
N TYR A 95 2.30 14.87 3.28
CA TYR A 95 1.77 13.69 3.91
C TYR A 95 0.92 13.99 5.14
N CYS A 96 -0.15 13.22 5.28
CA CYS A 96 -0.78 13.11 6.57
C CYS A 96 -0.25 11.84 7.24
N VAL A 97 -0.17 11.86 8.56
CA VAL A 97 0.53 10.86 9.34
C VAL A 97 -0.25 10.62 10.59
N ARG A 98 -0.79 9.40 10.76
CA ARG A 98 -1.37 9.04 12.05
C ARG A 98 -0.30 8.93 13.13
N GLY A 99 -0.63 9.46 14.30
CA GLY A 99 0.24 9.38 15.45
C GLY A 99 0.49 8.01 15.99
N HIS A 100 1.31 8.01 17.03
CA HIS A 100 1.81 6.84 17.70
C HIS A 100 0.98 6.45 18.98
N CYS A 101 0.47 7.45 19.71
CA CYS A 101 -0.05 7.25 21.11
C CYS A 101 -1.51 7.56 21.18
N ASP A 102 -2.31 6.61 21.72
CA ASP A 102 -3.77 6.84 21.89
C ASP A 102 -4.24 7.27 23.32
N GLY A 103 -3.33 7.56 24.23
CA GLY A 103 -3.68 7.78 25.68
C GLY A 103 -3.36 6.63 26.60
N THR A 104 -3.44 5.41 26.06
CA THR A 104 -3.24 4.18 26.81
C THR A 104 -1.96 3.49 26.35
N THR A 105 -1.74 3.36 25.04
CA THR A 105 -0.55 2.70 24.48
C THR A 105 0.11 3.56 23.39
N CYS A 106 1.34 3.21 23.02
CA CYS A 106 2.11 3.87 21.96
C CYS A 106 2.59 2.81 20.97
N SER A 107 2.46 3.12 19.69
CA SER A 107 2.75 2.20 18.59
C SER A 107 3.45 2.95 17.45
N ARG A 108 3.48 2.34 16.26
CA ARG A 108 3.96 2.97 15.03
C ARG A 108 3.02 4.06 14.44
N ALA A 109 3.63 4.88 13.61
CA ALA A 109 2.93 5.80 12.73
C ALA A 109 2.44 5.08 11.50
N TYR A 110 1.45 5.67 10.86
CA TYR A 110 1.01 5.26 9.59
C TYR A 110 0.91 6.49 8.74
N TRP A 111 1.48 6.41 7.52
CA TRP A 111 1.56 7.49 6.53
C TRP A 111 0.57 7.36 5.41
N GLY A 112 -0.03 8.48 5.01
CA GLY A 112 -0.73 8.53 3.74
C GLY A 112 0.23 8.38 2.55
N GLN A 113 -0.33 8.20 1.37
CA GLN A 113 0.45 8.03 0.13
C GLN A 113 1.20 9.26 -0.37
N GLY A 114 0.83 10.44 0.13
CA GLY A 114 1.44 11.70 -0.31
C GLY A 114 0.56 12.38 -1.38
N THR A 115 0.62 13.71 -1.38
CA THR A 115 -0.02 14.57 -2.32
C THR A 115 1.08 15.55 -2.82
N LEU A 116 1.39 15.49 -4.12
CA LEU A 116 2.30 16.40 -4.77
C LEU A 116 1.57 17.71 -4.97
N VAL A 117 2.19 18.79 -4.50
CA VAL A 117 1.66 20.17 -4.76
C VAL A 117 2.78 20.91 -5.47
N THR A 118 2.50 21.31 -6.70
CA THR A 118 3.44 22.04 -7.53
C THR A 118 2.99 23.51 -7.66
N VAL A 119 3.87 24.43 -7.30
CA VAL A 119 3.61 25.84 -7.36
C VAL A 119 4.24 26.40 -8.60
N SER A 120 3.41 26.82 -9.55
CA SER A 120 3.89 27.25 -10.89
C SER A 120 2.80 28.03 -11.61
N SER A 121 3.19 29.04 -12.38
N SER A 121 3.19 29.05 -12.37
CA SER A 121 2.25 29.77 -13.23
CA SER A 121 2.25 29.79 -13.22
C SER A 121 2.06 29.16 -14.62
C SER A 121 2.06 29.15 -14.62
N ALA A 122 2.72 28.05 -14.92
CA ALA A 122 2.71 27.49 -16.26
C ALA A 122 1.35 26.90 -16.58
N SER A 123 0.99 26.97 -17.86
CA SER A 123 -0.20 26.29 -18.39
C SER A 123 0.16 24.94 -19.02
N THR A 124 -0.81 24.06 -19.11
CA THR A 124 -0.68 22.80 -19.82
C THR A 124 -0.14 22.96 -21.20
N LYS A 125 0.90 22.21 -21.55
CA LYS A 125 1.47 22.19 -22.92
C LYS A 125 2.07 20.81 -23.22
N GLY A 126 1.92 20.36 -24.45
CA GLY A 126 2.43 19.10 -24.90
C GLY A 126 3.81 19.24 -25.37
N PRO A 127 4.63 18.19 -25.23
CA PRO A 127 6.03 18.31 -25.68
C PRO A 127 6.19 18.29 -27.24
N SER A 128 7.27 18.89 -27.75
CA SER A 128 7.84 18.54 -29.02
C SER A 128 8.85 17.40 -28.76
N VAL A 129 8.90 16.42 -29.67
CA VAL A 129 9.77 15.26 -29.57
C VAL A 129 10.74 15.29 -30.77
N PHE A 130 12.01 15.36 -30.47
CA PHE A 130 13.08 15.49 -31.41
C PHE A 130 14.00 14.26 -31.34
N PRO A 131 14.57 13.83 -32.47
CA PRO A 131 15.51 12.67 -32.44
C PRO A 131 16.90 13.01 -31.90
N LEU A 132 17.46 12.03 -31.19
CA LEU A 132 18.91 12.05 -30.85
C LEU A 132 19.50 10.93 -31.71
N ALA A 133 20.08 11.31 -32.85
CA ALA A 133 20.40 10.39 -33.90
C ALA A 133 21.71 9.71 -33.60
N PRO A 134 21.79 8.39 -33.87
CA PRO A 134 23.04 7.72 -33.70
C PRO A 134 24.14 8.24 -34.62
N SER A 135 25.35 8.33 -34.07
CA SER A 135 26.57 8.85 -34.78
C SER A 135 27.07 7.84 -35.85
N SER A 136 27.84 8.36 -36.80
CA SER A 136 28.59 7.59 -37.80
C SER A 136 29.74 6.73 -37.24
N GLY A 142 30.39 -2.78 -32.52
CA GLY A 142 30.34 -2.19 -31.16
C GLY A 142 28.93 -1.80 -30.64
N THR A 143 28.91 -0.73 -29.83
CA THR A 143 27.72 -0.24 -29.19
C THR A 143 27.43 1.19 -29.65
N ALA A 144 26.19 1.40 -30.09
CA ALA A 144 25.72 2.79 -30.47
C ALA A 144 24.64 3.26 -29.56
N ALA A 145 24.55 4.58 -29.41
CA ALA A 145 23.47 5.21 -28.59
C ALA A 145 22.56 6.06 -29.51
N LEU A 146 21.28 6.00 -29.20
CA LEU A 146 20.30 6.90 -29.79
C LEU A 146 19.18 7.24 -28.80
N GLY A 147 18.37 8.21 -29.15
CA GLY A 147 17.29 8.60 -28.28
C GLY A 147 16.29 9.56 -28.79
N CYS A 148 15.44 10.07 -27.87
CA CYS A 148 14.45 11.13 -28.09
C CYS A 148 14.57 12.19 -27.00
N LEU A 149 14.57 13.47 -27.40
CA LEU A 149 14.46 14.58 -26.56
C LEU A 149 13.02 15.03 -26.56
N VAL A 150 12.41 15.01 -25.38
CA VAL A 150 11.07 15.37 -25.14
C VAL A 150 11.05 16.71 -24.45
N LYS A 151 10.71 17.76 -25.19
CA LYS A 151 11.04 19.10 -24.82
C LYS A 151 9.79 19.98 -24.62
N ASP A 152 9.80 20.81 -23.57
CA ASP A 152 8.81 21.93 -23.39
C ASP A 152 7.41 21.43 -23.15
N TYR A 153 7.23 20.67 -22.07
CA TYR A 153 5.94 20.24 -21.64
C TYR A 153 5.60 20.65 -20.18
N PHE A 154 4.33 20.60 -19.86
CA PHE A 154 3.81 20.88 -18.54
C PHE A 154 2.39 20.32 -18.39
N PRO A 155 2.06 19.71 -17.26
CA PRO A 155 2.85 19.34 -16.09
C PRO A 155 3.51 18.00 -16.29
N GLU A 156 4.26 17.52 -15.28
CA GLU A 156 4.70 16.11 -15.28
C GLU A 156 3.49 15.18 -15.12
N PRO A 157 3.56 13.93 -15.60
CA PRO A 157 4.67 13.26 -16.21
C PRO A 157 4.49 13.03 -17.69
N VAL A 158 5.60 12.78 -18.39
CA VAL A 158 5.63 12.04 -19.67
C VAL A 158 6.05 10.53 -19.47
N THR A 159 5.58 9.66 -20.35
CA THR A 159 6.03 8.30 -20.44
C THR A 159 6.65 8.06 -21.82
N VAL A 160 7.70 7.24 -21.86
CA VAL A 160 8.41 6.94 -23.03
C VAL A 160 8.60 5.42 -23.10
N SER A 161 8.28 4.84 -24.24
CA SER A 161 8.66 3.43 -24.55
C SER A 161 9.35 3.40 -25.86
N TRP A 162 9.93 2.26 -26.19
CA TRP A 162 10.70 2.10 -27.45
C TRP A 162 10.16 0.92 -28.18
N ASN A 163 9.81 1.17 -29.44
CA ASN A 163 9.25 0.16 -30.35
C ASN A 163 8.01 -0.50 -29.76
N SER A 164 7.16 0.34 -29.21
CA SER A 164 5.88 -0.03 -28.60
C SER A 164 6.04 -1.01 -27.46
N GLY A 165 7.07 -0.81 -26.64
CA GLY A 165 7.36 -1.71 -25.53
C GLY A 165 8.22 -2.94 -25.78
N ALA A 166 8.55 -3.20 -27.05
CA ALA A 166 9.38 -4.37 -27.41
C ALA A 166 10.87 -4.16 -27.06
N LEU A 167 11.37 -2.90 -27.08
CA LEU A 167 12.74 -2.60 -26.72
C LEU A 167 12.79 -2.06 -25.30
N THR A 168 13.35 -2.83 -24.37
CA THR A 168 13.49 -2.42 -22.97
C THR A 168 14.91 -2.44 -22.45
N SER A 169 15.72 -3.41 -22.92
CA SER A 169 17.10 -3.55 -22.52
C SER A 169 17.91 -2.34 -23.03
N GLY A 170 18.77 -1.80 -22.16
CA GLY A 170 19.59 -0.62 -22.52
C GLY A 170 18.90 0.74 -22.52
N VAL A 171 17.61 0.79 -22.21
CA VAL A 171 16.83 2.03 -22.15
C VAL A 171 17.08 2.78 -20.81
N HIS A 172 17.42 4.07 -20.94
CA HIS A 172 17.46 4.96 -19.82
C HIS A 172 16.59 6.17 -20.17
N THR A 173 15.54 6.34 -19.38
CA THR A 173 14.65 7.51 -19.46
C THR A 173 14.91 8.39 -18.19
N PHE A 174 15.45 9.57 -18.43
CA PHE A 174 16.03 10.40 -17.40
C PHE A 174 14.97 11.18 -16.65
N PRO A 175 15.27 11.57 -15.41
CA PRO A 175 14.35 12.53 -14.76
C PRO A 175 14.26 13.81 -15.56
N ALA A 176 13.08 14.37 -15.59
CA ALA A 176 12.90 15.68 -16.24
C ALA A 176 13.68 16.74 -15.53
N VAL A 177 14.07 17.78 -16.27
CA VAL A 177 14.61 19.02 -15.66
C VAL A 177 13.58 20.16 -15.89
N LEU A 178 13.45 21.06 -14.93
CA LEU A 178 12.62 22.26 -15.08
C LEU A 178 13.45 23.37 -15.67
N GLN A 179 13.06 23.86 -16.87
CA GLN A 179 13.72 24.97 -17.48
C GLN A 179 13.21 26.30 -16.88
N SER A 180 13.95 27.36 -17.11
CA SER A 180 13.61 28.68 -16.59
C SER A 180 12.34 29.26 -17.22
N SER A 181 11.91 28.73 -18.36
CA SER A 181 10.59 28.98 -18.92
C SER A 181 9.42 28.41 -18.12
N GLY A 182 9.69 27.55 -17.13
CA GLY A 182 8.62 26.87 -16.32
C GLY A 182 8.14 25.56 -17.02
N LEU A 183 8.78 25.18 -18.13
CA LEU A 183 8.44 23.92 -18.83
C LEU A 183 9.51 22.89 -18.56
N TYR A 184 9.09 21.63 -18.59
CA TYR A 184 9.96 20.50 -18.39
C TYR A 184 10.55 19.99 -19.76
N SER A 185 11.70 19.37 -19.67
CA SER A 185 12.37 18.68 -20.72
C SER A 185 12.97 17.35 -20.17
N LEU A 186 12.89 16.29 -20.99
CA LEU A 186 13.51 15.03 -20.62
C LEU A 186 14.09 14.33 -21.85
N SER A 187 15.02 13.41 -21.63
CA SER A 187 15.59 12.64 -22.70
C SER A 187 15.38 11.21 -22.33
N SER A 188 15.14 10.40 -23.37
CA SER A 188 15.16 8.93 -23.25
C SER A 188 16.17 8.42 -24.30
N VAL A 189 17.08 7.56 -23.84
CA VAL A 189 18.14 7.00 -24.67
C VAL A 189 18.09 5.51 -24.60
N VAL A 190 18.70 4.88 -25.59
CA VAL A 190 18.86 3.44 -25.59
C VAL A 190 20.24 3.12 -26.26
N THR A 191 20.96 2.16 -25.71
CA THR A 191 22.20 1.68 -26.33
C THR A 191 21.81 0.37 -27.06
N VAL A 192 22.31 0.23 -28.30
CA VAL A 192 21.99 -0.88 -29.18
C VAL A 192 23.28 -1.29 -29.94
N PRO A 193 23.28 -2.47 -30.57
CA PRO A 193 24.40 -2.84 -31.37
C PRO A 193 24.57 -1.91 -32.61
N SER A 194 25.76 -1.34 -32.77
CA SER A 194 26.16 -0.67 -34.03
C SER A 194 25.73 -1.42 -35.32
N SER A 195 25.81 -2.76 -35.23
CA SER A 195 25.46 -3.62 -36.36
C SER A 195 23.99 -3.49 -36.86
N SER A 196 23.08 -3.08 -35.96
CA SER A 196 21.62 -3.00 -36.24
C SER A 196 21.22 -1.66 -36.94
N LEU A 197 22.11 -0.65 -36.99
CA LEU A 197 21.67 0.70 -37.40
C LEU A 197 21.17 0.86 -38.83
N GLY A 198 21.65 0.03 -39.76
CA GLY A 198 21.15 0.06 -41.12
C GLY A 198 19.78 -0.62 -41.30
N THR A 199 19.46 -1.57 -40.44
CA THR A 199 18.35 -2.48 -40.65
C THR A 199 17.20 -2.36 -39.61
N GLN A 200 17.54 -2.24 -38.33
CA GLN A 200 16.49 -2.17 -37.24
C GLN A 200 15.85 -0.79 -37.17
N THR A 201 14.53 -0.71 -37.25
CA THR A 201 13.78 0.51 -36.98
C THR A 201 13.69 0.79 -35.45
N TYR A 202 14.01 2.01 -35.09
CA TYR A 202 13.87 2.53 -33.71
C TYR A 202 12.88 3.71 -33.61
N ILE A 203 11.85 3.52 -32.80
CA ILE A 203 10.76 4.48 -32.63
C ILE A 203 10.60 4.67 -31.12
N CYS A 204 10.72 5.88 -30.65
CA CYS A 204 10.27 6.21 -29.28
C CYS A 204 8.79 6.60 -29.28
N ASN A 205 8.04 6.05 -28.34
CA ASN A 205 6.58 6.31 -28.18
C ASN A 205 6.39 7.19 -26.92
N VAL A 206 6.03 8.43 -27.13
CA VAL A 206 5.94 9.43 -26.10
C VAL A 206 4.46 9.73 -25.83
N ASN A 207 4.10 9.73 -24.57
CA ASN A 207 2.77 10.09 -24.13
C ASN A 207 2.82 11.14 -23.06
N HIS A 208 1.96 12.14 -23.21
CA HIS A 208 1.73 13.16 -22.23
C HIS A 208 0.20 13.36 -22.10
N LYS A 209 -0.38 12.71 -21.11
CA LYS A 209 -1.84 12.64 -20.93
C LYS A 209 -2.51 14.00 -20.78
N PRO A 210 -1.95 14.95 -19.99
CA PRO A 210 -2.65 16.27 -19.79
C PRO A 210 -2.93 17.05 -21.04
N SER A 211 -2.07 16.92 -22.05
CA SER A 211 -2.23 17.60 -23.34
C SER A 211 -2.73 16.67 -24.48
N ASN A 212 -3.14 15.45 -24.13
CA ASN A 212 -3.52 14.41 -25.13
C ASN A 212 -2.51 14.24 -26.25
N THR A 213 -1.21 14.25 -25.91
CA THR A 213 -0.13 14.08 -26.83
C THR A 213 0.32 12.64 -26.88
N LYS A 214 0.34 12.08 -28.10
CA LYS A 214 0.84 10.74 -28.38
C LYS A 214 1.71 10.86 -29.62
N VAL A 215 3.02 10.75 -29.44
CA VAL A 215 3.96 10.88 -30.53
C VAL A 215 4.79 9.62 -30.72
N ASP A 216 4.89 9.15 -31.95
CA ASP A 216 5.79 8.06 -32.33
C ASP A 216 6.85 8.65 -33.26
N LYS A 217 8.08 8.83 -32.75
CA LYS A 217 9.16 9.50 -33.53
C LYS A 217 10.17 8.45 -33.94
N ARG A 218 10.37 8.27 -35.25
CA ARG A 218 11.42 7.41 -35.76
C ARG A 218 12.77 8.05 -35.55
N VAL A 219 13.72 7.26 -35.00
CA VAL A 219 15.08 7.73 -34.83
C VAL A 219 16.06 6.91 -35.77
N GLU A 220 16.68 7.59 -36.71
CA GLU A 220 17.51 6.96 -37.74
C GLU A 220 18.80 7.72 -37.94
N PRO A 221 19.86 7.08 -38.47
CA PRO A 221 21.11 7.85 -38.74
C PRO A 221 20.88 9.04 -39.61
N LYS A 222 21.67 10.10 -39.44
CA LYS A 222 21.57 11.27 -40.32
C LYS A 222 22.29 11.00 -41.67
N ASP B 1 14.11 22.93 19.53
CA ASP B 1 13.80 21.65 18.85
C ASP B 1 14.87 20.61 19.15
N VAL B 2 14.46 19.32 19.11
CA VAL B 2 15.41 18.23 19.26
C VAL B 2 16.19 18.12 17.92
N VAL B 3 17.52 18.06 18.01
CA VAL B 3 18.39 18.02 16.84
C VAL B 3 18.83 16.58 16.69
N MET B 4 18.67 16.01 15.48
CA MET B 4 19.11 14.65 15.14
C MET B 4 20.32 14.77 14.23
N THR B 5 21.38 14.01 14.55
CA THR B 5 22.57 14.00 13.74
C THR B 5 22.74 12.61 13.25
N GLN B 6 22.75 12.45 11.92
CA GLN B 6 22.88 11.18 11.23
C GLN B 6 24.16 10.98 10.46
N SER B 7 24.72 9.78 10.53
CA SER B 7 25.98 9.43 9.87
C SER B 7 25.95 7.95 9.44
N PRO B 8 26.62 7.59 8.33
CA PRO B 8 27.22 8.48 7.35
C PRO B 8 26.12 9.04 6.42
N LEU B 9 26.48 10.01 5.61
CA LEU B 9 25.60 10.59 4.58
C LEU B 9 25.50 9.72 3.33
N SER B 10 26.57 9.00 3.05
CA SER B 10 26.68 8.13 1.88
C SER B 10 27.20 6.79 2.32
N LEU B 11 26.50 5.70 1.96
CA LEU B 11 26.84 4.38 2.32
C LEU B 11 26.73 3.38 1.16
N PRO B 12 27.79 3.29 0.30
CA PRO B 12 27.89 2.22 -0.73
C PRO B 12 28.22 0.91 -0.04
N VAL B 13 27.44 -0.18 -0.33
CA VAL B 13 27.58 -1.44 0.27
C VAL B 13 27.73 -2.55 -0.82
N THR B 14 28.77 -3.37 -0.71
CA THR B 14 28.98 -4.55 -1.54
C THR B 14 27.86 -5.54 -1.26
N PRO B 15 27.23 -6.12 -2.32
CA PRO B 15 26.19 -7.11 -2.10
C PRO B 15 26.56 -8.23 -1.09
N GLY B 16 25.60 -8.53 -0.22
CA GLY B 16 25.75 -9.48 0.90
C GLY B 16 26.42 -8.96 2.18
N GLU B 17 27.10 -7.80 2.12
CA GLU B 17 27.79 -7.21 3.29
C GLU B 17 26.83 -6.36 4.15
N PRO B 18 27.14 -6.15 5.43
CA PRO B 18 26.16 -5.40 6.29
C PRO B 18 26.30 -3.91 6.18
N ALA B 19 25.30 -3.22 6.73
CA ALA B 19 25.31 -1.75 6.79
C ALA B 19 24.82 -1.33 8.14
N SER B 20 25.41 -0.24 8.64
CA SER B 20 25.03 0.34 9.91
C SER B 20 24.90 1.88 9.70
N ILE B 21 23.81 2.42 10.21
CA ILE B 21 23.50 3.81 10.19
C ILE B 21 23.32 4.29 11.58
N SER B 22 24.04 5.37 11.94
CA SER B 22 24.00 5.94 13.27
C SER B 22 23.16 7.23 13.28
N CYS B 23 22.53 7.46 14.40
CA CYS B 23 21.78 8.62 14.65
C CYS B 23 21.95 8.97 16.13
N ARG B 24 22.25 10.24 16.40
CA ARG B 24 22.30 10.74 17.73
C ARG B 24 21.35 11.94 17.98
N SER B 25 20.73 11.97 19.18
CA SER B 25 19.78 13.01 19.49
C SER B 25 20.44 14.00 20.47
N SER B 26 20.07 15.28 20.33
CA SER B 26 20.58 16.32 21.20
C SER B 26 20.12 16.19 22.67
N GLN B 27 19.02 15.47 22.89
CA GLN B 27 18.57 15.11 24.23
C GLN B 27 17.97 13.68 24.20
N SER B 28 17.78 13.10 25.36
CA SER B 28 17.33 11.70 25.44
C SER B 28 15.95 11.59 24.87
N LEU B 29 15.73 10.52 24.09
CA LEU B 29 14.42 10.20 23.56
C LEU B 29 13.78 9.08 24.31
N LEU B 30 14.44 8.61 25.37
CA LEU B 30 13.85 7.70 26.36
C LEU B 30 13.01 8.51 27.29
N HIS B 31 11.71 8.40 27.10
CA HIS B 31 10.73 9.01 28.03
C HIS B 31 10.70 8.22 29.34
N ARG B 32 10.33 8.89 30.44
CA ARG B 32 10.21 8.21 31.75
C ARG B 32 9.19 7.04 31.81
N SER B 33 8.22 7.03 30.91
CA SER B 33 7.34 5.86 30.68
C SER B 33 8.04 4.60 30.14
N GLY B 34 9.29 4.72 29.68
CA GLY B 34 10.03 3.58 29.09
C GLY B 34 10.05 3.50 27.57
N HIS B 35 9.19 4.27 26.89
CA HIS B 35 9.20 4.34 25.42
C HIS B 35 10.38 5.18 24.87
N LYS B 36 11.03 4.69 23.81
CA LYS B 36 12.12 5.41 23.11
C LYS B 36 11.50 5.98 21.80
N TYR B 37 11.31 7.31 21.71
CA TYR B 37 10.60 7.89 20.61
C TYR B 37 11.47 8.20 19.39
N LEU B 38 12.13 7.17 18.85
CA LEU B 38 13.02 7.23 17.72
C LEU B 38 12.60 6.19 16.72
N HIS B 39 12.50 6.58 15.45
CA HIS B 39 12.02 5.72 14.37
C HIS B 39 12.92 5.80 13.18
N TRP B 40 12.99 4.73 12.40
CA TRP B 40 13.75 4.65 11.15
C TRP B 40 12.92 4.34 9.95
N TYR B 41 13.11 5.09 8.88
N TYR B 41 13.17 5.05 8.85
CA TYR B 41 12.35 4.90 7.66
CA TYR B 41 12.37 5.05 7.65
C TYR B 41 13.16 4.94 6.42
C TYR B 41 13.20 4.91 6.43
N LEU B 42 12.62 4.32 5.38
CA LEU B 42 13.28 4.22 4.09
C LEU B 42 12.40 5.02 3.11
N GLN B 43 13.05 5.92 2.36
CA GLN B 43 12.45 6.74 1.29
C GLN B 43 12.98 6.28 -0.03
N ARG B 44 12.10 5.73 -0.82
CA ARG B 44 12.38 5.47 -2.28
C ARG B 44 11.62 6.52 -3.14
N PRO B 45 12.09 6.75 -4.39
CA PRO B 45 11.42 7.74 -5.26
C PRO B 45 9.92 7.48 -5.55
N GLY B 46 9.11 8.54 -5.44
CA GLY B 46 7.69 8.51 -5.80
C GLY B 46 6.78 7.71 -4.90
N GLN B 47 7.23 7.40 -3.68
CA GLN B 47 6.34 6.77 -2.68
C GLN B 47 6.61 7.23 -1.24
N SER B 48 5.64 6.96 -0.38
CA SER B 48 5.63 7.34 0.99
C SER B 48 6.89 6.80 1.70
N PRO B 49 7.39 7.50 2.73
CA PRO B 49 8.25 6.87 3.77
C PRO B 49 7.69 5.56 4.24
N GLN B 50 8.56 4.56 4.29
CA GLN B 50 8.23 3.21 4.76
C GLN B 50 8.87 3.07 6.14
N VAL B 51 8.05 2.91 7.17
CA VAL B 51 8.54 2.67 8.52
C VAL B 51 9.30 1.33 8.51
N LEU B 52 10.51 1.32 9.01
CA LEU B 52 11.35 0.14 9.20
C LEU B 52 11.35 -0.30 10.60
N ILE B 53 11.77 0.60 11.48
CA ILE B 53 11.90 0.33 12.93
C ILE B 53 11.20 1.47 13.67
N TYR B 54 10.37 1.11 14.60
CA TYR B 54 9.61 2.11 15.46
C TYR B 54 9.82 1.89 16.91
N LEU B 55 9.71 2.99 17.64
CA LEU B 55 9.98 3.11 19.04
C LEU B 55 11.30 2.46 19.44
N GLY B 56 12.33 2.78 18.66
CA GLY B 56 13.71 2.42 18.96
C GLY B 56 14.15 1.07 18.37
N SER B 57 13.32 0.03 18.55
CA SER B 57 13.75 -1.33 18.20
C SER B 57 12.67 -2.25 17.63
N ASN B 58 11.41 -1.80 17.51
CA ASN B 58 10.33 -2.71 17.00
C ASN B 58 10.31 -2.75 15.50
N ARG B 59 10.34 -3.94 14.93
CA ARG B 59 10.29 -4.10 13.47
C ARG B 59 8.84 -3.97 13.02
N ALA B 60 8.57 -3.18 11.97
CA ALA B 60 7.26 -3.06 11.43
C ALA B 60 6.88 -4.28 10.62
N SER B 61 5.56 -4.52 10.51
CA SER B 61 5.03 -5.65 9.78
C SER B 61 5.45 -5.64 8.32
N GLY B 62 5.89 -6.79 7.82
CA GLY B 62 6.43 -6.92 6.49
C GLY B 62 7.84 -6.45 6.21
N VAL B 63 8.54 -5.94 7.21
CA VAL B 63 9.92 -5.48 7.03
C VAL B 63 10.79 -6.74 7.19
N PRO B 64 11.71 -6.99 6.25
CA PRO B 64 12.61 -8.17 6.42
C PRO B 64 13.34 -8.24 7.75
N ASP B 65 13.59 -9.47 8.24
CA ASP B 65 14.33 -9.72 9.49
C ASP B 65 15.79 -9.19 9.47
N ARG B 66 16.36 -8.97 8.30
CA ARG B 66 17.70 -8.37 8.16
C ARG B 66 17.82 -6.90 8.66
N PHE B 67 16.70 -6.20 8.81
CA PHE B 67 16.64 -4.91 9.48
C PHE B 67 16.46 -5.08 10.97
N SER B 68 17.26 -4.35 11.76
CA SER B 68 16.99 -4.19 13.20
C SER B 68 17.50 -2.83 13.66
N GLY B 69 16.99 -2.39 14.79
CA GLY B 69 17.34 -1.12 15.41
C GLY B 69 17.63 -1.34 16.90
N SER B 70 18.62 -0.62 17.41
CA SER B 70 18.80 -0.52 18.85
C SER B 70 19.28 0.88 19.22
N GLY B 71 19.45 1.10 20.49
CA GLY B 71 20.09 2.32 20.99
C GLY B 71 19.79 2.57 22.47
N SER B 72 20.57 3.50 23.03
CA SER B 72 20.33 4.15 24.29
C SER B 72 19.20 5.21 24.15
N GLY B 73 19.13 6.17 25.06
CA GLY B 73 18.25 7.29 24.84
C GLY B 73 18.79 8.32 23.82
N THR B 74 20.10 8.34 23.58
CA THR B 74 20.71 9.34 22.74
C THR B 74 21.40 8.85 21.51
N ASP B 75 21.79 7.57 21.46
CA ASP B 75 22.58 7.08 20.35
C ASP B 75 21.92 5.80 19.85
N PHE B 76 21.66 5.78 18.55
CA PHE B 76 20.83 4.73 17.91
C PHE B 76 21.51 4.25 16.69
N THR B 77 21.22 2.97 16.35
CA THR B 77 21.85 2.30 15.23
C THR B 77 20.79 1.49 14.48
N LEU B 78 20.67 1.74 13.16
CA LEU B 78 19.91 0.90 12.24
C LEU B 78 20.95 -0.06 11.63
N LYS B 79 20.68 -1.36 11.72
CA LYS B 79 21.55 -2.37 11.16
C LYS B 79 20.79 -3.10 10.09
N ILE B 80 21.45 -3.25 8.93
CA ILE B 80 20.96 -4.10 7.86
C ILE B 80 22.04 -5.16 7.67
N SER B 81 21.69 -6.44 7.91
CA SER B 81 22.67 -7.53 7.92
C SER B 81 23.24 -7.87 6.52
N ARG B 82 22.44 -7.75 5.50
CA ARG B 82 22.90 -7.82 4.09
C ARG B 82 22.07 -6.77 3.34
N VAL B 83 22.64 -6.24 2.28
CA VAL B 83 22.06 -5.15 1.52
C VAL B 83 21.79 -5.64 0.10
N GLU B 84 20.51 -5.67 -0.27
CA GLU B 84 20.07 -6.03 -1.63
C GLU B 84 19.88 -4.73 -2.39
N ALA B 85 19.64 -4.88 -3.69
CA ALA B 85 19.17 -3.83 -4.56
C ALA B 85 17.86 -3.19 -4.12
N GLU B 86 16.98 -4.00 -3.52
CA GLU B 86 15.73 -3.56 -2.99
C GLU B 86 15.90 -2.58 -1.82
N ASP B 87 17.03 -2.68 -1.15
CA ASP B 87 17.35 -1.81 0.00
C ASP B 87 17.92 -0.43 -0.36
N VAL B 88 18.20 -0.20 -1.62
CA VAL B 88 18.82 1.03 -2.09
C VAL B 88 17.81 2.15 -1.93
N GLY B 89 18.28 3.27 -1.39
CA GLY B 89 17.42 4.44 -1.15
C GLY B 89 17.95 5.30 -0.02
N LEU B 90 17.07 6.17 0.50
CA LEU B 90 17.45 7.21 1.42
C LEU B 90 16.82 6.84 2.77
N TYR B 91 17.66 6.67 3.79
CA TYR B 91 17.26 6.24 5.11
C TYR B 91 17.28 7.46 6.04
N TYR B 92 16.23 7.65 6.85
CA TYR B 92 16.18 8.71 7.83
C TYR B 92 15.85 8.17 9.19
N CYS B 93 16.48 8.71 10.22
CA CYS B 93 15.98 8.61 11.62
C CYS B 93 15.05 9.80 11.85
N MET B 94 14.09 9.67 12.78
CA MET B 94 13.17 10.77 13.19
C MET B 94 12.77 10.58 14.64
N GLN B 95 12.65 11.69 15.35
CA GLN B 95 12.20 11.68 16.75
C GLN B 95 10.79 12.23 16.77
N THR B 96 10.00 11.69 17.69
CA THR B 96 8.67 12.14 17.97
C THR B 96 8.38 12.29 19.49
N LEU B 97 9.41 12.38 20.29
CA LEU B 97 9.29 12.73 21.67
C LEU B 97 8.52 14.09 21.79
N GLN B 98 8.94 15.07 21.01
CA GLN B 98 8.35 16.43 21.01
C GLN B 98 8.02 16.81 19.59
N THR B 99 7.04 17.72 19.44
CA THR B 99 6.87 18.44 18.18
C THR B 99 7.67 19.76 18.28
N PRO B 100 8.23 20.25 17.18
CA PRO B 100 8.18 19.62 15.83
C PRO B 100 8.91 18.33 15.80
N TRP B 101 8.38 17.36 15.05
CA TRP B 101 9.13 16.15 14.71
C TRP B 101 10.37 16.59 13.92
N THR B 102 11.52 16.00 14.24
CA THR B 102 12.79 16.32 13.55
C THR B 102 13.45 15.10 13.00
N PHE B 103 14.26 15.31 11.98
CA PHE B 103 14.78 14.23 11.15
C PHE B 103 16.27 14.33 11.06
N GLY B 104 16.94 13.17 10.98
CA GLY B 104 18.36 13.17 10.66
C GLY B 104 18.59 13.62 9.22
N GLN B 105 19.84 13.87 8.89
CA GLN B 105 20.24 14.28 7.55
C GLN B 105 19.99 13.32 6.41
N GLY B 106 19.89 12.03 6.72
CA GLY B 106 19.59 11.05 5.75
C GLY B 106 20.87 10.38 5.31
N THR B 107 20.75 9.09 5.03
CA THR B 107 21.88 8.28 4.49
C THR B 107 21.41 7.71 3.14
N LYS B 108 22.20 7.92 2.12
CA LYS B 108 22.00 7.37 0.79
C LYS B 108 22.70 6.05 0.68
N VAL B 109 21.92 4.97 0.78
CA VAL B 109 22.48 3.62 0.61
C VAL B 109 22.42 3.28 -0.90
N GLU B 110 23.54 2.82 -1.44
CA GLU B 110 23.61 2.30 -2.82
C GLU B 110 24.43 0.99 -2.81
N ILE B 111 24.35 0.27 -3.94
CA ILE B 111 25.18 -0.94 -4.15
C ILE B 111 26.51 -0.47 -4.61
N LYS B 112 27.55 -1.00 -3.98
CA LYS B 112 28.91 -0.79 -4.38
C LYS B 112 29.25 -1.86 -5.38
N ARG B 113 29.95 -1.47 -6.42
CA ARG B 113 30.52 -2.39 -7.43
C ARG B 113 31.87 -1.86 -7.88
N THR B 114 32.55 -2.58 -8.79
CA THR B 114 33.82 -2.12 -9.37
C THR B 114 33.64 -0.87 -10.20
N VAL B 115 34.63 -0.01 -10.20
CA VAL B 115 34.62 1.22 -10.92
C VAL B 115 34.38 0.91 -12.41
N ALA B 116 33.46 1.65 -13.02
CA ALA B 116 33.13 1.51 -14.44
C ALA B 116 33.13 2.91 -15.06
N ALA B 117 33.95 3.08 -16.10
CA ALA B 117 33.98 4.34 -16.85
C ALA B 117 32.72 4.55 -17.69
N PRO B 118 32.31 5.83 -17.87
CA PRO B 118 31.13 6.05 -18.73
C PRO B 118 31.48 5.84 -20.21
N SER B 119 30.56 5.30 -20.97
CA SER B 119 30.55 5.49 -22.44
C SER B 119 29.88 6.82 -22.71
N VAL B 120 30.56 7.68 -23.50
CA VAL B 120 30.14 9.00 -23.78
C VAL B 120 29.67 9.12 -25.20
N PHE B 121 28.55 9.83 -25.39
CA PHE B 121 27.97 10.11 -26.69
C PHE B 121 27.50 11.52 -26.76
N ILE B 122 27.81 12.22 -27.84
CA ILE B 122 27.28 13.61 -28.11
C ILE B 122 26.25 13.59 -29.25
N PHE B 123 25.18 14.35 -29.09
CA PHE B 123 24.09 14.44 -30.07
C PHE B 123 23.90 15.92 -30.47
N PRO B 124 23.95 16.20 -31.77
CA PRO B 124 23.66 17.59 -32.23
C PRO B 124 22.18 17.83 -32.24
N PRO B 125 21.75 19.11 -32.32
CA PRO B 125 20.32 19.38 -32.53
C PRO B 125 19.79 18.89 -33.81
N SER B 126 18.55 18.44 -33.84
CA SER B 126 17.89 18.01 -35.07
C SER B 126 17.53 19.22 -35.93
N ASP B 127 17.41 19.02 -37.23
CA ASP B 127 16.95 20.04 -38.14
C ASP B 127 15.56 20.54 -37.77
N GLU B 128 14.66 19.61 -37.39
CA GLU B 128 13.30 19.95 -36.99
C GLU B 128 13.29 21.01 -35.85
N GLN B 129 14.15 20.80 -34.84
CA GLN B 129 14.21 21.72 -33.71
C GLN B 129 14.78 23.07 -34.15
N LEU B 130 15.87 23.07 -34.92
CA LEU B 130 16.42 24.29 -35.44
C LEU B 130 15.40 25.22 -36.15
N LYS B 131 14.47 24.61 -36.90
CA LYS B 131 13.35 25.35 -37.49
C LYS B 131 12.51 26.16 -36.46
N SER B 132 12.38 25.67 -35.24
CA SER B 132 11.65 26.33 -34.16
C SER B 132 12.37 27.51 -33.47
N GLY B 133 13.67 27.61 -33.66
CA GLY B 133 14.46 28.73 -33.11
C GLY B 133 15.34 28.43 -31.90
N THR B 134 15.53 27.13 -31.58
CA THR B 134 16.35 26.72 -30.47
C THR B 134 17.16 25.51 -30.82
N ALA B 135 18.32 25.38 -30.18
CA ALA B 135 19.25 24.25 -30.38
C ALA B 135 19.55 23.62 -29.01
N SER B 136 19.26 22.33 -28.89
CA SER B 136 19.62 21.51 -27.73
C SER B 136 20.70 20.56 -28.20
N VAL B 137 21.81 20.58 -27.51
CA VAL B 137 22.90 19.63 -27.68
C VAL B 137 22.94 18.77 -26.43
N VAL B 138 22.97 17.46 -26.62
CA VAL B 138 22.82 16.50 -25.54
C VAL B 138 24.09 15.65 -25.45
N CYS B 139 24.61 15.51 -24.23
CA CYS B 139 25.70 14.60 -23.93
C CYS B 139 25.23 13.50 -23.02
N LEU B 140 25.38 12.26 -23.45
CA LEU B 140 25.01 11.06 -22.61
C LEU B 140 26.25 10.43 -22.02
N LEU B 141 26.26 10.21 -20.70
CA LEU B 141 27.24 9.44 -19.99
C LEU B 141 26.53 8.16 -19.56
N ASN B 142 26.90 7.05 -20.14
CA ASN B 142 26.16 5.80 -20.02
C ASN B 142 26.88 4.78 -19.13
N ASN B 143 26.16 4.25 -18.14
CA ASN B 143 26.50 3.11 -17.34
C ASN B 143 27.87 3.18 -16.64
N PHE B 144 28.00 4.15 -15.76
CA PHE B 144 29.18 4.35 -14.92
C PHE B 144 28.96 4.13 -13.38
N TYR B 145 30.08 4.01 -12.66
CA TYR B 145 30.14 3.89 -11.22
C TYR B 145 31.52 4.26 -10.76
N PRO B 146 31.66 5.07 -9.69
CA PRO B 146 30.61 5.66 -8.83
C PRO B 146 29.83 6.81 -9.50
N ARG B 147 28.84 7.33 -8.79
CA ARG B 147 27.91 8.35 -9.27
C ARG B 147 28.57 9.66 -9.62
N GLU B 148 29.68 9.97 -8.96
CA GLU B 148 30.36 11.31 -9.23
C GLU B 148 30.90 11.37 -10.65
N ALA B 149 30.44 12.38 -11.38
CA ALA B 149 30.93 12.64 -12.72
C ALA B 149 30.77 14.12 -12.99
N LYS B 150 31.63 14.64 -13.87
CA LYS B 150 31.55 16.05 -14.25
C LYS B 150 31.54 16.16 -15.77
N VAL B 151 30.59 16.97 -16.28
CA VAL B 151 30.43 17.29 -17.69
C VAL B 151 30.79 18.75 -17.75
N GLN B 152 31.69 19.07 -18.66
CA GLN B 152 32.04 20.45 -19.02
C GLN B 152 31.78 20.57 -20.53
N TRP B 153 30.90 21.51 -20.91
CA TRP B 153 30.62 21.85 -22.28
C TRP B 153 31.65 22.85 -22.78
N LYS B 154 32.04 22.68 -24.08
CA LYS B 154 32.87 23.63 -24.81
C LYS B 154 32.31 23.94 -26.19
N VAL B 155 32.24 25.24 -26.53
CA VAL B 155 31.71 25.72 -27.80
C VAL B 155 32.86 26.54 -28.44
N ASP B 156 33.31 26.11 -29.62
CA ASP B 156 34.59 26.70 -30.24
C ASP B 156 35.73 26.71 -29.27
N ASN B 157 35.85 25.62 -28.52
CA ASN B 157 36.87 25.45 -27.46
C ASN B 157 36.85 26.45 -26.25
N ALA B 158 35.71 27.12 -26.04
CA ALA B 158 35.54 28.06 -24.95
C ALA B 158 34.59 27.37 -23.91
N LEU B 159 34.99 27.39 -22.64
CA LEU B 159 34.29 26.79 -21.53
C LEU B 159 32.92 27.44 -21.34
N GLN B 160 31.86 26.62 -21.31
CA GLN B 160 30.48 27.12 -21.17
C GLN B 160 30.00 27.10 -19.72
N SER B 161 29.12 28.03 -19.40
CA SER B 161 28.59 28.17 -18.02
C SER B 161 27.16 28.69 -18.04
N GLY B 162 26.30 28.16 -17.15
CA GLY B 162 24.95 28.69 -16.98
C GLY B 162 23.93 28.34 -18.04
N ASN B 163 24.30 27.57 -19.05
CA ASN B 163 23.38 27.25 -20.16
C ASN B 163 23.14 25.75 -20.36
N SER B 164 23.37 24.97 -19.30
CA SER B 164 23.21 23.56 -19.30
C SER B 164 22.47 23.07 -18.05
N GLN B 165 21.78 21.92 -18.22
CA GLN B 165 21.12 21.24 -17.12
C GLN B 165 21.34 19.76 -17.28
N GLU B 166 21.46 19.08 -16.19
CA GLU B 166 21.61 17.63 -16.19
C GLU B 166 20.67 16.90 -15.30
N SER B 167 20.58 15.59 -15.54
CA SER B 167 19.92 14.72 -14.60
C SER B 167 20.55 13.32 -14.67
N VAL B 168 20.30 12.56 -13.62
CA VAL B 168 20.95 11.27 -13.39
C VAL B 168 19.87 10.29 -13.13
N THR B 169 20.01 9.09 -13.68
CA THR B 169 19.09 7.97 -13.36
C THR B 169 19.30 7.42 -11.97
N GLU B 170 18.30 6.69 -11.47
CA GLU B 170 18.47 5.88 -10.33
C GLU B 170 19.46 4.73 -10.63
N GLN B 171 20.08 4.17 -9.58
CA GLN B 171 21.04 3.08 -9.77
C GLN B 171 20.30 1.91 -10.42
N ASP B 172 20.96 1.32 -11.39
CA ASP B 172 20.42 0.17 -12.12
C ASP B 172 20.41 -1.08 -11.28
N SER B 173 19.25 -1.72 -11.16
CA SER B 173 19.12 -2.97 -10.37
C SER B 173 20.09 -4.11 -10.83
N LYS B 174 20.23 -4.31 -12.12
CA LYS B 174 21.06 -5.39 -12.68
C LYS B 174 22.53 -5.13 -12.55
N ASP B 175 23.02 -4.03 -13.13
CA ASP B 175 24.47 -3.76 -13.18
C ASP B 175 25.02 -2.76 -12.18
N SER B 176 24.18 -2.21 -11.30
CA SER B 176 24.63 -1.23 -10.24
C SER B 176 25.30 0.10 -10.77
N THR B 177 24.96 0.51 -11.98
CA THR B 177 25.54 1.71 -12.63
C THR B 177 24.49 2.85 -12.65
N TYR B 178 25.02 4.04 -12.90
CA TYR B 178 24.28 5.28 -13.17
C TYR B 178 24.52 5.75 -14.59
N SER B 179 23.58 6.53 -15.08
CA SER B 179 23.71 7.22 -16.35
C SER B 179 23.29 8.67 -16.15
N LEU B 180 23.92 9.55 -16.90
CA LEU B 180 23.69 11.02 -16.83
C LEU B 180 23.45 11.58 -18.21
N SER B 181 22.51 12.49 -18.34
CA SER B 181 22.22 13.24 -19.54
C SER B 181 22.42 14.71 -19.23
N SER B 182 23.20 15.42 -20.05
CA SER B 182 23.34 16.85 -19.95
C SER B 182 22.92 17.50 -21.26
N THR B 183 22.18 18.63 -21.17
CA THR B 183 21.61 19.30 -22.32
C THR B 183 22.13 20.72 -22.29
N LEU B 184 22.85 21.11 -23.35
CA LEU B 184 23.25 22.48 -23.59
C LEU B 184 22.20 23.16 -24.47
N THR B 185 21.70 24.31 -24.05
CA THR B 185 20.61 24.98 -24.74
C THR B 185 21.08 26.34 -25.19
N LEU B 186 20.99 26.57 -26.51
CA LEU B 186 21.35 27.84 -27.15
C LEU B 186 20.26 28.21 -28.10
N SER B 187 20.18 29.50 -28.40
CA SER B 187 19.32 29.99 -29.51
C SER B 187 19.91 29.51 -30.85
N LYS B 188 19.05 29.31 -31.85
CA LYS B 188 19.45 29.07 -33.24
C LYS B 188 20.58 30.01 -33.70
N ALA B 189 20.45 31.30 -33.44
CA ALA B 189 21.43 32.30 -33.86
C ALA B 189 22.78 32.02 -33.29
N ASP B 190 22.83 31.88 -31.96
CA ASP B 190 24.06 31.54 -31.23
C ASP B 190 24.62 30.18 -31.71
N TYR B 191 23.75 29.20 -32.00
CA TYR B 191 24.20 27.91 -32.51
C TYR B 191 24.94 28.04 -33.87
N GLU B 192 24.35 28.78 -34.79
CA GLU B 192 24.92 29.05 -36.08
C GLU B 192 26.18 29.94 -36.06
N LYS B 193 26.40 30.72 -35.01
CA LYS B 193 27.59 31.52 -34.85
C LYS B 193 28.88 30.72 -34.46
N HIS B 194 28.76 29.43 -34.10
CA HIS B 194 29.91 28.60 -33.74
C HIS B 194 29.93 27.31 -34.52
N LYS B 195 31.08 26.63 -34.50
CA LYS B 195 31.39 25.43 -35.31
C LYS B 195 31.57 24.15 -34.49
N VAL B 196 32.46 24.19 -33.47
CA VAL B 196 32.80 23.01 -32.67
C VAL B 196 31.96 22.91 -31.33
N TYR B 197 31.27 21.80 -31.17
CA TYR B 197 30.49 21.50 -29.98
C TYR B 197 31.09 20.27 -29.35
N ALA B 198 31.50 20.38 -28.06
CA ALA B 198 32.17 19.32 -27.36
C ALA B 198 31.65 19.20 -25.89
N CYS B 199 31.56 17.97 -25.40
CA CYS B 199 31.38 17.73 -23.96
C CYS B 199 32.57 16.92 -23.51
N GLU B 200 33.17 17.39 -22.44
CA GLU B 200 34.34 16.77 -21.81
C GLU B 200 33.92 16.14 -20.51
N VAL B 201 34.19 14.87 -20.34
CA VAL B 201 33.70 14.11 -19.19
C VAL B 201 34.89 13.68 -18.27
N THR B 202 34.77 14.00 -16.99
CA THR B 202 35.68 13.61 -15.97
C THR B 202 34.96 12.58 -15.09
N HIS B 203 35.68 11.49 -14.78
CA HIS B 203 35.21 10.40 -14.02
C HIS B 203 36.42 9.57 -13.49
N GLN B 204 36.26 8.97 -12.31
CA GLN B 204 37.29 8.19 -11.64
C GLN B 204 37.83 7.04 -12.51
N GLY B 205 36.91 6.31 -13.16
CA GLY B 205 37.20 5.32 -14.21
C GLY B 205 37.96 5.73 -15.51
N LEU B 206 38.22 7.01 -15.70
CA LEU B 206 38.94 7.52 -16.85
C LEU B 206 40.25 8.09 -16.41
N SER B 207 41.32 7.69 -17.09
CA SER B 207 42.72 8.12 -16.79
C SER B 207 42.91 9.61 -16.99
N SER B 208 42.23 10.12 -18.02
CA SER B 208 42.21 11.55 -18.31
C SER B 208 40.81 11.83 -18.84
N PRO B 209 40.39 13.09 -18.89
CA PRO B 209 39.03 13.34 -19.38
C PRO B 209 38.78 12.88 -20.84
N VAL B 210 37.58 12.37 -21.11
CA VAL B 210 37.19 11.93 -22.50
C VAL B 210 36.34 13.04 -23.09
N THR B 211 36.67 13.46 -24.31
CA THR B 211 35.90 14.49 -25.05
C THR B 211 35.24 13.82 -26.25
N LYS B 212 33.96 14.10 -26.43
CA LYS B 212 33.26 13.76 -27.65
C LYS B 212 32.83 15.05 -28.27
N SER B 213 32.91 15.15 -29.60
CA SER B 213 32.61 16.40 -30.30
C SER B 213 32.01 16.19 -31.66
N PHE B 214 31.44 17.27 -32.19
CA PHE B 214 30.98 17.34 -33.60
C PHE B 214 31.23 18.76 -34.12
N ASN B 215 31.25 18.89 -35.47
CA ASN B 215 31.29 20.20 -36.15
C ASN B 215 29.97 20.43 -36.82
N ARG B 216 29.42 21.63 -36.59
CA ARG B 216 28.13 22.01 -37.16
C ARG B 216 28.20 21.96 -38.69
N GLY B 217 27.29 21.20 -39.30
CA GLY B 217 27.28 20.93 -40.73
C GLY B 217 28.07 19.72 -41.17
N GLU B 218 28.36 18.77 -40.27
CA GLU B 218 29.18 17.53 -40.50
C GLU B 218 30.61 17.72 -40.94
N PCA C 1 19.88 17.92 -0.74
CA PCA C 1 20.47 19.19 -0.34
CB PCA C 1 19.76 19.48 1.02
CG PCA C 1 19.05 18.17 1.42
CD PCA C 1 19.14 17.33 0.20
OE PCA C 1 18.57 16.26 0.16
C PCA C 1 21.93 19.13 -0.08
O PCA C 1 22.47 18.06 0.15
N VAL C 2 22.60 20.29 -0.10
CA VAL C 2 23.96 20.39 0.39
C VAL C 2 23.97 20.18 1.89
N GLN C 3 24.78 19.25 2.39
CA GLN C 3 24.84 18.95 3.82
C GLN C 3 26.26 18.77 4.29
N LEU C 4 26.54 19.30 5.45
CA LEU C 4 27.81 19.14 6.17
C LEU C 4 27.50 18.66 7.60
N VAL C 5 27.99 17.48 7.95
CA VAL C 5 27.74 16.82 9.18
C VAL C 5 29.04 16.58 9.91
N GLN C 6 29.14 17.21 11.09
CA GLN C 6 30.30 17.18 11.90
C GLN C 6 30.21 16.11 13.01
N SER C 7 31.39 15.72 13.52
CA SER C 7 31.54 14.86 14.63
C SER C 7 31.08 15.50 15.94
N GLY C 8 30.88 14.68 16.95
CA GLY C 8 30.21 15.05 18.20
C GLY C 8 30.99 15.95 19.09
N ALA C 9 30.35 16.37 20.16
CA ALA C 9 30.96 17.23 21.23
C ALA C 9 32.23 16.61 21.83
N GLU C 10 33.21 17.48 22.11
CA GLU C 10 34.55 17.05 22.58
C GLU C 10 34.82 17.73 23.90
N VAL C 11 35.37 16.98 24.85
CA VAL C 11 35.84 17.52 26.10
C VAL C 11 37.27 17.15 26.28
N LYS C 12 38.17 18.15 26.41
CA LYS C 12 39.59 17.89 26.42
C LYS C 12 40.29 18.67 27.54
N LYS C 13 41.37 18.11 28.05
CA LYS C 13 42.21 18.78 29.03
C LYS C 13 43.13 19.77 28.36
N PRO C 14 43.56 20.81 29.10
CA PRO C 14 44.53 21.76 28.50
C PRO C 14 45.81 21.07 27.99
N GLY C 15 46.26 21.45 26.77
CA GLY C 15 47.38 20.84 26.13
C GLY C 15 47.06 19.70 25.18
N ALA C 16 45.94 19.01 25.36
CA ALA C 16 45.48 17.98 24.42
C ALA C 16 45.14 18.48 23.04
N PRO C 17 45.19 17.60 22.02
CA PRO C 17 44.72 17.98 20.72
C PRO C 17 43.24 17.60 20.59
N VAL C 18 42.58 18.15 19.60
CA VAL C 18 41.21 17.70 19.16
C VAL C 18 41.20 17.62 17.62
N LYS C 19 40.52 16.62 17.08
CA LYS C 19 40.35 16.48 15.67
C LYS C 19 38.87 16.38 15.37
N VAL C 20 38.34 17.35 14.62
CA VAL C 20 36.92 17.42 14.28
C VAL C 20 36.82 16.98 12.80
N SER C 21 35.87 16.11 12.49
CA SER C 21 35.61 15.70 11.12
C SER C 21 34.33 16.38 10.61
N CYS C 22 34.26 16.51 9.30
CA CYS C 22 33.18 17.19 8.59
C CYS C 22 32.89 16.46 7.27
N GLU C 23 31.86 15.61 7.28
CA GLU C 23 31.48 14.83 6.12
C GLU C 23 30.43 15.63 5.33
N THR C 24 30.58 15.61 4.03
CA THR C 24 29.75 16.42 3.13
C THR C 24 28.97 15.55 2.17
N SER C 25 27.84 16.07 1.72
CA SER C 25 27.13 15.48 0.57
C SER C 25 26.28 16.53 -0.13
N GLY C 26 25.77 16.13 -1.31
CA GLY C 26 24.91 16.97 -2.13
C GLY C 26 25.58 17.87 -3.14
N TYR C 27 26.88 17.75 -3.30
CA TYR C 27 27.67 18.61 -4.18
C TYR C 27 28.97 17.95 -4.40
N ARG C 28 29.76 18.45 -5.38
CA ARG C 28 31.01 17.85 -5.73
C ARG C 28 32.08 18.38 -4.79
N PHE C 29 32.54 17.49 -3.90
CA PHE C 29 33.48 17.82 -2.82
C PHE C 29 34.74 18.52 -3.31
N SER C 30 35.30 18.00 -4.41
CA SER C 30 36.56 18.52 -5.04
C SER C 30 36.52 20.00 -5.49
N ASP C 31 35.32 20.53 -5.77
CA ASP C 31 35.13 21.81 -6.40
C ASP C 31 35.13 23.04 -5.49
N TYR C 32 35.02 22.86 -4.16
CA TYR C 32 34.83 23.99 -3.22
C TYR C 32 35.82 23.96 -2.05
N PHE C 33 36.35 25.13 -1.67
CA PHE C 33 37.15 25.25 -0.50
C PHE C 33 36.30 24.88 0.73
N VAL C 34 36.96 24.31 1.77
CA VAL C 34 36.25 24.02 3.09
C VAL C 34 36.97 24.91 4.09
N HIS C 35 36.20 25.76 4.71
CA HIS C 35 36.66 26.71 5.73
C HIS C 35 36.28 26.23 7.11
N TRP C 36 37.03 26.69 8.10
CA TRP C 36 36.66 26.45 9.49
C TRP C 36 36.56 27.76 10.26
N VAL C 37 35.50 27.88 11.03
CA VAL C 37 35.13 29.07 11.75
C VAL C 37 34.73 28.62 13.15
N ARG C 38 35.13 29.37 14.16
CA ARG C 38 34.63 29.12 15.52
C ARG C 38 33.96 30.33 16.12
N GLN C 39 33.16 30.08 17.16
CA GLN C 39 32.69 31.12 18.01
C GLN C 39 32.78 30.70 19.44
N ALA C 40 33.61 31.43 20.20
CA ALA C 40 33.73 31.24 21.64
C ALA C 40 32.64 32.02 22.33
N PRO C 41 32.17 31.55 23.52
CA PRO C 41 31.25 32.44 24.25
C PRO C 41 31.89 33.78 24.60
N GLY C 42 31.13 34.86 24.47
CA GLY C 42 31.65 36.21 24.75
C GLY C 42 32.61 36.81 23.76
N GLN C 43 32.66 36.24 22.55
CA GLN C 43 33.49 36.65 21.46
C GLN C 43 32.67 36.60 20.16
N GLY C 44 33.01 37.45 19.21
CA GLY C 44 32.51 37.30 17.89
C GLY C 44 33.15 36.09 17.16
N PRO C 45 32.56 35.66 16.00
CA PRO C 45 33.12 34.58 15.24
C PRO C 45 34.51 34.84 14.66
N GLU C 46 35.25 33.78 14.47
CA GLU C 46 36.69 33.84 14.15
C GLU C 46 37.00 32.77 13.07
N TRP C 47 37.56 33.22 11.95
CA TRP C 47 37.99 32.37 10.86
C TRP C 47 39.27 31.72 11.22
N ILE C 48 39.31 30.38 11.17
CA ILE C 48 40.49 29.63 11.53
C ILE C 48 41.45 29.37 10.34
N GLY C 49 40.87 28.84 9.27
CA GLY C 49 41.59 28.62 8.05
C GLY C 49 40.77 27.90 7.04
N ARG C 50 41.42 27.44 5.97
CA ARG C 50 40.69 26.67 4.90
C ARG C 50 41.60 25.64 4.31
N ILE C 51 40.96 24.66 3.68
CA ILE C 51 41.62 23.69 2.81
C ILE C 51 40.97 23.74 1.42
N ARG C 52 41.79 23.54 0.38
CA ARG C 52 41.36 23.40 -1.00
C ARG C 52 41.39 21.87 -1.28
N PRO C 53 40.21 21.21 -1.34
CA PRO C 53 40.21 19.73 -1.48
C PRO C 53 40.96 19.15 -2.72
N ASN C 54 40.89 19.82 -3.87
CA ASN C 54 41.52 19.24 -5.08
C ASN C 54 43.06 19.11 -4.86
N SER C 55 43.70 20.19 -4.42
CA SER C 55 45.14 20.21 -4.20
C SER C 55 45.55 19.75 -2.84
N GLY C 56 44.66 19.89 -1.86
CA GLY C 56 45.02 19.71 -0.46
C GLY C 56 45.76 20.92 0.13
N GLY C 57 45.82 22.04 -0.61
CA GLY C 57 46.54 23.23 -0.15
C GLY C 57 45.75 23.93 1.03
N THR C 58 46.46 24.31 2.09
CA THR C 58 45.84 24.96 3.25
C THR C 58 46.30 26.36 3.43
N LYS C 59 45.47 27.13 4.14
CA LYS C 59 45.78 28.55 4.52
C LYS C 59 45.17 28.74 5.87
N TYR C 60 45.97 29.21 6.86
CA TYR C 60 45.52 29.32 8.27
C TYR C 60 45.72 30.76 8.69
N ALA C 61 44.82 31.24 9.55
CA ALA C 61 44.95 32.56 10.18
C ALA C 61 46.25 32.62 11.01
N GLN C 62 46.85 33.81 11.06
CA GLN C 62 48.11 34.02 11.78
C GLN C 62 48.06 33.39 13.14
N LYS C 63 46.99 33.67 13.89
CA LYS C 63 46.84 33.23 15.27
C LYS C 63 46.83 31.70 15.46
N PHE C 64 46.44 30.95 14.43
CA PHE C 64 46.46 29.45 14.48
C PHE C 64 47.62 28.76 13.76
N GLN C 65 48.46 29.56 13.09
CA GLN C 65 49.63 29.01 12.40
C GLN C 65 50.51 28.27 13.41
N GLY C 66 50.81 27.02 13.11
CA GLY C 66 51.65 26.21 14.01
C GLY C 66 50.91 25.38 15.00
N ARG C 67 49.58 25.59 15.12
CA ARG C 67 48.78 24.80 15.99
C ARG C 67 47.56 24.07 15.33
N VAL C 68 47.16 24.45 14.16
CA VAL C 68 46.09 23.81 13.40
C VAL C 68 46.62 23.09 12.15
N THR C 69 46.04 21.93 11.86
CA THR C 69 46.31 21.16 10.68
C THR C 69 44.98 20.77 10.06
N MET C 70 44.74 21.21 8.85
CA MET C 70 43.55 20.81 8.05
C MET C 70 43.93 19.75 7.03
N THR C 71 43.10 18.71 6.93
CA THR C 71 43.29 17.65 5.94
C THR C 71 41.94 17.31 5.32
N ARG C 72 41.95 16.49 4.25
CA ARG C 72 40.72 15.98 3.63
C ARG C 72 40.93 14.59 3.09
N ASP C 73 39.84 13.83 3.03
CA ASP C 73 39.84 12.45 2.48
C ASP C 73 38.80 12.51 1.38
N MET C 74 39.31 12.61 0.14
CA MET C 74 38.51 12.75 -1.09
C MET C 74 37.55 11.58 -1.27
N SER C 75 38.03 10.36 -1.00
CA SER C 75 37.22 9.16 -1.10
C SER C 75 36.02 9.13 -0.14
N MET C 76 36.10 9.86 0.98
CA MET C 76 34.99 9.98 1.94
C MET C 76 34.27 11.31 1.96
N ASN C 77 34.60 12.20 1.02
CA ASN C 77 34.03 13.59 0.95
C ASN C 77 34.10 14.34 2.30
N THR C 78 35.18 14.11 3.05
CA THR C 78 35.29 14.52 4.43
C THR C 78 36.55 15.44 4.57
N ALA C 79 36.36 16.54 5.30
CA ALA C 79 37.45 17.45 5.71
C ALA C 79 37.64 17.31 7.22
N TYR C 80 38.87 17.63 7.72
CA TYR C 80 39.24 17.46 9.14
C TYR C 80 40.04 18.67 9.58
N MET C 81 39.87 19.03 10.83
CA MET C 81 40.67 20.08 11.46
C MET C 81 41.15 19.57 12.76
N GLU C 82 42.48 19.61 12.97
CA GLU C 82 43.10 19.23 14.16
C GLU C 82 43.75 20.46 14.81
N LEU C 83 43.36 20.72 16.05
CA LEU C 83 43.86 21.85 16.79
C LEU C 83 44.63 21.27 17.92
N SER C 84 45.93 21.62 17.99
CA SER C 84 46.82 21.13 19.05
C SER C 84 47.02 22.18 20.15
N GLY C 85 47.48 21.72 21.29
CA GLY C 85 47.87 22.64 22.38
C GLY C 85 46.68 23.39 22.96
N LEU C 86 45.53 22.69 23.14
CA LEU C 86 44.28 23.39 23.50
C LEU C 86 44.46 24.15 24.81
N ARG C 87 43.82 25.35 24.86
CA ARG C 87 43.78 26.21 26.08
C ARG C 87 42.37 26.47 26.40
N SER C 88 42.10 27.03 27.59
CA SER C 88 40.73 27.35 28.04
C SER C 88 39.98 28.13 27.00
N ASP C 89 40.68 29.15 26.45
CA ASP C 89 40.06 30.06 25.47
C ASP C 89 39.87 29.51 24.03
N ASP C 90 40.26 28.27 23.83
CA ASP C 90 39.78 27.47 22.69
C ASP C 90 38.42 26.83 22.86
N THR C 91 37.84 26.95 24.05
CA THR C 91 36.46 26.52 24.28
C THR C 91 35.53 27.32 23.38
N ALA C 92 34.78 26.62 22.51
CA ALA C 92 34.04 27.25 21.39
C ALA C 92 33.23 26.20 20.67
N VAL C 93 32.26 26.68 19.86
CA VAL C 93 31.67 25.87 18.81
C VAL C 93 32.44 26.08 17.54
N TYR C 94 32.84 24.97 16.92
CA TYR C 94 33.64 24.91 15.68
C TYR C 94 32.76 24.47 14.52
N TYR C 95 32.81 25.21 13.40
CA TYR C 95 32.06 24.92 12.18
C TYR C 95 32.96 24.68 11.00
N CYS C 96 32.60 23.67 10.19
CA CYS C 96 33.12 23.57 8.84
C CYS C 96 32.10 24.28 7.99
N VAL C 97 32.59 24.93 6.92
CA VAL C 97 31.77 25.80 6.08
C VAL C 97 32.25 25.55 4.62
N ARG C 98 31.35 25.04 3.77
CA ARG C 98 31.61 25.00 2.35
C ARG C 98 31.65 26.42 1.82
N GLY C 99 32.67 26.66 0.97
CA GLY C 99 32.82 27.92 0.26
C GLY C 99 31.72 28.26 -0.74
N HIS C 100 31.96 29.38 -1.43
CA HIS C 100 31.05 30.05 -2.31
C HIS C 100 31.27 29.77 -3.79
N CYS C 101 32.51 29.58 -4.22
CA CYS C 101 32.92 29.66 -5.63
C CYS C 101 33.58 28.38 -6.06
N ASP C 102 33.12 27.84 -7.19
CA ASP C 102 33.70 26.60 -7.74
C ASP C 102 34.68 26.74 -8.89
N GLY C 103 35.04 27.99 -9.24
CA GLY C 103 35.80 28.29 -10.46
C GLY C 103 34.94 28.79 -11.59
N THR C 104 33.76 28.22 -11.75
CA THR C 104 32.79 28.62 -12.79
C THR C 104 31.80 29.65 -12.24
N THR C 105 31.18 29.34 -11.10
CA THR C 105 30.15 30.21 -10.50
C THR C 105 30.44 30.46 -9.00
N CYS C 106 29.81 31.50 -8.47
CA CYS C 106 29.84 31.76 -7.02
C CYS C 106 28.42 31.80 -6.52
N SER C 107 28.23 31.24 -5.32
CA SER C 107 26.91 31.09 -4.68
C SER C 107 27.06 31.27 -3.16
N ARG C 108 26.11 30.72 -2.41
CA ARG C 108 26.09 30.74 -0.95
C ARG C 108 27.09 29.78 -0.31
N ALA C 109 27.40 30.06 0.94
CA ALA C 109 28.06 29.12 1.83
C ALA C 109 27.02 28.12 2.41
N TYR C 110 27.51 27.01 2.92
CA TYR C 110 26.74 26.02 3.64
C TYR C 110 27.53 25.60 4.88
N TRP C 111 26.86 25.65 6.05
CA TRP C 111 27.46 25.47 7.32
C TRP C 111 27.17 24.10 7.86
N GLY C 112 28.18 23.50 8.48
CA GLY C 112 27.92 22.29 9.36
C GLY C 112 27.17 22.67 10.61
N GLN C 113 26.65 21.68 11.34
CA GLN C 113 25.80 21.94 12.48
C GLN C 113 26.60 22.53 13.69
N GLY C 114 27.96 22.44 13.67
CA GLY C 114 28.80 22.79 14.74
C GLY C 114 29.24 21.64 15.63
N THR C 115 30.42 21.77 16.22
CA THR C 115 30.99 20.84 17.23
C THR C 115 31.44 21.69 18.41
N LEU C 116 30.81 21.47 19.58
CA LEU C 116 31.22 22.08 20.83
C LEU C 116 32.55 21.40 21.34
N VAL C 117 33.54 22.19 21.59
CA VAL C 117 34.77 21.76 22.22
C VAL C 117 34.85 22.52 23.53
N THR C 118 34.89 21.78 24.62
CA THR C 118 35.14 22.31 25.98
C THR C 118 36.55 21.94 26.42
N VAL C 119 37.34 22.94 26.76
CA VAL C 119 38.70 22.73 27.28
C VAL C 119 38.70 23.02 28.77
N SER C 120 39.03 22.02 29.56
CA SER C 120 39.03 22.09 31.04
C SER C 120 39.79 20.96 31.69
N SER C 121 40.46 21.23 32.81
CA SER C 121 41.04 20.20 33.62
C SER C 121 40.04 19.33 34.41
N ALA C 122 38.77 19.71 34.48
CA ALA C 122 37.77 19.01 35.29
C ALA C 122 37.53 17.62 34.65
N SER C 123 37.24 16.66 35.51
CA SER C 123 36.74 15.36 35.15
C SER C 123 35.21 15.38 35.13
N THR C 124 34.66 14.38 34.46
CA THR C 124 33.22 14.11 34.51
C THR C 124 32.71 14.05 35.93
N LYS C 125 31.61 14.79 36.18
CA LYS C 125 30.88 14.72 37.47
C LYS C 125 29.41 14.93 37.30
N GLY C 126 28.60 14.11 37.97
CA GLY C 126 27.21 14.19 37.95
C GLY C 126 26.70 15.30 38.88
N PRO C 127 25.50 15.86 38.60
CA PRO C 127 25.02 16.92 39.44
C PRO C 127 24.43 16.42 40.71
N SER C 128 24.41 17.27 41.75
CA SER C 128 23.44 17.14 42.85
C SER C 128 22.24 17.95 42.46
N VAL C 129 21.05 17.42 42.72
CA VAL C 129 19.79 18.09 42.40
C VAL C 129 19.08 18.44 43.70
N PHE C 130 18.92 19.73 43.92
CA PHE C 130 18.29 20.25 45.17
C PHE C 130 16.98 20.96 44.88
N PRO C 131 15.98 20.83 45.78
CA PRO C 131 14.70 21.55 45.55
C PRO C 131 14.80 23.03 45.81
N LEU C 132 14.04 23.78 45.07
CA LEU C 132 13.81 25.20 45.28
C LEU C 132 12.32 25.20 45.61
N ALA C 133 12.02 25.16 46.94
CA ALA C 133 10.67 24.82 47.41
C ALA C 133 9.83 26.09 47.36
N PRO C 134 8.54 25.96 47.00
CA PRO C 134 7.67 27.14 46.95
C PRO C 134 7.41 27.68 48.36
N SER C 135 7.40 29.00 48.49
CA SER C 135 7.51 29.72 49.80
C SER C 135 6.36 29.47 50.82
N GLY C 142 -1.77 33.79 44.60
CA GLY C 142 -2.20 33.56 43.22
C GLY C 142 -1.23 32.73 42.39
N THR C 143 0.00 33.23 42.24
CA THR C 143 1.08 32.54 41.51
C THR C 143 2.26 32.21 42.45
N ALA C 144 2.63 30.93 42.50
CA ALA C 144 3.83 30.47 43.23
C ALA C 144 4.97 30.06 42.26
N ALA C 145 6.21 30.16 42.75
CA ALA C 145 7.38 29.69 42.03
C ALA C 145 8.05 28.51 42.75
N LEU C 146 8.43 27.50 41.98
CA LEU C 146 9.25 26.43 42.48
C LEU C 146 10.28 25.99 41.43
N GLY C 147 11.23 25.16 41.86
CA GLY C 147 12.28 24.71 40.95
C GLY C 147 13.22 23.67 41.49
N CYS C 148 14.28 23.44 40.71
CA CYS C 148 15.39 22.56 41.02
C CYS C 148 16.69 23.27 40.67
N LEU C 149 17.64 23.14 41.57
CA LEU C 149 18.98 23.63 41.44
C LEU C 149 19.83 22.43 41.09
N VAL C 150 20.46 22.49 39.93
CA VAL C 150 21.25 21.36 39.36
C VAL C 150 22.68 21.79 39.46
N LYS C 151 23.38 21.32 40.49
CA LYS C 151 24.63 21.94 40.89
C LYS C 151 25.82 20.98 40.77
N ASP C 152 26.98 21.53 40.43
CA ASP C 152 28.24 20.92 40.44
C ASP C 152 28.38 19.70 39.47
N TYR C 153 28.22 19.99 38.16
CA TYR C 153 28.37 18.98 37.16
C TYR C 153 29.35 19.42 36.14
N PHE C 154 29.90 18.43 35.43
CA PHE C 154 30.76 18.68 34.29
C PHE C 154 30.68 17.42 33.33
N PRO C 155 30.65 17.61 32.02
CA PRO C 155 30.63 18.86 31.25
C PRO C 155 29.16 19.26 31.02
N GLU C 156 28.97 20.30 30.25
CA GLU C 156 27.67 20.57 29.68
C GLU C 156 27.36 19.50 28.60
N PRO C 157 26.09 19.27 28.30
CA PRO C 157 24.88 19.84 28.89
C PRO C 157 24.16 18.92 29.87
N VAL C 158 23.23 19.49 30.62
CA VAL C 158 22.19 18.74 31.31
C VAL C 158 20.90 19.04 30.58
N THR C 159 19.91 18.17 30.80
CA THR C 159 18.52 18.44 30.38
C THR C 159 17.63 18.34 31.58
N VAL C 160 16.66 19.25 31.69
CA VAL C 160 15.70 19.27 32.75
C VAL C 160 14.33 19.29 32.12
N SER C 161 13.47 18.41 32.56
CA SER C 161 12.02 18.52 32.25
C SER C 161 11.23 18.51 33.55
N TRP C 162 9.96 18.81 33.44
CA TRP C 162 9.05 18.86 34.61
C TRP C 162 7.88 17.89 34.34
N ASN C 163 7.66 16.99 35.30
CA ASN C 163 6.59 15.94 35.20
C ASN C 163 6.73 15.19 33.87
N SER C 164 7.96 14.72 33.63
CA SER C 164 8.30 13.88 32.47
C SER C 164 8.13 14.55 31.10
N GLY C 165 8.14 15.90 31.09
CA GLY C 165 7.86 16.68 29.88
C GLY C 165 6.40 17.16 29.72
N ALA C 166 5.47 16.72 30.55
CA ALA C 166 4.06 17.14 30.50
C ALA C 166 3.86 18.56 30.97
N LEU C 167 4.74 19.07 31.84
CA LEU C 167 4.59 20.47 32.30
C LEU C 167 5.65 21.31 31.55
N THR C 168 5.19 22.13 30.61
CA THR C 168 6.01 23.04 29.89
C THR C 168 5.63 24.53 30.06
N SER C 169 4.37 24.80 30.39
CA SER C 169 3.92 26.18 30.58
C SER C 169 4.51 26.79 31.87
N GLY C 170 5.05 28.01 31.78
CA GLY C 170 5.71 28.69 32.89
C GLY C 170 7.10 28.22 33.27
N VAL C 171 7.64 27.21 32.56
CA VAL C 171 8.98 26.65 32.83
C VAL C 171 10.07 27.62 32.27
N HIS C 172 11.06 27.93 33.10
CA HIS C 172 12.28 28.60 32.64
C HIS C 172 13.47 27.80 33.14
N THR C 173 14.22 27.23 32.21
CA THR C 173 15.48 26.55 32.45
C THR C 173 16.57 27.49 32.03
N PHE C 174 17.37 27.93 32.99
CA PHE C 174 18.37 28.99 32.76
C PHE C 174 19.66 28.48 32.16
N PRO C 175 20.41 29.35 31.43
CA PRO C 175 21.75 28.97 31.06
C PRO C 175 22.56 28.64 32.26
N ALA C 176 23.40 27.59 32.15
CA ALA C 176 24.33 27.23 33.19
C ALA C 176 25.38 28.36 33.39
N VAL C 177 25.88 28.45 34.62
CA VAL C 177 27.06 29.27 34.89
C VAL C 177 28.24 28.34 35.19
N LEU C 178 29.43 28.80 34.89
CA LEU C 178 30.65 28.11 35.27
C LEU C 178 31.16 28.68 36.58
N GLN C 179 31.23 27.86 37.61
CA GLN C 179 31.72 28.26 38.89
C GLN C 179 33.28 28.23 38.88
N SER C 180 33.88 28.90 39.84
CA SER C 180 35.37 28.97 39.92
C SER C 180 36.03 27.60 40.25
N SER C 181 35.24 26.65 40.77
CA SER C 181 35.66 25.26 40.85
C SER C 181 35.84 24.51 39.49
N GLY C 182 35.44 25.12 38.39
CA GLY C 182 35.35 24.47 37.10
C GLY C 182 34.12 23.56 36.88
N LEU C 183 33.16 23.57 37.81
CA LEU C 183 31.93 22.79 37.66
C LEU C 183 30.78 23.79 37.36
N TYR C 184 29.77 23.30 36.67
CA TYR C 184 28.65 24.03 36.23
C TYR C 184 27.50 23.93 37.26
N SER C 185 26.65 24.95 37.24
CA SER C 185 25.41 24.99 38.05
C SER C 185 24.29 25.68 37.20
N LEU C 186 23.10 25.08 37.23
CA LEU C 186 21.93 25.62 36.57
C LEU C 186 20.68 25.53 37.51
N SER C 187 19.72 26.42 37.27
CA SER C 187 18.47 26.36 37.91
C SER C 187 17.39 26.20 36.83
N SER C 188 16.40 25.42 37.18
CA SER C 188 15.16 25.31 36.38
C SER C 188 14.01 25.64 37.33
N VAL C 189 13.15 26.57 36.89
CA VAL C 189 12.00 26.99 37.69
C VAL C 189 10.70 26.89 36.89
N VAL C 190 9.61 26.79 37.59
CA VAL C 190 8.30 26.84 37.00
C VAL C 190 7.41 27.72 37.91
N THR C 191 6.60 28.57 37.28
CA THR C 191 5.53 29.30 37.98
C THR C 191 4.25 28.51 37.79
N VAL C 192 3.53 28.30 38.90
CA VAL C 192 2.25 27.57 38.93
C VAL C 192 1.17 28.32 39.74
N PRO C 193 -0.11 27.91 39.59
CA PRO C 193 -1.11 28.43 40.56
C PRO C 193 -0.75 28.02 42.00
N SER C 194 -0.66 29.01 42.93
CA SER C 194 -0.64 28.74 44.38
C SER C 194 -1.68 27.69 44.84
N SER C 195 -2.86 27.74 44.23
CA SER C 195 -3.90 26.78 44.51
C SER C 195 -3.51 25.29 44.32
N SER C 196 -2.60 25.02 43.37
CA SER C 196 -2.12 23.65 43.05
C SER C 196 -1.15 22.97 44.05
N LEU C 197 -0.51 23.78 44.90
CA LEU C 197 0.56 23.28 45.78
C LEU C 197 0.19 22.13 46.75
N GLY C 198 -1.06 22.08 47.21
CA GLY C 198 -1.52 21.01 48.09
C GLY C 198 -1.78 19.71 47.39
N THR C 199 -2.13 19.77 46.10
CA THR C 199 -2.62 18.61 45.34
C THR C 199 -1.72 18.12 44.17
N GLN C 200 -1.22 19.04 43.34
CA GLN C 200 -0.40 18.70 42.16
C GLN C 200 1.07 18.34 42.56
N THR C 201 1.53 17.18 42.12
CA THR C 201 2.91 16.72 42.27
C THR C 201 3.80 17.41 41.19
N TYR C 202 4.94 17.94 41.65
CA TYR C 202 5.94 18.60 40.79
C TYR C 202 7.28 17.89 40.96
N ILE C 203 7.76 17.30 39.86
CA ILE C 203 8.97 16.49 39.81
C ILE C 203 9.83 17.05 38.66
N CYS C 204 11.06 17.43 38.98
CA CYS C 204 11.97 17.85 37.95
C CYS C 204 12.76 16.62 37.55
N ASN C 205 12.84 16.36 36.25
CA ASN C 205 13.60 15.19 35.74
C ASN C 205 14.89 15.70 35.13
N VAL C 206 15.99 15.26 35.67
CA VAL C 206 17.30 15.77 35.33
C VAL C 206 18.11 14.63 34.71
N ASN C 207 18.67 14.86 33.52
CA ASN C 207 19.56 13.88 32.84
C ASN C 207 20.93 14.53 32.57
N HIS C 208 21.97 13.82 32.93
CA HIS C 208 23.32 14.22 32.61
C HIS C 208 24.02 12.98 32.06
N LYS C 209 24.10 12.92 30.72
CA LYS C 209 24.58 11.72 30.01
C LYS C 209 26.00 11.33 30.39
N PRO C 210 26.96 12.29 30.37
CA PRO C 210 28.33 11.92 30.62
C PRO C 210 28.61 11.18 31.93
N SER C 211 27.80 11.46 32.97
CA SER C 211 27.92 10.81 34.26
C SER C 211 26.91 9.71 34.52
N ASN C 212 26.14 9.32 33.50
CA ASN C 212 25.00 8.35 33.68
C ASN C 212 24.04 8.74 34.80
N THR C 213 23.72 10.04 34.89
CA THR C 213 22.78 10.58 35.91
C THR C 213 21.38 10.69 35.30
N LYS C 214 20.38 10.05 35.90
CA LYS C 214 18.98 10.28 35.66
C LYS C 214 18.29 10.38 37.02
N VAL C 215 17.87 11.59 37.39
CA VAL C 215 17.33 11.95 38.71
C VAL C 215 15.94 12.49 38.51
N ASP C 216 15.02 12.02 39.35
CA ASP C 216 13.67 12.57 39.51
C ASP C 216 13.63 13.11 40.93
N LYS C 217 13.55 14.44 41.08
CA LYS C 217 13.42 15.08 42.40
C LYS C 217 12.02 15.69 42.53
N ARG C 218 11.30 15.30 43.59
CA ARG C 218 9.98 15.87 43.96
C ARG C 218 10.25 17.18 44.70
N VAL C 219 9.53 18.18 44.29
CA VAL C 219 9.62 19.51 44.88
C VAL C 219 8.24 19.77 45.49
N GLU C 220 8.23 19.98 46.80
CA GLU C 220 6.99 20.19 47.57
C GLU C 220 7.22 21.32 48.59
N PRO C 221 6.11 21.96 49.05
CA PRO C 221 6.26 23.03 50.08
C PRO C 221 6.99 22.57 51.33
N LYS C 222 7.66 23.51 51.99
CA LYS C 222 8.31 23.27 53.29
C LYS C 222 9.45 22.26 53.16
N ASP D 1 43.63 42.91 7.12
CA ASP D 1 42.24 42.29 7.15
C ASP D 1 41.12 43.32 6.88
N VAL D 2 40.05 42.87 6.23
CA VAL D 2 38.90 43.73 5.90
C VAL D 2 38.15 43.92 7.24
N VAL D 3 37.87 45.18 7.57
CA VAL D 3 37.17 45.56 8.82
C VAL D 3 35.71 45.82 8.47
N MET D 4 34.80 45.14 9.16
CA MET D 4 33.38 45.36 9.01
C MET D 4 32.87 46.14 10.24
N THR D 5 32.07 47.15 10.00
CA THR D 5 31.42 47.94 11.06
C THR D 5 29.91 47.81 10.90
N GLN D 6 29.26 47.31 11.93
CA GLN D 6 27.82 47.01 11.91
C GLN D 6 27.13 47.84 12.97
N SER D 7 25.92 48.31 12.64
CA SER D 7 25.10 49.09 13.54
C SER D 7 23.64 48.85 13.17
N PRO D 8 22.71 48.89 14.16
CA PRO D 8 22.96 49.11 15.59
C PRO D 8 23.38 47.80 16.29
N LEU D 9 23.94 47.92 17.49
CA LEU D 9 24.23 46.77 18.35
C LEU D 9 22.99 46.13 18.95
N SER D 10 21.97 46.93 19.17
CA SER D 10 20.73 46.46 19.81
C SER D 10 19.61 47.02 19.01
N LEU D 11 18.67 46.14 18.69
CA LEU D 11 17.50 46.53 17.86
C LEU D 11 16.22 45.89 18.38
N PRO D 12 15.57 46.55 19.38
CA PRO D 12 14.19 46.15 19.78
C PRO D 12 13.21 46.64 18.73
N VAL D 13 12.29 45.79 18.29
CA VAL D 13 11.37 46.10 17.21
C VAL D 13 9.97 45.77 17.62
N THR D 14 9.07 46.78 17.58
CA THR D 14 7.61 46.56 17.91
C THR D 14 6.95 45.68 16.82
N PRO D 15 6.10 44.71 17.18
CA PRO D 15 5.55 43.83 16.13
C PRO D 15 4.87 44.63 15.04
N GLY D 16 5.08 44.20 13.81
CA GLY D 16 4.53 44.87 12.61
C GLY D 16 5.42 45.94 12.01
N GLU D 17 6.36 46.50 12.79
CA GLU D 17 7.27 47.52 12.30
C GLU D 17 8.52 46.92 11.62
N PRO D 18 9.10 47.65 10.67
CA PRO D 18 10.26 47.07 9.97
C PRO D 18 11.54 47.27 10.76
N ALA D 19 12.59 46.56 10.34
CA ALA D 19 13.92 46.65 10.91
C ALA D 19 14.94 46.77 9.79
N SER D 20 15.96 47.59 10.02
CA SER D 20 17.08 47.76 9.13
C SER D 20 18.41 47.66 9.93
N ILE D 21 19.38 46.91 9.38
CA ILE D 21 20.68 46.73 9.98
C ILE D 21 21.65 47.14 8.91
N SER D 22 22.64 47.93 9.30
CA SER D 22 23.63 48.43 8.39
C SER D 22 25.00 47.78 8.66
N CYS D 23 25.77 47.64 7.60
CA CYS D 23 27.10 47.10 7.68
C CYS D 23 27.96 47.85 6.67
N ARG D 24 29.14 48.31 7.11
CA ARG D 24 30.09 48.93 6.19
C ARG D 24 31.47 48.27 6.24
N SER D 25 32.12 48.19 5.07
CA SER D 25 33.40 47.51 4.92
C SER D 25 34.46 48.59 4.77
N SER D 26 35.69 48.27 5.20
CA SER D 26 36.81 49.18 5.13
C SER D 26 37.40 49.22 3.71
N GLN D 27 37.01 48.31 2.83
CA GLN D 27 37.31 48.36 1.39
C GLN D 27 36.13 47.78 0.61
N SER D 28 36.13 48.01 -0.70
CA SER D 28 35.01 47.56 -1.51
C SER D 28 34.96 46.03 -1.56
N LEU D 29 33.76 45.49 -1.50
CA LEU D 29 33.54 44.01 -1.58
C LEU D 29 32.95 43.62 -2.92
N LEU D 30 32.77 44.62 -3.81
CA LEU D 30 32.47 44.41 -5.22
C LEU D 30 33.72 43.97 -5.93
N HIS D 31 33.72 42.69 -6.35
CA HIS D 31 34.81 42.10 -7.05
C HIS D 31 34.61 42.53 -8.53
N ARG D 32 35.70 42.51 -9.29
CA ARG D 32 35.67 42.84 -10.71
C ARG D 32 34.79 41.88 -11.55
N SER D 33 34.59 40.65 -11.07
CA SER D 33 33.54 39.70 -11.60
C SER D 33 32.09 40.09 -11.43
N GLY D 34 31.83 41.11 -10.65
CA GLY D 34 30.48 41.62 -10.44
C GLY D 34 29.78 41.11 -9.18
N HIS D 35 30.36 40.11 -8.53
CA HIS D 35 29.86 39.60 -7.26
C HIS D 35 30.21 40.57 -6.12
N LYS D 36 29.24 40.80 -5.23
CA LYS D 36 29.50 41.53 -3.96
C LYS D 36 29.64 40.49 -2.83
N TYR D 37 30.85 40.26 -2.31
CA TYR D 37 31.10 39.16 -1.34
C TYR D 37 30.76 39.56 0.13
N LEU D 38 29.49 39.92 0.33
CA LEU D 38 28.96 40.25 1.64
C LEU D 38 27.74 39.39 1.90
N HIS D 39 27.65 38.84 3.13
CA HIS D 39 26.55 37.87 3.46
C HIS D 39 25.99 38.26 4.82
N TRP D 40 24.73 37.91 5.06
CA TRP D 40 24.02 38.19 6.29
C TRP D 40 23.45 36.90 6.87
N TYR D 41 23.63 36.72 8.19
N TYR D 41 23.55 36.77 8.20
CA TYR D 41 23.18 35.49 8.85
CA TYR D 41 23.28 35.52 8.91
C TYR D 41 22.56 35.76 10.22
C TYR D 41 22.55 35.78 10.20
N LEU D 42 21.75 34.81 10.63
CA LEU D 42 21.07 34.84 11.89
C LEU D 42 21.63 33.73 12.74
N GLN D 43 21.99 34.06 13.99
CA GLN D 43 22.60 33.18 14.95
C GLN D 43 21.60 33.09 16.11
N ARG D 44 21.03 31.93 16.26
CA ARG D 44 20.19 31.57 17.45
C ARG D 44 20.93 30.53 18.34
N PRO D 45 20.54 30.41 19.64
CA PRO D 45 21.26 29.50 20.53
C PRO D 45 21.18 28.05 20.15
N GLY D 46 22.32 27.34 20.28
CA GLY D 46 22.44 25.92 20.02
C GLY D 46 22.32 25.48 18.56
N GLN D 47 22.44 26.40 17.59
CA GLN D 47 22.44 26.02 16.19
C GLN D 47 23.40 26.77 15.35
N SER D 48 23.71 26.23 14.17
CA SER D 48 24.60 26.92 13.20
C SER D 48 24.04 28.27 12.77
N PRO D 49 24.90 29.20 12.38
CA PRO D 49 24.52 30.34 11.60
C PRO D 49 23.61 29.94 10.42
N GLN D 50 22.54 30.70 10.22
CA GLN D 50 21.54 30.48 9.19
C GLN D 50 21.70 31.59 8.17
N VAL D 51 22.09 31.22 6.96
CA VAL D 51 22.32 32.18 5.88
C VAL D 51 20.99 32.77 5.53
N LEU D 52 20.92 34.10 5.56
CA LEU D 52 19.69 34.81 5.18
C LEU D 52 19.83 35.37 3.76
N ILE D 53 20.87 36.21 3.59
CA ILE D 53 21.18 36.90 2.37
C ILE D 53 22.57 36.63 2.00
N TYR D 54 22.80 36.18 0.75
CA TYR D 54 24.14 35.93 0.28
C TYR D 54 24.46 36.78 -0.91
N LEU D 55 25.75 36.98 -1.10
CA LEU D 55 26.37 37.76 -2.21
C LEU D 55 25.60 39.03 -2.38
N GLY D 56 25.42 39.73 -1.25
CA GLY D 56 24.83 41.10 -1.25
C GLY D 56 23.34 41.15 -1.19
N SER D 57 22.67 40.38 -2.07
CA SER D 57 21.21 40.52 -2.22
C SER D 57 20.38 39.23 -2.49
N ASN D 58 21.03 38.08 -2.54
CA ASN D 58 20.32 36.83 -2.88
C ASN D 58 19.74 36.15 -1.64
N ARG D 59 18.46 35.98 -1.61
CA ARG D 59 17.79 35.33 -0.56
C ARG D 59 18.05 33.83 -0.66
N ALA D 60 18.41 33.21 0.46
CA ALA D 60 18.65 31.80 0.50
C ALA D 60 17.31 31.02 0.54
N SER D 61 17.35 29.79 0.06
CA SER D 61 16.15 28.94 0.03
C SER D 61 15.55 28.75 1.38
N GLY D 62 14.23 28.80 1.48
CA GLY D 62 13.56 28.67 2.78
C GLY D 62 13.54 29.89 3.69
N VAL D 63 14.19 30.98 3.30
CA VAL D 63 14.19 32.22 4.12
C VAL D 63 12.92 32.94 3.73
N PRO D 64 12.15 33.43 4.71
CA PRO D 64 10.96 34.21 4.35
C PRO D 64 11.24 35.44 3.47
N ASP D 65 10.24 35.80 2.69
CA ASP D 65 10.28 36.92 1.73
C ASP D 65 10.47 38.28 2.44
N ARG D 66 10.09 38.37 3.72
CA ARG D 66 10.25 39.59 4.50
C ARG D 66 11.68 40.04 4.74
N PHE D 67 12.64 39.13 4.53
CA PHE D 67 14.06 39.44 4.49
C PHE D 67 14.53 39.88 3.13
N SER D 68 15.28 40.99 3.05
CA SER D 68 15.96 41.39 1.84
C SER D 68 17.25 42.15 2.18
N GLY D 69 18.20 42.13 1.26
CA GLY D 69 19.44 42.86 1.39
C GLY D 69 19.81 43.61 0.13
N SER D 70 20.54 44.71 0.32
CA SER D 70 21.12 45.48 -0.80
C SER D 70 22.41 46.14 -0.33
N GLY D 71 23.11 46.75 -1.28
CA GLY D 71 24.31 47.53 -0.96
C GLY D 71 25.25 47.80 -2.14
N SER D 72 26.11 48.77 -1.92
CA SER D 72 27.13 49.18 -2.88
C SER D 72 28.27 48.18 -2.78
N GLY D 73 29.49 48.62 -3.06
CA GLY D 73 30.68 47.89 -2.73
C GLY D 73 31.06 47.94 -1.26
N THR D 74 30.72 49.06 -0.58
CA THR D 74 31.13 49.32 0.81
C THR D 74 30.04 49.44 1.88
N ASP D 75 28.79 49.70 1.50
CA ASP D 75 27.72 50.00 2.43
C ASP D 75 26.54 49.10 2.11
N PHE D 76 26.08 48.35 3.12
CA PHE D 76 25.08 47.30 2.93
C PHE D 76 24.03 47.37 4.00
N THR D 77 22.84 46.92 3.64
CA THR D 77 21.69 46.96 4.52
C THR D 77 20.90 45.67 4.44
N LEU D 78 20.61 45.10 5.62
CA LEU D 78 19.63 43.99 5.73
C LEU D 78 18.34 44.64 6.18
N LYS D 79 17.24 44.30 5.50
CA LYS D 79 15.93 44.78 5.82
C LYS D 79 15.03 43.59 6.14
N ILE D 80 14.27 43.75 7.21
CA ILE D 80 13.27 42.82 7.65
C ILE D 80 12.00 43.63 7.75
N SER D 81 11.00 43.28 6.90
CA SER D 81 9.79 44.12 6.75
C SER D 81 8.86 44.02 7.97
N ARG D 82 8.78 42.85 8.60
CA ARG D 82 8.22 42.72 9.95
C ARG D 82 9.11 41.71 10.73
N VAL D 83 9.00 41.75 12.04
CA VAL D 83 9.88 40.99 12.91
C VAL D 83 9.08 40.05 13.79
N GLU D 84 9.14 38.78 13.45
CA GLU D 84 8.46 37.74 14.20
C GLU D 84 9.38 37.20 15.33
N ALA D 85 8.78 36.46 16.27
CA ALA D 85 9.47 35.76 17.34
C ALA D 85 10.55 34.85 16.79
N GLU D 86 10.24 34.19 15.68
CA GLU D 86 11.20 33.33 14.94
C GLU D 86 12.47 34.12 14.45
N ASP D 87 12.36 35.44 14.32
CA ASP D 87 13.43 36.27 13.83
C ASP D 87 14.33 36.83 14.94
N VAL D 88 13.97 36.61 16.20
CA VAL D 88 14.77 37.09 17.35
C VAL D 88 16.10 36.36 17.40
N GLY D 89 17.19 37.12 17.56
CA GLY D 89 18.52 36.52 17.75
C GLY D 89 19.58 37.52 17.36
N LEU D 90 20.74 36.97 17.01
CA LEU D 90 21.95 37.77 16.78
C LEU D 90 22.26 37.74 15.28
N TYR D 91 22.30 38.92 14.63
CA TYR D 91 22.48 39.07 13.18
C TYR D 91 23.85 39.58 12.90
N TYR D 92 24.59 38.90 11.99
CA TYR D 92 25.95 39.32 11.62
C TYR D 92 26.02 39.51 10.13
N CYS D 93 26.71 40.56 9.69
CA CYS D 93 27.25 40.58 8.36
C CYS D 93 28.61 39.94 8.38
N MET D 94 29.06 39.42 7.22
CA MET D 94 30.41 38.91 7.04
C MET D 94 30.86 39.07 5.59
N GLN D 95 32.15 39.30 5.42
CA GLN D 95 32.76 39.40 4.12
C GLN D 95 33.59 38.20 3.85
N THR D 96 33.52 37.75 2.58
CA THR D 96 34.35 36.67 2.07
C THR D 96 35.15 37.00 0.78
N LEU D 97 35.39 38.30 0.57
CA LEU D 97 36.27 38.77 -0.51
C LEU D 97 37.63 38.19 -0.32
N GLN D 98 38.16 38.33 0.87
CA GLN D 98 39.48 37.81 1.25
C GLN D 98 39.36 37.02 2.53
N THR D 99 40.36 36.13 2.75
CA THR D 99 40.60 35.49 3.98
C THR D 99 41.65 36.34 4.74
N PRO D 100 41.52 36.45 6.09
CA PRO D 100 40.46 35.86 6.93
C PRO D 100 39.11 36.45 6.70
N TRP D 101 38.09 35.60 6.70
CA TRP D 101 36.73 36.09 6.69
C TRP D 101 36.57 36.91 8.01
N THR D 102 35.83 37.99 7.92
CA THR D 102 35.64 38.93 9.04
C THR D 102 34.20 39.32 9.13
N PHE D 103 33.83 39.74 10.33
CA PHE D 103 32.43 39.79 10.74
C PHE D 103 32.17 41.18 11.40
N GLY D 104 31.02 41.71 11.16
CA GLY D 104 30.55 42.84 11.92
C GLY D 104 30.31 42.50 13.36
N GLN D 105 30.05 43.53 14.16
CA GLN D 105 29.89 43.45 15.63
C GLN D 105 28.67 42.63 16.09
N GLY D 106 27.66 42.55 15.24
CA GLY D 106 26.47 41.81 15.50
C GLY D 106 25.37 42.72 16.06
N THR D 107 24.15 42.38 15.74
CA THR D 107 22.96 43.16 16.14
C THR D 107 22.02 42.15 16.85
N LYS D 108 21.65 42.46 18.07
CA LYS D 108 20.72 41.72 18.86
C LYS D 108 19.34 42.26 18.56
N VAL D 109 18.60 41.49 17.77
CA VAL D 109 17.20 41.83 17.46
C VAL D 109 16.32 41.13 18.45
N GLU D 110 15.47 41.90 19.13
CA GLU D 110 14.43 41.38 20.01
C GLU D 110 13.07 42.02 19.72
N ILE D 111 12.02 41.36 20.17
CA ILE D 111 10.66 41.95 20.15
C ILE D 111 10.53 42.99 21.24
N LYS D 112 10.09 44.19 20.87
CA LYS D 112 9.84 45.27 21.80
C LYS D 112 8.40 45.16 22.25
N ARG D 113 8.18 45.32 23.56
CA ARG D 113 6.85 45.29 24.15
C ARG D 113 6.79 46.34 25.24
N THR D 114 5.65 46.44 25.92
CA THR D 114 5.46 47.37 27.04
C THR D 114 6.35 46.92 28.21
N VAL D 115 6.79 47.89 29.01
CA VAL D 115 7.55 47.64 30.21
C VAL D 115 6.74 46.71 31.11
N ALA D 116 7.40 45.64 31.57
CA ALA D 116 6.86 44.67 32.54
C ALA D 116 7.88 44.49 33.71
N ALA D 117 7.45 44.82 34.92
CA ALA D 117 8.23 44.58 36.14
C ALA D 117 8.43 43.07 36.40
N PRO D 118 9.57 42.73 37.02
CA PRO D 118 9.77 41.36 37.42
C PRO D 118 8.92 40.99 38.64
N SER D 119 8.38 39.76 38.65
CA SER D 119 7.93 39.07 39.85
C SER D 119 9.15 38.44 40.50
N VAL D 120 9.41 38.77 41.77
CA VAL D 120 10.60 38.37 42.48
C VAL D 120 10.29 37.28 43.49
N PHE D 121 11.14 36.24 43.55
CA PHE D 121 11.06 35.16 44.52
C PHE D 121 12.46 34.82 45.05
N ILE D 122 12.57 34.61 46.35
CA ILE D 122 13.82 34.15 47.02
C ILE D 122 13.66 32.70 47.49
N PHE D 123 14.72 31.94 47.35
CA PHE D 123 14.75 30.53 47.78
C PHE D 123 15.92 30.32 48.71
N PRO D 124 15.64 29.89 49.93
CA PRO D 124 16.77 29.49 50.83
C PRO D 124 17.42 28.15 50.39
N PRO D 125 18.59 27.84 50.93
CA PRO D 125 19.21 26.56 50.64
C PRO D 125 18.37 25.44 51.22
N SER D 126 18.27 24.32 50.52
CA SER D 126 17.60 23.12 51.03
C SER D 126 18.45 22.46 52.16
N ASP D 127 17.78 21.68 53.01
CA ASP D 127 18.48 20.94 54.09
C ASP D 127 19.46 19.92 53.48
N GLU D 128 19.05 19.24 52.42
CA GLU D 128 19.94 18.33 51.68
C GLU D 128 21.28 18.96 51.32
N GLN D 129 21.23 20.17 50.75
CA GLN D 129 22.48 20.88 50.38
C GLN D 129 23.31 21.26 51.55
N LEU D 130 22.65 21.75 52.61
CA LEU D 130 23.39 22.10 53.83
C LEU D 130 24.19 20.95 54.49
N LYS D 131 23.66 19.73 54.42
CA LYS D 131 24.42 18.53 54.80
C LYS D 131 25.76 18.36 54.05
N SER D 132 25.83 18.79 52.79
CA SER D 132 27.07 18.74 51.95
C SER D 132 28.13 19.78 52.30
N GLY D 133 27.76 20.81 53.06
CA GLY D 133 28.72 21.86 53.39
C GLY D 133 28.72 23.16 52.64
N THR D 134 27.69 23.33 51.80
CA THR D 134 27.55 24.52 50.94
CA THR D 134 27.56 24.53 50.94
C THR D 134 26.14 25.01 50.97
N ALA D 135 25.96 26.31 50.81
CA ALA D 135 24.63 26.95 50.83
C ALA D 135 24.51 27.78 49.58
N SER D 136 23.49 27.50 48.78
CA SER D 136 23.14 28.29 47.62
C SER D 136 21.81 28.98 47.89
N VAL D 137 21.81 30.31 47.80
CA VAL D 137 20.57 31.09 47.88
C VAL D 137 20.24 31.64 46.48
N VAL D 138 18.99 31.48 46.07
CA VAL D 138 18.59 31.74 44.69
C VAL D 138 17.52 32.84 44.68
N CYS D 139 17.74 33.83 43.82
CA CYS D 139 16.75 34.91 43.57
C CYS D 139 16.25 34.85 42.13
N LEU D 140 14.96 34.62 41.93
CA LEU D 140 14.36 34.51 40.63
C LEU D 140 13.66 35.82 40.29
N LEU D 141 13.99 36.41 39.14
CA LEU D 141 13.26 37.58 38.57
C LEU D 141 12.52 37.06 37.37
N ASN D 142 11.20 37.03 37.46
CA ASN D 142 10.37 36.36 36.47
C ASN D 142 9.60 37.30 35.54
N ASN D 143 9.76 37.08 34.24
CA ASN D 143 8.91 37.65 33.19
C ASN D 143 8.89 39.15 33.18
N PHE D 144 10.06 39.74 32.89
CA PHE D 144 10.25 41.20 32.80
C PHE D 144 10.70 41.70 31.44
N TYR D 145 10.52 42.99 31.20
CA TYR D 145 10.95 43.71 30.00
C TYR D 145 11.11 45.19 30.33
N PRO D 146 12.20 45.86 29.89
CA PRO D 146 13.32 45.38 29.10
C PRO D 146 14.30 44.44 29.83
N ARG D 147 15.29 43.98 29.10
CA ARG D 147 16.22 42.99 29.61
C ARG D 147 17.09 43.49 30.75
N GLU D 148 17.29 44.81 30.87
CA GLU D 148 18.16 45.36 31.93
C GLU D 148 17.52 45.16 33.29
N ALA D 149 18.26 44.51 34.17
CA ALA D 149 17.87 44.38 35.58
C ALA D 149 19.11 44.27 36.42
N LYS D 150 19.04 44.71 37.67
CA LYS D 150 20.14 44.58 38.66
C LYS D 150 19.65 43.85 39.92
N VAL D 151 20.37 42.80 40.32
CA VAL D 151 20.20 42.08 41.57
C VAL D 151 21.34 42.46 42.48
N GLN D 152 20.98 42.85 43.69
CA GLN D 152 21.93 43.12 44.76
C GLN D 152 21.61 42.21 45.97
N TRP D 153 22.59 41.40 46.39
CA TRP D 153 22.48 40.53 47.52
C TRP D 153 22.88 41.25 48.79
N LYS D 154 22.09 40.99 49.87
CA LYS D 154 22.39 41.49 51.23
C LYS D 154 22.26 40.41 52.23
N VAL D 155 23.29 40.28 53.06
CA VAL D 155 23.39 39.24 54.11
C VAL D 155 23.57 40.00 55.44
N ASP D 156 22.63 39.83 56.36
CA ASP D 156 22.58 40.75 57.61
C ASP D 156 22.69 42.25 57.25
N ASN D 157 21.98 42.64 56.16
CA ASN D 157 21.92 44.01 55.65
C ASN D 157 23.26 44.63 55.16
N ALA D 158 24.22 43.77 54.84
CA ALA D 158 25.52 44.22 54.34
C ALA D 158 25.53 43.80 52.84
N LEU D 159 25.88 44.73 51.98
CA LEU D 159 25.98 44.52 50.52
C LEU D 159 27.05 43.47 50.17
N GLN D 160 26.67 42.45 49.40
CA GLN D 160 27.60 41.37 49.04
C GLN D 160 28.25 41.69 47.70
N SER D 161 29.39 41.07 47.48
CA SER D 161 30.20 41.28 46.26
C SER D 161 31.06 40.08 46.02
N GLY D 162 31.15 39.64 44.75
CA GLY D 162 32.05 38.58 44.39
C GLY D 162 31.61 37.19 44.64
N ASN D 163 30.40 36.99 45.22
CA ASN D 163 29.95 35.62 45.61
C ASN D 163 28.59 35.24 44.97
N SER D 164 28.28 35.87 43.88
CA SER D 164 27.08 35.58 43.13
C SER D 164 27.34 35.45 41.62
N GLN D 165 26.46 34.70 40.95
CA GLN D 165 26.48 34.58 39.54
C GLN D 165 25.08 34.55 39.06
N GLU D 166 24.87 35.03 37.84
CA GLU D 166 23.52 35.04 37.28
C GLU D 166 23.49 34.61 35.85
N SER D 167 22.28 34.33 35.37
CA SER D 167 22.03 34.14 33.94
C SER D 167 20.60 34.46 33.59
N VAL D 168 20.36 34.66 32.30
CA VAL D 168 19.10 35.21 31.81
C VAL D 168 18.64 34.30 30.69
N THR D 169 17.32 34.04 30.64
CA THR D 169 16.74 33.28 29.56
C THR D 169 16.73 34.07 28.22
N GLU D 170 16.53 33.34 27.13
CA GLU D 170 16.23 33.99 25.87
C GLU D 170 14.81 34.60 25.99
N GLN D 171 14.54 35.56 25.13
CA GLN D 171 13.22 36.19 25.07
C GLN D 171 12.10 35.16 24.83
N ASP D 172 11.05 35.27 25.62
CA ASP D 172 9.92 34.31 25.52
C ASP D 172 9.15 34.63 24.23
N SER D 173 8.85 33.59 23.47
CA SER D 173 8.11 33.67 22.19
C SER D 173 6.71 34.23 22.35
N LYS D 174 6.00 33.75 23.38
CA LYS D 174 4.61 34.17 23.63
C LYS D 174 4.49 35.59 24.17
N ASP D 175 5.10 35.88 25.34
CA ASP D 175 4.93 37.18 26.02
C ASP D 175 6.10 38.22 25.85
N SER D 176 7.13 37.86 25.08
CA SER D 176 8.30 38.77 24.82
C SER D 176 9.11 39.25 26.07
N THR D 177 9.05 38.49 27.15
CA THR D 177 9.74 38.81 28.40
C THR D 177 11.01 37.96 28.62
N TYR D 178 11.80 38.42 29.54
CA TYR D 178 13.00 37.75 30.03
C TYR D 178 12.84 37.34 31.50
N SER D 179 13.56 36.32 31.92
CA SER D 179 13.63 35.93 33.31
C SER D 179 15.14 35.76 33.68
N LEU D 180 15.48 36.01 34.93
CA LEU D 180 16.84 35.97 35.42
C LEU D 180 16.88 35.21 36.71
N SER D 181 17.95 34.42 36.92
CA SER D 181 18.19 33.67 38.13
C SER D 181 19.55 34.08 38.64
N SER D 182 19.62 34.47 39.92
CA SER D 182 20.93 34.77 40.57
C SER D 182 21.10 33.83 41.71
N THR D 183 22.33 33.32 41.87
CA THR D 183 22.69 32.42 42.93
C THR D 183 23.78 33.04 43.78
N LEU D 184 23.52 33.17 45.10
CA LEU D 184 24.52 33.53 46.10
C LEU D 184 25.04 32.24 46.71
N THR D 185 26.36 32.11 46.78
CA THR D 185 27.00 30.86 47.21
C THR D 185 27.91 31.17 48.38
N LEU D 186 27.63 30.52 49.50
CA LEU D 186 28.40 30.64 50.73
C LEU D 186 28.65 29.23 51.27
N SER D 187 29.72 29.10 52.08
CA SER D 187 29.97 27.87 52.82
C SER D 187 28.87 27.75 53.86
N LYS D 188 28.56 26.53 54.27
CA LYS D 188 27.62 26.19 55.42
C LYS D 188 27.98 26.99 56.68
N ALA D 189 29.27 27.14 56.99
CA ALA D 189 29.73 27.89 58.19
C ALA D 189 29.31 29.35 58.10
N ASP D 190 29.62 29.98 56.97
CA ASP D 190 29.27 31.37 56.69
C ASP D 190 27.79 31.58 56.62
N TYR D 191 27.05 30.63 56.04
CA TYR D 191 25.57 30.69 56.10
C TYR D 191 25.00 30.69 57.54
N GLU D 192 25.51 29.81 58.38
CA GLU D 192 25.06 29.65 59.79
C GLU D 192 25.46 30.84 60.68
N LYS D 193 26.48 31.61 60.28
CA LYS D 193 26.90 32.82 61.02
C LYS D 193 25.95 34.03 60.82
N HIS D 194 25.01 33.96 59.85
CA HIS D 194 24.14 35.11 59.53
C HIS D 194 22.69 34.75 59.59
N LYS D 195 21.84 35.77 59.73
CA LYS D 195 20.41 35.60 59.88
C LYS D 195 19.55 35.97 58.66
N VAL D 196 19.75 37.19 58.17
CA VAL D 196 18.88 37.78 57.15
C VAL D 196 19.52 37.62 55.75
N TYR D 197 18.79 37.00 54.84
CA TYR D 197 19.22 36.86 53.43
C TYR D 197 18.20 37.56 52.59
N ALA D 198 18.65 38.50 51.79
CA ALA D 198 17.76 39.33 50.94
C ALA D 198 18.37 39.55 49.52
N CYS D 199 17.51 39.55 48.54
CA CYS D 199 17.86 40.04 47.19
C CYS D 199 16.99 41.27 46.86
N GLU D 200 17.64 42.33 46.49
CA GLU D 200 17.02 43.61 46.16
C GLU D 200 17.14 43.76 44.61
N VAL D 201 15.99 44.00 43.98
CA VAL D 201 15.88 44.02 42.51
C VAL D 201 15.56 45.43 42.03
N THR D 202 16.37 45.92 41.09
CA THR D 202 16.15 47.19 40.41
C THR D 202 15.81 46.91 38.95
N HIS D 203 14.73 47.55 38.51
CA HIS D 203 14.23 47.43 37.17
C HIS D 203 13.39 48.67 36.81
N GLN D 204 13.33 49.01 35.53
CA GLN D 204 12.58 50.23 35.01
C GLN D 204 11.08 50.23 35.39
N GLY D 205 10.44 49.07 35.23
CA GLY D 205 9.10 48.74 35.75
C GLY D 205 8.77 48.87 37.25
N LEU D 206 9.75 49.10 38.12
CA LEU D 206 9.58 49.23 39.56
C LEU D 206 9.91 50.65 39.97
N SER D 207 8.99 51.29 40.72
CA SER D 207 9.14 52.71 41.18
C SER D 207 10.35 52.83 42.11
N SER D 208 10.51 51.84 42.96
CA SER D 208 11.66 51.77 43.90
C SER D 208 12.07 50.28 43.95
N PRO D 209 13.28 49.96 44.43
CA PRO D 209 13.71 48.54 44.39
C PRO D 209 12.78 47.62 45.17
N VAL D 210 12.55 46.41 44.66
CA VAL D 210 11.79 45.34 45.39
C VAL D 210 12.79 44.48 46.14
N THR D 211 12.55 44.26 47.43
CA THR D 211 13.35 43.32 48.23
C THR D 211 12.48 42.11 48.61
N LYS D 212 13.03 40.91 48.43
CA LYS D 212 12.47 39.70 48.99
C LYS D 212 13.54 39.14 49.94
N SER D 213 13.10 38.57 51.04
CA SER D 213 13.99 38.12 52.12
C SER D 213 13.44 36.96 52.87
N PHE D 214 14.34 36.32 53.64
CA PHE D 214 13.99 35.30 54.61
C PHE D 214 15.00 35.39 55.77
N ASN D 215 14.63 34.77 56.89
CA ASN D 215 15.49 34.62 58.02
C ASN D 215 15.76 33.15 58.14
N ARG D 216 17.05 32.83 58.36
CA ARG D 216 17.53 31.46 58.50
C ARG D 216 16.92 30.86 59.77
N GLY D 217 16.23 29.72 59.58
CA GLY D 217 15.43 29.04 60.62
C GLY D 217 13.94 29.40 60.67
N GLU D 218 13.41 30.02 59.61
CA GLU D 218 11.99 30.47 59.46
C GLU D 218 11.65 31.62 60.36
N PCA E 1 -18.12 -24.26 -18.07
CA PCA E 1 -17.57 -22.97 -17.64
CB PCA E 1 -18.31 -22.77 -16.33
CG PCA E 1 -18.80 -24.15 -15.85
CD PCA E 1 -18.68 -24.95 -17.10
OE PCA E 1 -19.11 -26.08 -17.18
C PCA E 1 -16.06 -23.00 -17.40
O PCA E 1 -15.50 -24.12 -17.17
N VAL E 2 -15.42 -21.84 -17.37
CA VAL E 2 -14.02 -21.75 -16.88
C VAL E 2 -14.03 -22.00 -15.39
N GLN E 3 -13.17 -22.91 -14.93
CA GLN E 3 -13.10 -23.26 -13.50
C GLN E 3 -11.66 -23.45 -13.08
N LEU E 4 -11.37 -23.02 -11.89
CA LEU E 4 -10.04 -23.25 -11.24
C LEU E 4 -10.40 -23.76 -9.86
N VAL E 5 -9.93 -24.98 -9.57
CA VAL E 5 -10.19 -25.64 -8.32
C VAL E 5 -8.86 -25.90 -7.60
N GLN E 6 -8.78 -25.39 -6.38
CA GLN E 6 -7.58 -25.45 -5.60
C GLN E 6 -7.63 -26.59 -4.61
N SER E 7 -6.46 -27.00 -4.16
CA SER E 7 -6.33 -27.95 -3.03
C SER E 7 -6.81 -27.32 -1.69
N GLY E 8 -6.96 -28.17 -0.67
CA GLY E 8 -7.61 -27.84 0.57
C GLY E 8 -6.76 -27.07 1.56
N ALA E 9 -7.40 -26.70 2.70
CA ALA E 9 -6.83 -25.88 3.72
C ALA E 9 -5.52 -26.52 4.28
N GLU E 10 -4.52 -25.66 4.60
CA GLU E 10 -3.25 -26.12 5.09
C GLU E 10 -2.92 -25.46 6.43
N VAL E 11 -2.35 -26.23 7.31
CA VAL E 11 -1.91 -25.77 8.59
C VAL E 11 -0.43 -26.16 8.70
N LYS E 12 0.48 -25.17 8.76
CA LYS E 12 1.90 -25.44 8.79
C LYS E 12 2.63 -24.68 9.96
N LYS E 13 3.73 -25.23 10.39
CA LYS E 13 4.57 -24.66 11.41
C LYS E 13 5.51 -23.63 10.75
N PRO E 14 5.94 -22.60 11.51
CA PRO E 14 6.94 -21.67 10.97
C PRO E 14 8.18 -22.39 10.38
N GLY E 15 8.66 -21.94 9.23
CA GLY E 15 9.80 -22.56 8.54
C GLY E 15 9.45 -23.67 7.59
N ALA E 16 8.27 -24.27 7.70
CA ALA E 16 7.84 -25.38 6.78
C ALA E 16 7.45 -24.81 5.40
N PRO E 17 7.49 -25.62 4.34
CA PRO E 17 6.95 -25.18 3.07
C PRO E 17 5.42 -25.50 2.96
N VAL E 18 4.77 -24.87 2.01
CA VAL E 18 3.41 -25.30 1.59
C VAL E 18 3.39 -25.34 0.06
N LYS E 19 2.70 -26.35 -0.52
CA LYS E 19 2.46 -26.44 -1.95
C LYS E 19 0.97 -26.46 -2.21
N VAL E 20 0.46 -25.44 -2.91
CA VAL E 20 -0.95 -25.35 -3.28
C VAL E 20 -1.04 -25.73 -4.74
N SER E 21 -2.03 -26.57 -5.09
CA SER E 21 -2.34 -26.89 -6.47
C SER E 21 -3.61 -26.20 -6.97
N CYS E 22 -3.71 -26.04 -8.26
CA CYS E 22 -4.78 -25.25 -8.96
C CYS E 22 -5.04 -25.91 -10.31
N GLU E 23 -6.07 -26.76 -10.32
CA GLU E 23 -6.50 -27.47 -11.47
C GLU E 23 -7.47 -26.59 -12.20
N THR E 24 -7.35 -26.57 -13.50
CA THR E 24 -8.22 -25.77 -14.37
C THR E 24 -8.98 -26.59 -15.36
N SER E 25 -10.12 -26.06 -15.81
CA SER E 25 -10.86 -26.59 -16.96
C SER E 25 -11.69 -25.54 -17.63
N GLY E 26 -12.21 -25.89 -18.78
CA GLY E 26 -13.10 -25.04 -19.58
C GLY E 26 -12.46 -24.00 -20.45
N TYR E 27 -11.15 -24.12 -20.66
CA TYR E 27 -10.39 -23.22 -21.53
C TYR E 27 -9.04 -23.87 -21.80
N ARG E 28 -8.32 -23.39 -22.83
CA ARG E 28 -7.04 -23.91 -23.17
C ARG E 28 -6.01 -23.40 -22.20
N PHE E 29 -5.54 -24.31 -21.34
CA PHE E 29 -4.59 -24.01 -20.25
C PHE E 29 -3.29 -23.35 -20.74
N SER E 30 -2.79 -23.79 -21.89
CA SER E 30 -1.56 -23.21 -22.50
C SER E 30 -1.61 -21.71 -22.90
N ASP E 31 -2.79 -21.22 -23.18
CA ASP E 31 -2.98 -19.88 -23.71
C ASP E 31 -2.98 -18.74 -22.72
N TYR E 32 -3.10 -18.99 -21.40
CA TYR E 32 -3.21 -17.89 -20.38
C TYR E 32 -2.19 -17.99 -19.28
N PHE E 33 -1.65 -16.84 -18.84
CA PHE E 33 -0.80 -16.80 -17.65
C PHE E 33 -1.67 -17.22 -16.44
N VAL E 34 -1.06 -17.83 -15.44
CA VAL E 34 -1.73 -18.16 -14.15
C VAL E 34 -0.98 -17.38 -13.11
N HIS E 35 -1.73 -16.55 -12.39
CA HIS E 35 -1.19 -15.66 -11.37
C HIS E 35 -1.59 -16.20 -10.01
N TRP E 36 -0.85 -15.80 -8.98
CA TRP E 36 -1.19 -16.13 -7.58
C TRP E 36 -1.27 -14.83 -6.79
N VAL E 37 -2.32 -14.75 -6.00
CA VAL E 37 -2.66 -13.61 -5.19
C VAL E 37 -2.99 -14.14 -3.84
N ARG E 38 -2.63 -13.43 -2.80
CA ARG E 38 -3.14 -13.74 -1.45
C ARG E 38 -3.78 -12.54 -0.77
N GLN E 39 -4.52 -12.83 0.30
CA GLN E 39 -5.01 -11.79 1.19
C GLN E 39 -4.96 -12.30 2.60
N ALA E 40 -4.13 -11.64 3.38
CA ALA E 40 -3.94 -11.92 4.78
C ALA E 40 -4.97 -11.13 5.60
N PRO E 41 -5.34 -11.66 6.73
CA PRO E 41 -6.32 -10.86 7.53
C PRO E 41 -5.75 -9.51 7.93
N GLY E 42 -6.58 -8.47 7.86
CA GLY E 42 -6.11 -7.10 8.17
C GLY E 42 -5.18 -6.47 7.20
N GLN E 43 -5.14 -6.99 5.96
CA GLN E 43 -4.25 -6.53 4.89
C GLN E 43 -5.02 -6.51 3.61
N GLY E 44 -4.62 -5.67 2.69
CA GLY E 44 -5.19 -5.72 1.35
C GLY E 44 -4.58 -6.90 0.56
N PRO E 45 -5.14 -7.22 -0.59
CA PRO E 45 -4.58 -8.29 -1.44
C PRO E 45 -3.20 -7.98 -1.98
N GLU E 46 -2.44 -9.02 -2.28
CA GLU E 46 -1.07 -8.94 -2.60
C GLU E 46 -0.78 -9.94 -3.78
N TRP E 47 -0.25 -9.41 -4.87
CA TRP E 47 0.21 -10.25 -5.99
C TRP E 47 1.48 -10.95 -5.65
N ILE E 48 1.52 -12.27 -5.81
CA ILE E 48 2.74 -13.08 -5.44
C ILE E 48 3.63 -13.31 -6.64
N GLY E 49 3.02 -13.71 -7.73
CA GLY E 49 3.77 -13.89 -9.02
C GLY E 49 2.89 -14.55 -10.03
N ARG E 50 3.49 -14.94 -11.12
CA ARG E 50 2.79 -15.67 -12.21
C ARG E 50 3.67 -16.68 -12.90
N ILE E 51 3.01 -17.61 -13.60
CA ILE E 51 3.67 -18.57 -14.48
C ILE E 51 3.00 -18.46 -15.87
N ARG E 52 3.83 -18.69 -16.89
CA ARG E 52 3.41 -18.74 -18.26
C ARG E 52 3.42 -20.22 -18.63
N PRO E 53 2.23 -20.87 -18.73
CA PRO E 53 2.19 -22.33 -18.95
C PRO E 53 2.90 -22.83 -20.22
N ASN E 54 2.78 -22.11 -21.35
CA ASN E 54 3.44 -22.61 -22.63
C ASN E 54 4.98 -22.75 -22.49
N SER E 55 5.63 -21.74 -21.92
CA SER E 55 7.10 -21.79 -21.68
C SER E 55 7.55 -22.33 -20.32
N GLY E 56 6.68 -22.26 -19.33
CA GLY E 56 7.07 -22.47 -17.95
C GLY E 56 7.72 -21.28 -17.26
N GLY E 57 7.80 -20.14 -17.94
CA GLY E 57 8.55 -19.02 -17.43
C GLY E 57 7.77 -18.36 -16.28
N THR E 58 8.50 -17.94 -15.27
CA THR E 58 7.91 -17.35 -14.08
C THR E 58 8.37 -15.91 -13.84
N LYS E 59 7.56 -15.17 -13.09
CA LYS E 59 7.93 -13.82 -12.59
C LYS E 59 7.34 -13.72 -11.18
N TYR E 60 8.17 -13.34 -10.21
CA TYR E 60 7.75 -13.25 -8.83
C TYR E 60 7.89 -11.80 -8.33
N ALA E 61 6.99 -11.36 -7.44
CA ALA E 61 7.18 -10.07 -6.73
C ALA E 61 8.49 -10.09 -5.91
N GLN E 62 9.14 -8.92 -5.79
CA GLN E 62 10.44 -8.83 -5.13
C GLN E 62 10.41 -9.50 -3.76
N LYS E 63 9.32 -9.25 -2.99
CA LYS E 63 9.04 -9.77 -1.70
C LYS E 63 9.13 -11.26 -1.57
N PHE E 64 8.76 -11.99 -2.60
CA PHE E 64 8.73 -13.48 -2.54
C PHE E 64 9.87 -14.10 -3.30
N GLN E 65 10.71 -13.28 -3.94
CA GLN E 65 11.86 -13.79 -4.66
C GLN E 65 12.80 -14.53 -3.69
N GLY E 66 13.18 -15.74 -4.06
CA GLY E 66 13.98 -16.59 -3.22
C GLY E 66 13.20 -17.61 -2.39
N ARG E 67 11.87 -17.43 -2.26
CA ARG E 67 11.10 -18.32 -1.44
C ARG E 67 9.83 -18.92 -2.06
N VAL E 68 9.47 -18.53 -3.27
CA VAL E 68 8.32 -19.08 -3.97
C VAL E 68 8.83 -19.79 -5.26
N THR E 69 8.13 -20.86 -5.61
CA THR E 69 8.41 -21.61 -6.83
C THR E 69 7.07 -21.93 -7.44
N MET E 70 6.87 -21.44 -8.61
CA MET E 70 5.64 -21.75 -9.40
C MET E 70 6.01 -22.71 -10.46
N THR E 71 5.15 -23.75 -10.64
CA THR E 71 5.32 -24.75 -11.67
C THR E 71 3.97 -25.07 -12.28
N ARG E 72 3.97 -25.88 -13.34
CA ARG E 72 2.74 -26.38 -13.93
C ARG E 72 2.96 -27.74 -14.54
N ASP E 73 1.89 -28.50 -14.63
CA ASP E 73 1.85 -29.78 -15.32
C ASP E 73 0.81 -29.62 -16.43
N MET E 74 1.29 -29.47 -17.66
CA MET E 74 0.45 -29.28 -18.86
C MET E 74 -0.53 -30.42 -19.11
N SER E 75 -0.09 -31.63 -18.92
CA SER E 75 -0.95 -32.79 -19.11
C SER E 75 -2.11 -32.81 -18.15
N MET E 76 -1.96 -32.23 -16.94
CA MET E 76 -3.05 -32.17 -15.94
C MET E 76 -3.80 -30.80 -15.87
N ASN E 77 -3.45 -29.88 -16.74
CA ASN E 77 -3.99 -28.51 -16.74
C ASN E 77 -3.93 -27.88 -15.32
N THR E 78 -2.84 -28.14 -14.63
CA THR E 78 -2.67 -27.80 -13.22
C THR E 78 -1.43 -26.88 -13.05
N ALA E 79 -1.62 -25.80 -12.27
CA ALA E 79 -0.54 -24.93 -11.78
C ALA E 79 -0.29 -25.16 -10.31
N TYR E 80 0.96 -24.92 -9.86
CA TYR E 80 1.36 -25.13 -8.47
C TYR E 80 2.16 -23.92 -7.93
N MET E 81 1.98 -23.65 -6.67
CA MET E 81 2.79 -22.62 -5.99
C MET E 81 3.28 -23.22 -4.74
N GLU E 82 4.59 -23.16 -4.54
CA GLU E 82 5.24 -23.61 -3.34
C GLU E 82 5.96 -22.44 -2.68
N LEU E 83 5.56 -22.15 -1.46
CA LEU E 83 6.08 -21.08 -0.65
C LEU E 83 6.82 -21.69 0.48
N SER E 84 8.11 -21.42 0.56
CA SER E 84 8.97 -22.05 1.62
C SER E 84 9.22 -20.99 2.73
N GLY E 85 9.73 -21.46 3.86
CA GLY E 85 10.13 -20.55 4.94
C GLY E 85 8.93 -19.80 5.49
N LEU E 86 7.79 -20.50 5.66
CA LEU E 86 6.56 -19.83 6.11
C LEU E 86 6.73 -19.13 7.45
N ARG E 87 6.16 -17.93 7.54
CA ARG E 87 6.11 -17.17 8.78
C ARG E 87 4.68 -16.97 9.17
N SER E 88 4.41 -16.57 10.43
CA SER E 88 3.05 -16.17 10.85
C SER E 88 2.32 -15.26 9.86
N ASP E 89 3.02 -14.25 9.31
CA ASP E 89 2.43 -13.30 8.42
C ASP E 89 2.18 -13.79 6.98
N ASP E 90 2.55 -15.02 6.70
CA ASP E 90 2.08 -15.74 5.50
C ASP E 90 0.74 -16.42 5.70
N THR E 91 0.15 -16.33 6.90
CA THR E 91 -1.25 -16.75 7.12
C THR E 91 -2.19 -15.89 6.27
N ALA E 92 -2.95 -16.54 5.40
CA ALA E 92 -3.71 -15.82 4.34
C ALA E 92 -4.50 -16.86 3.54
N VAL E 93 -5.44 -16.36 2.75
CA VAL E 93 -6.09 -17.16 1.73
C VAL E 93 -5.31 -16.88 0.45
N TYR E 94 -4.95 -17.97 -0.23
CA TYR E 94 -4.15 -17.92 -1.48
C TYR E 94 -5.02 -18.31 -2.64
N TYR E 95 -5.00 -17.51 -3.73
CA TYR E 95 -5.76 -17.74 -4.91
C TYR E 95 -4.87 -17.94 -6.13
N CYS E 96 -5.28 -18.85 -7.00
CA CYS E 96 -4.72 -18.89 -8.34
C CYS E 96 -5.73 -18.16 -9.17
N VAL E 97 -5.25 -17.47 -10.19
CA VAL E 97 -6.08 -16.54 -11.03
C VAL E 97 -5.65 -16.73 -12.47
N ARG E 98 -6.59 -17.16 -13.32
CA ARG E 98 -6.31 -17.17 -14.78
C ARG E 98 -6.26 -15.71 -15.23
N GLY E 99 -5.36 -15.45 -16.14
CA GLY E 99 -5.11 -14.14 -16.75
C GLY E 99 -6.20 -13.73 -17.69
N HIS E 100 -6.00 -12.54 -18.21
CA HIS E 100 -6.91 -11.81 -19.10
C HIS E 100 -6.67 -12.07 -20.60
N CYS E 101 -5.39 -12.15 -21.02
CA CYS E 101 -5.02 -12.04 -22.44
C CYS E 101 -4.38 -13.32 -22.98
N ASP E 102 -4.84 -13.80 -24.12
CA ASP E 102 -4.34 -15.03 -24.72
C ASP E 102 -3.39 -14.83 -25.96
N GLY E 103 -3.05 -13.57 -26.29
CA GLY E 103 -2.33 -13.19 -27.52
C GLY E 103 -3.23 -12.71 -28.68
N THR E 104 -4.47 -13.19 -28.71
CA THR E 104 -5.45 -12.78 -29.70
C THR E 104 -6.43 -11.80 -29.09
N THR E 105 -7.01 -12.12 -27.92
CA THR E 105 -8.00 -11.27 -27.26
C THR E 105 -7.67 -11.09 -25.76
N CYS E 106 -8.27 -10.06 -25.16
CA CYS E 106 -8.20 -9.86 -23.72
C CYS E 106 -9.63 -9.87 -23.15
N SER E 107 -9.77 -10.40 -21.94
CA SER E 107 -11.07 -10.63 -21.32
C SER E 107 -10.91 -10.51 -19.81
N ARG E 108 -11.88 -11.04 -19.08
CA ARG E 108 -11.84 -11.11 -17.59
C ARG E 108 -10.85 -12.20 -17.05
N ALA E 109 -10.43 -12.01 -15.79
CA ALA E 109 -9.78 -12.98 -14.99
C ALA E 109 -10.85 -13.97 -14.43
N TYR E 110 -10.36 -15.13 -14.02
CA TYR E 110 -11.15 -16.17 -13.35
C TYR E 110 -10.34 -16.66 -12.16
N TRP E 111 -10.96 -16.63 -10.98
CA TRP E 111 -10.32 -16.95 -9.72
C TRP E 111 -10.65 -18.36 -9.31
N GLY E 112 -9.69 -19.04 -8.74
CA GLY E 112 -9.96 -20.26 -7.93
C GLY E 112 -10.72 -19.91 -6.64
N GLN E 113 -11.19 -20.92 -5.94
CA GLN E 113 -12.00 -20.75 -4.72
C GLN E 113 -11.21 -20.30 -3.49
N GLY E 114 -9.87 -20.38 -3.53
CA GLY E 114 -9.04 -19.96 -2.42
C GLY E 114 -8.59 -21.16 -1.61
N THR E 115 -7.40 -21.07 -1.03
CA THR E 115 -6.82 -22.07 -0.12
C THR E 115 -6.36 -21.27 1.11
N LEU E 116 -6.94 -21.61 2.25
CA LEU E 116 -6.50 -21.06 3.53
C LEU E 116 -5.22 -21.70 3.92
N VAL E 117 -4.22 -20.88 4.21
CA VAL E 117 -2.99 -21.38 4.83
C VAL E 117 -2.88 -20.68 6.18
N THR E 118 -2.73 -21.45 7.25
CA THR E 118 -2.52 -21.00 8.59
C THR E 118 -1.11 -21.41 8.99
N VAL E 119 -0.28 -20.42 9.36
CA VAL E 119 1.05 -20.70 9.84
C VAL E 119 1.08 -20.43 11.33
N SER E 120 1.42 -21.47 12.12
CA SER E 120 1.44 -21.38 13.59
C SER E 120 2.24 -22.50 14.21
N SER E 121 2.94 -22.20 15.28
CA SER E 121 3.59 -23.33 16.09
C SER E 121 2.57 -24.14 16.91
N ALA E 122 1.31 -23.74 16.96
CA ALA E 122 0.31 -24.43 17.82
C ALA E 122 0.00 -25.79 17.19
N SER E 123 -0.33 -26.74 18.06
CA SER E 123 -0.84 -28.03 17.70
C SER E 123 -2.36 -27.97 17.68
N THR E 124 -2.98 -28.92 16.98
CA THR E 124 -4.44 -29.09 17.09
C THR E 124 -4.89 -29.17 18.61
N LYS E 125 -5.98 -28.45 18.94
CA LYS E 125 -6.60 -28.46 20.24
C LYS E 125 -8.08 -28.16 20.16
N GLY E 126 -8.89 -28.93 20.88
CA GLY E 126 -10.34 -28.80 20.89
C GLY E 126 -10.68 -27.71 21.91
N PRO E 127 -11.76 -26.98 21.66
CA PRO E 127 -12.16 -25.92 22.62
C PRO E 127 -12.68 -26.41 23.94
N SER E 128 -12.55 -25.60 24.99
CA SER E 128 -13.40 -25.66 26.14
C SER E 128 -14.59 -24.78 25.87
N VAL E 129 -15.79 -25.23 26.23
CA VAL E 129 -17.02 -24.48 26.02
C VAL E 129 -17.62 -24.09 27.39
N PHE E 130 -17.81 -22.80 27.61
CA PHE E 130 -18.28 -22.25 28.90
C PHE E 130 -19.61 -21.49 28.72
N PRO E 131 -20.51 -21.53 29.74
CA PRO E 131 -21.75 -20.80 29.58
C PRO E 131 -21.57 -19.28 29.79
N LEU E 132 -22.34 -18.52 29.04
CA LEU E 132 -22.59 -17.14 29.31
C LEU E 132 -24.07 -17.07 29.77
N ALA E 133 -24.22 -17.11 31.08
CA ALA E 133 -25.54 -17.31 31.71
C ALA E 133 -26.40 -16.01 31.70
N PRO E 134 -27.70 -16.12 31.41
CA PRO E 134 -28.57 -14.93 31.38
C PRO E 134 -28.75 -14.34 32.78
N SER E 135 -28.70 -13.00 32.87
CA SER E 135 -28.75 -12.27 34.15
C SER E 135 -30.10 -12.47 34.87
N SER E 136 -30.10 -12.34 36.19
CA SER E 136 -31.35 -12.25 36.99
C SER E 136 -32.18 -11.00 36.66
N LYS E 137 -31.53 -9.83 36.62
CA LYS E 137 -32.16 -8.54 36.38
C LYS E 137 -32.85 -8.38 35.01
N GLY E 141 -35.52 -6.24 31.25
CA GLY E 141 -36.98 -6.26 31.06
C GLY E 141 -37.50 -7.49 30.29
N GLY E 142 -37.90 -7.25 29.04
CA GLY E 142 -38.51 -8.25 28.17
C GLY E 142 -37.57 -9.13 27.31
N THR E 143 -36.34 -8.66 27.05
CA THR E 143 -35.37 -9.41 26.22
C THR E 143 -34.17 -9.74 27.08
N ALA E 144 -33.77 -11.02 27.08
CA ALA E 144 -32.55 -11.45 27.79
C ALA E 144 -31.53 -12.01 26.78
N ALA E 145 -30.27 -11.94 27.15
CA ALA E 145 -29.16 -12.47 26.35
C ALA E 145 -28.48 -13.61 27.10
N LEU E 146 -28.12 -14.64 26.35
CA LEU E 146 -27.22 -15.69 26.86
C LEU E 146 -26.31 -16.18 25.73
N GLY E 147 -25.30 -16.97 26.09
CA GLY E 147 -24.43 -17.58 25.09
C GLY E 147 -23.49 -18.65 25.53
N CYS E 148 -22.55 -18.96 24.64
CA CYS E 148 -21.42 -19.85 24.90
C CYS E 148 -20.08 -19.16 24.52
N LEU E 149 -19.08 -19.30 25.35
CA LEU E 149 -17.70 -18.92 25.12
C LEU E 149 -16.96 -20.22 24.71
N VAL E 150 -16.47 -20.23 23.46
CA VAL E 150 -15.74 -21.36 22.90
C VAL E 150 -14.27 -20.94 22.90
N LYS E 151 -13.52 -21.46 23.85
CA LYS E 151 -12.23 -20.94 24.20
C LYS E 151 -11.09 -21.93 23.94
N ASP E 152 -9.94 -21.40 23.49
CA ASP E 152 -8.70 -22.15 23.42
C ASP E 152 -8.72 -23.33 22.46
N TYR E 153 -8.94 -23.04 21.18
CA TYR E 153 -8.88 -24.05 20.14
C TYR E 153 -7.97 -23.68 19.02
N PHE E 154 -7.55 -24.71 18.28
CA PHE E 154 -6.71 -24.53 17.11
C PHE E 154 -6.85 -25.73 16.17
N PRO E 155 -6.92 -25.51 14.83
CA PRO E 155 -7.01 -24.27 14.08
C PRO E 155 -8.47 -23.86 13.94
N GLU E 156 -8.75 -22.83 13.14
CA GLU E 156 -10.07 -22.54 12.70
C GLU E 156 -10.53 -23.65 11.73
N PRO E 157 -11.84 -23.87 11.57
CA PRO E 157 -12.97 -23.14 12.15
C PRO E 157 -13.68 -23.96 13.21
N VAL E 158 -14.44 -23.31 14.08
CA VAL E 158 -15.54 -24.01 14.86
C VAL E 158 -16.86 -23.63 14.23
N THR E 159 -17.87 -24.49 14.38
CA THR E 159 -19.24 -24.18 14.05
C THR E 159 -20.04 -24.27 15.39
N VAL E 160 -21.05 -23.42 15.54
CA VAL E 160 -21.93 -23.36 16.70
C VAL E 160 -23.37 -23.31 16.15
N SER E 161 -24.23 -24.15 16.70
CA SER E 161 -25.68 -24.01 16.53
C SER E 161 -26.33 -23.99 17.90
N TRP E 162 -27.61 -23.62 17.92
CA TRP E 162 -28.40 -23.53 19.14
C TRP E 162 -29.64 -24.46 19.05
N ASN E 163 -29.78 -25.27 20.10
CA ASN E 163 -30.86 -26.29 20.22
C ASN E 163 -30.95 -27.14 18.94
N SER E 164 -29.78 -27.71 18.52
CA SER E 164 -29.61 -28.53 17.32
C SER E 164 -30.12 -27.90 16.03
N GLY E 165 -29.94 -26.57 15.90
CA GLY E 165 -30.42 -25.83 14.75
C GLY E 165 -31.86 -25.32 14.76
N ALA E 166 -32.60 -25.65 15.81
CA ALA E 166 -33.98 -25.13 15.93
C ALA E 166 -34.04 -23.64 16.36
N LEU E 167 -33.01 -23.12 17.02
CA LEU E 167 -32.97 -21.72 17.44
C LEU E 167 -31.95 -20.98 16.55
N THR E 168 -32.44 -20.22 15.57
CA THR E 168 -31.63 -19.37 14.68
C THR E 168 -31.90 -17.85 14.85
N SER E 169 -33.14 -17.45 15.16
CA SER E 169 -33.53 -16.03 15.35
C SER E 169 -32.79 -15.45 16.59
N GLY E 170 -32.24 -14.26 16.44
CA GLY E 170 -31.42 -13.59 17.49
C GLY E 170 -30.01 -14.10 17.78
N VAL E 171 -29.54 -15.07 17.00
CA VAL E 171 -28.26 -15.67 17.18
C VAL E 171 -27.18 -14.73 16.54
N HIS E 172 -26.14 -14.42 17.30
CA HIS E 172 -24.91 -13.86 16.68
C HIS E 172 -23.76 -14.75 17.11
N THR E 173 -23.13 -15.38 16.12
CA THR E 173 -21.83 -16.08 16.31
C THR E 173 -20.71 -15.20 15.78
N PHE E 174 -19.84 -14.76 16.66
CA PHE E 174 -18.83 -13.72 16.32
C PHE E 174 -17.60 -14.33 15.64
N PRO E 175 -16.86 -13.51 14.88
CA PRO E 175 -15.55 -13.93 14.43
C PRO E 175 -14.66 -14.28 15.59
N ALA E 176 -13.87 -15.33 15.42
CA ALA E 176 -12.85 -15.70 16.40
C ALA E 176 -11.77 -14.62 16.52
N VAL E 177 -11.13 -14.52 17.69
CA VAL E 177 -9.97 -13.70 17.92
C VAL E 177 -8.82 -14.69 18.16
N LEU E 178 -7.60 -14.32 17.77
CA LEU E 178 -6.41 -15.05 18.07
C LEU E 178 -5.86 -14.46 19.34
N GLN E 179 -5.68 -15.30 20.36
CA GLN E 179 -5.08 -14.91 21.60
C GLN E 179 -3.58 -14.94 21.48
N SER E 180 -2.89 -14.32 22.43
CA SER E 180 -1.41 -14.30 22.52
C SER E 180 -0.78 -15.65 22.81
N SER E 181 -1.58 -16.58 23.30
CA SER E 181 -1.19 -18.01 23.34
C SER E 181 -1.07 -18.70 22.01
N GLY E 182 -1.59 -18.10 20.94
CA GLY E 182 -1.71 -18.80 19.66
C GLY E 182 -2.98 -19.67 19.48
N LEU E 183 -3.90 -19.59 20.45
CA LEU E 183 -5.21 -20.31 20.37
C LEU E 183 -6.31 -19.32 20.14
N TYR E 184 -7.34 -19.77 19.47
CA TYR E 184 -8.46 -18.99 19.12
C TYR E 184 -9.53 -19.07 20.19
N SER E 185 -10.33 -18.01 20.25
CA SER E 185 -11.52 -17.89 21.12
C SER E 185 -12.64 -17.16 20.43
N LEU E 186 -13.87 -17.70 20.51
CA LEU E 186 -15.05 -17.07 19.98
C LEU E 186 -16.22 -17.17 20.98
N SER E 187 -17.20 -16.27 20.80
CA SER E 187 -18.43 -16.32 21.53
C SER E 187 -19.57 -16.46 20.57
N SER E 188 -20.65 -17.13 21.02
CA SER E 188 -21.88 -17.23 20.29
C SER E 188 -22.95 -16.86 21.26
N VAL E 189 -23.80 -15.90 20.87
CA VAL E 189 -24.82 -15.34 21.78
C VAL E 189 -26.18 -15.40 21.10
N VAL E 190 -27.22 -15.41 21.92
CA VAL E 190 -28.55 -15.36 21.42
C VAL E 190 -29.36 -14.42 22.35
N THR E 191 -30.24 -13.59 21.77
CA THR E 191 -31.25 -12.85 22.51
C THR E 191 -32.60 -13.55 22.42
N VAL E 192 -33.25 -13.68 23.57
CA VAL E 192 -34.50 -14.44 23.72
C VAL E 192 -35.47 -13.67 24.65
N PRO E 193 -36.77 -14.02 24.61
CA PRO E 193 -37.67 -13.47 25.63
C PRO E 193 -37.24 -13.88 27.04
N SER E 194 -37.10 -12.89 27.91
CA SER E 194 -36.97 -13.07 29.39
C SER E 194 -38.02 -14.02 29.99
N SER E 195 -39.20 -14.00 29.40
CA SER E 195 -40.27 -14.88 29.79
C SER E 195 -39.97 -16.38 29.66
N SER E 196 -39.07 -16.76 28.76
CA SER E 196 -38.72 -18.16 28.50
C SER E 196 -37.73 -18.75 29.48
N LEU E 197 -37.05 -17.93 30.29
CA LEU E 197 -35.84 -18.37 30.99
C LEU E 197 -36.08 -19.48 32.06
N GLY E 198 -37.26 -19.50 32.66
CA GLY E 198 -37.61 -20.60 33.57
C GLY E 198 -37.88 -21.92 32.88
N THR E 199 -38.30 -21.92 31.61
CA THR E 199 -38.97 -23.08 31.00
C THR E 199 -38.26 -23.64 29.77
N GLN E 200 -37.74 -22.76 28.92
CA GLN E 200 -37.10 -23.18 27.64
C GLN E 200 -35.66 -23.58 27.90
N THR E 201 -35.26 -24.77 27.40
CA THR E 201 -33.87 -25.26 27.44
C THR E 201 -33.04 -24.65 26.26
N TYR E 202 -31.88 -24.17 26.60
CA TYR E 202 -30.92 -23.54 25.68
C TYR E 202 -29.60 -24.30 25.75
N ILE E 203 -29.24 -24.89 24.62
CA ILE E 203 -28.03 -25.70 24.47
C ILE E 203 -27.31 -25.20 23.22
N CYS E 204 -26.08 -24.75 23.41
CA CYS E 204 -25.21 -24.52 22.24
C CYS E 204 -24.52 -25.84 21.83
N ASN E 205 -24.49 -26.12 20.54
CA ASN E 205 -23.85 -27.31 20.00
C ASN E 205 -22.59 -26.83 19.21
N VAL E 206 -21.42 -27.24 19.70
CA VAL E 206 -20.13 -26.78 19.23
C VAL E 206 -19.42 -27.93 18.54
N ASN E 207 -18.94 -27.67 17.31
CA ASN E 207 -18.19 -28.68 16.54
C ASN E 207 -16.83 -28.12 16.10
N HIS E 208 -15.78 -28.87 16.40
CA HIS E 208 -14.43 -28.55 15.91
C HIS E 208 -13.85 -29.82 15.24
N LYS E 209 -13.99 -29.89 13.93
CA LYS E 209 -13.53 -31.08 13.14
C LYS E 209 -12.05 -31.52 13.31
N PRO E 210 -11.08 -30.61 13.34
CA PRO E 210 -9.70 -30.99 13.47
C PRO E 210 -9.35 -31.77 14.69
N SER E 211 -10.01 -31.49 15.82
CA SER E 211 -9.78 -32.20 17.04
C SER E 211 -10.80 -33.29 17.36
N ASN E 212 -11.71 -33.58 16.41
CA ASN E 212 -12.84 -34.53 16.62
C ASN E 212 -13.71 -34.17 17.84
N THR E 213 -13.94 -32.88 18.07
CA THR E 213 -14.75 -32.36 19.21
C THR E 213 -16.22 -32.10 18.79
N LYS E 214 -17.16 -32.62 19.59
CA LYS E 214 -18.58 -32.25 19.52
C LYS E 214 -19.00 -32.02 20.99
N VAL E 215 -19.42 -30.81 21.34
CA VAL E 215 -19.81 -30.47 22.73
C VAL E 215 -21.20 -29.87 22.67
N ASP E 216 -22.05 -30.27 23.62
CA ASP E 216 -23.39 -29.73 23.79
C ASP E 216 -23.38 -29.16 25.18
N LYS E 217 -23.40 -27.82 25.31
CA LYS E 217 -23.41 -27.16 26.65
C LYS E 217 -24.75 -26.53 26.94
N ARG E 218 -25.40 -26.95 28.06
CA ARG E 218 -26.62 -26.35 28.53
C ARG E 218 -26.28 -25.01 29.17
N VAL E 219 -27.07 -24.00 28.84
CA VAL E 219 -26.88 -22.64 29.34
C VAL E 219 -28.18 -22.33 30.11
N GLU E 220 -28.05 -22.12 31.39
CA GLU E 220 -29.24 -21.85 32.27
C GLU E 220 -28.94 -20.71 33.23
N PRO E 221 -29.98 -20.10 33.84
CA PRO E 221 -29.71 -19.04 34.84
C PRO E 221 -28.86 -19.48 36.03
N LYS E 222 -28.12 -18.53 36.62
CA LYS E 222 -27.32 -18.73 37.81
C LYS E 222 -26.16 -19.65 37.53
N ASP F 1 6.02 0.41 -9.39
CA ASP F 1 4.66 -0.28 -9.32
C ASP F 1 3.59 0.75 -9.55
N VAL F 2 2.47 0.32 -10.11
CA VAL F 2 1.33 1.22 -10.30
C VAL F 2 0.63 1.41 -8.95
N VAL F 3 0.42 2.67 -8.56
CA VAL F 3 -0.27 3.02 -7.31
C VAL F 3 -1.77 3.33 -7.62
N MET F 4 -2.65 2.60 -6.96
CA MET F 4 -4.08 2.81 -7.10
C MET F 4 -4.57 3.52 -5.85
N THR F 5 -5.36 4.57 -6.05
CA THR F 5 -5.90 5.36 -4.95
C THR F 5 -7.40 5.28 -5.09
N GLN F 6 -8.05 4.78 -4.06
CA GLN F 6 -9.47 4.60 -4.00
C GLN F 6 -10.15 5.46 -2.94
N SER F 7 -11.33 5.95 -3.28
CA SER F 7 -12.18 6.70 -2.33
C SER F 7 -13.61 6.59 -2.68
N PRO F 8 -14.55 6.73 -1.68
CA PRO F 8 -14.27 6.81 -0.24
C PRO F 8 -13.85 5.41 0.32
N LEU F 9 -13.34 5.41 1.56
CA LEU F 9 -13.01 4.14 2.26
C LEU F 9 -14.26 3.51 2.86
N SER F 10 -15.25 4.35 3.24
CA SER F 10 -16.51 3.89 3.83
C SER F 10 -17.65 4.51 3.11
N LEU F 11 -18.63 3.71 2.80
CA LEU F 11 -19.75 4.17 2.01
C LEU F 11 -21.02 3.51 2.53
N PRO F 12 -21.64 4.10 3.58
CA PRO F 12 -23.04 3.80 3.93
C PRO F 12 -24.00 4.41 2.92
N VAL F 13 -24.99 3.62 2.47
CA VAL F 13 -25.95 3.96 1.44
C VAL F 13 -27.38 3.62 1.82
N THR F 14 -28.22 4.64 1.95
CA THR F 14 -29.67 4.47 2.20
C THR F 14 -30.32 3.68 1.07
N PRO F 15 -31.12 2.65 1.39
CA PRO F 15 -31.48 1.64 0.37
C PRO F 15 -31.72 1.94 -1.11
N GLY F 16 -32.70 2.75 -1.53
CA GLY F 16 -32.86 3.04 -2.94
C GLY F 16 -31.89 4.05 -3.60
N GLU F 17 -30.97 4.62 -2.82
CA GLU F 17 -30.04 5.63 -3.31
C GLU F 17 -28.80 5.03 -4.01
N PRO F 18 -28.17 5.79 -4.94
CA PRO F 18 -27.06 5.19 -5.68
C PRO F 18 -25.75 5.36 -4.91
N ALA F 19 -24.73 4.67 -5.42
CA ALA F 19 -23.41 4.68 -4.85
C ALA F 19 -22.37 4.87 -5.97
N SER F 20 -21.34 5.65 -5.67
CA SER F 20 -20.23 5.86 -6.62
C SER F 20 -18.90 5.68 -5.89
N ILE F 21 -17.96 4.94 -6.51
CA ILE F 21 -16.65 4.64 -5.92
C ILE F 21 -15.66 5.07 -6.99
N SER F 22 -14.70 5.91 -6.58
CA SER F 22 -13.63 6.36 -7.43
C SER F 22 -12.31 5.62 -7.21
N CYS F 23 -11.55 5.49 -8.28
CA CYS F 23 -10.25 4.90 -8.23
C CYS F 23 -9.42 5.64 -9.28
N ARG F 24 -8.23 6.11 -8.87
CA ARG F 24 -7.27 6.71 -9.79
C ARG F 24 -5.95 5.90 -9.81
N SER F 25 -5.33 5.84 -10.96
CA SER F 25 -4.05 5.15 -11.15
C SER F 25 -2.94 6.22 -11.32
N SER F 26 -1.76 5.94 -10.76
CA SER F 26 -0.55 6.80 -10.90
C SER F 26 -0.01 6.84 -12.37
N GLN F 27 -0.44 5.89 -13.22
CA GLN F 27 -0.12 5.87 -14.65
C GLN F 27 -1.31 5.44 -15.43
N SER F 28 -1.38 5.85 -16.71
CA SER F 28 -2.50 5.50 -17.55
C SER F 28 -2.61 3.97 -17.75
N LEU F 29 -3.84 3.46 -17.60
CA LEU F 29 -4.14 2.04 -17.78
C LEU F 29 -4.74 1.76 -19.13
N LEU F 30 -4.85 2.79 -19.95
CA LEU F 30 -5.20 2.65 -21.38
C LEU F 30 -3.97 2.22 -22.14
N HIS F 31 -3.99 0.99 -22.62
CA HIS F 31 -2.89 0.38 -23.37
C HIS F 31 -3.05 0.76 -24.83
N ARG F 32 -1.94 0.82 -25.55
CA ARG F 32 -1.95 1.10 -27.03
C ARG F 32 -2.89 0.22 -27.90
N SER F 33 -3.18 -0.99 -27.44
CA SER F 33 -4.20 -1.85 -28.00
C SER F 33 -5.62 -1.41 -27.82
N GLY F 34 -5.88 -0.43 -26.94
CA GLY F 34 -7.26 0.08 -26.74
C GLY F 34 -7.92 -0.41 -25.46
N HIS F 35 -7.37 -1.47 -24.83
CA HIS F 35 -7.90 -1.99 -23.59
C HIS F 35 -7.54 -1.08 -22.42
N LYS F 36 -8.52 -0.89 -21.50
CA LYS F 36 -8.27 -0.28 -20.20
C LYS F 36 -8.12 -1.39 -19.12
N TYR F 37 -6.91 -1.57 -18.55
CA TYR F 37 -6.66 -2.73 -17.70
C TYR F 37 -6.97 -2.42 -16.24
N LEU F 38 -8.20 -2.10 -16.00
CA LEU F 38 -8.70 -1.80 -14.65
C LEU F 38 -9.97 -2.63 -14.40
N HIS F 39 -10.02 -3.22 -13.22
CA HIS F 39 -11.10 -4.15 -12.87
C HIS F 39 -11.68 -3.80 -11.50
N TRP F 40 -12.98 -4.08 -11.30
CA TRP F 40 -13.63 -3.89 -10.02
C TRP F 40 -14.16 -5.22 -9.52
N TYR F 41 -13.94 -5.50 -8.23
N TYR F 41 -13.99 -5.45 -8.21
CA TYR F 41 -14.47 -6.70 -7.61
CA TYR F 41 -14.30 -6.69 -7.53
C TYR F 41 -15.09 -6.44 -6.26
C TYR F 41 -15.10 -6.42 -6.27
N LEU F 42 -15.91 -7.40 -5.85
CA LEU F 42 -16.54 -7.39 -4.58
C LEU F 42 -15.96 -8.55 -3.76
N GLN F 43 -15.57 -8.25 -2.51
CA GLN F 43 -15.07 -9.16 -1.55
C GLN F 43 -16.09 -9.32 -0.43
N ARG F 44 -16.68 -10.50 -0.38
CA ARG F 44 -17.55 -10.92 0.75
C ARG F 44 -16.81 -12.00 1.63
N PRO F 45 -17.19 -12.12 2.91
CA PRO F 45 -16.48 -13.06 3.77
C PRO F 45 -16.56 -14.53 3.37
N GLY F 46 -15.43 -15.21 3.47
CA GLY F 46 -15.35 -16.65 3.18
C GLY F 46 -15.52 -17.05 1.73
N GLN F 47 -15.30 -16.13 0.78
CA GLN F 47 -15.32 -16.52 -0.67
C GLN F 47 -14.34 -15.68 -1.49
N SER F 48 -14.05 -16.17 -2.67
CA SER F 48 -13.15 -15.52 -3.64
C SER F 48 -13.72 -14.17 -4.06
N PRO F 49 -12.82 -13.23 -4.43
CA PRO F 49 -13.20 -12.03 -5.13
C PRO F 49 -14.13 -12.33 -6.25
N GLN F 50 -15.21 -11.52 -6.35
CA GLN F 50 -16.20 -11.65 -7.43
C GLN F 50 -15.99 -10.53 -8.40
N VAL F 51 -15.63 -10.86 -9.65
CA VAL F 51 -15.42 -9.87 -10.71
C VAL F 51 -16.78 -9.16 -10.98
N LEU F 52 -16.82 -7.83 -10.90
CA LEU F 52 -17.99 -7.03 -11.20
C LEU F 52 -17.91 -6.45 -12.56
N ILE F 53 -16.83 -5.63 -12.78
CA ILE F 53 -16.54 -4.95 -13.99
C ILE F 53 -15.11 -5.29 -14.38
N TYR F 54 -14.91 -5.64 -15.62
CA TYR F 54 -13.59 -5.94 -16.16
C TYR F 54 -13.26 -5.07 -17.39
N LEU F 55 -11.97 -4.84 -17.57
CA LEU F 55 -11.42 -4.03 -18.60
C LEU F 55 -12.14 -2.70 -18.69
N GLY F 56 -12.29 -2.06 -17.53
CA GLY F 56 -12.81 -0.70 -17.43
C GLY F 56 -14.31 -0.59 -17.32
N SER F 57 -15.02 -1.22 -18.27
CA SER F 57 -16.48 -1.03 -18.41
C SER F 57 -17.33 -2.28 -18.72
N ASN F 58 -16.72 -3.46 -18.84
CA ASN F 58 -17.51 -4.69 -19.19
C ASN F 58 -18.10 -5.36 -17.98
N ARG F 59 -19.40 -5.56 -18.00
CA ARG F 59 -20.05 -6.25 -16.93
C ARG F 59 -19.82 -7.75 -17.04
N ALA F 60 -19.36 -8.39 -15.97
CA ALA F 60 -19.25 -9.83 -15.99
C ALA F 60 -20.63 -10.50 -15.97
N SER F 61 -20.66 -11.76 -16.42
CA SER F 61 -21.90 -12.57 -16.48
C SER F 61 -22.52 -12.82 -15.13
N GLY F 62 -23.83 -12.68 -15.04
CA GLY F 62 -24.54 -12.78 -13.77
C GLY F 62 -24.53 -11.55 -12.84
N VAL F 63 -23.76 -10.53 -13.15
CA VAL F 63 -23.72 -9.36 -12.33
C VAL F 63 -24.97 -8.51 -12.69
N PRO F 64 -25.72 -8.02 -11.67
CA PRO F 64 -26.89 -7.20 -11.94
C PRO F 64 -26.63 -5.89 -12.68
N ASP F 65 -27.59 -5.51 -13.52
CA ASP F 65 -27.50 -4.35 -14.41
C ASP F 65 -27.27 -3.04 -13.65
N ARG F 66 -27.67 -2.97 -12.37
CA ARG F 66 -27.36 -1.84 -11.50
C ARG F 66 -25.83 -1.48 -11.29
N PHE F 67 -24.93 -2.43 -11.53
CA PHE F 67 -23.49 -2.19 -11.55
C PHE F 67 -23.02 -1.67 -12.93
N SER F 68 -22.25 -0.58 -12.93
CA SER F 68 -21.56 -0.20 -14.13
C SER F 68 -20.22 0.45 -13.83
N GLY F 69 -19.32 0.43 -14.78
CA GLY F 69 -18.02 1.11 -14.61
C GLY F 69 -17.67 1.92 -15.82
N SER F 70 -16.87 2.98 -15.60
CA SER F 70 -16.30 3.75 -16.69
C SER F 70 -15.04 4.38 -16.22
N GLY F 71 -14.28 4.96 -17.16
CA GLY F 71 -13.18 5.84 -16.83
C GLY F 71 -12.25 6.19 -17.99
N SER F 72 -11.37 7.16 -17.72
CA SER F 72 -10.27 7.49 -18.62
C SER F 72 -9.18 6.46 -18.46
N GLY F 73 -7.97 6.77 -18.89
CA GLY F 73 -6.85 5.96 -18.54
C GLY F 73 -6.46 6.03 -17.07
N THR F 74 -6.73 7.13 -16.41
CA THR F 74 -6.27 7.29 -15.01
C THR F 74 -7.35 7.45 -14.00
N ASP F 75 -8.59 7.73 -14.35
CA ASP F 75 -9.62 8.02 -13.36
C ASP F 75 -10.85 7.20 -13.69
N PHE F 76 -11.24 6.35 -12.74
CA PHE F 76 -12.30 5.30 -12.96
C PHE F 76 -13.33 5.38 -11.88
N THR F 77 -14.54 4.98 -12.24
CA THR F 77 -15.68 5.07 -11.35
C THR F 77 -16.53 3.78 -11.51
N LEU F 78 -16.87 3.17 -10.38
CA LEU F 78 -17.85 2.12 -10.28
C LEU F 78 -19.11 2.81 -9.76
N LYS F 79 -20.23 2.55 -10.43
CA LYS F 79 -21.50 3.06 -10.05
C LYS F 79 -22.42 1.91 -9.76
N ILE F 80 -23.13 2.04 -8.64
CA ILE F 80 -24.20 1.11 -8.26
C ILE F 80 -25.50 1.95 -8.17
N SER F 81 -26.45 1.69 -9.06
CA SER F 81 -27.68 2.54 -9.12
C SER F 81 -28.60 2.44 -7.86
N ARG F 82 -28.72 1.24 -7.30
CA ARG F 82 -29.25 1.02 -5.94
C ARG F 82 -28.41 -0.05 -5.19
N VAL F 83 -28.47 0.00 -3.86
CA VAL F 83 -27.60 -0.82 -3.00
C VAL F 83 -28.44 -1.80 -2.15
N GLU F 84 -28.59 -3.03 -2.63
CA GLU F 84 -29.23 -4.12 -1.90
C GLU F 84 -28.30 -4.72 -0.83
N ALA F 85 -28.89 -5.46 0.09
CA ALA F 85 -28.14 -6.17 1.15
C ALA F 85 -27.12 -7.19 0.56
N GLU F 86 -27.49 -7.80 -0.54
CA GLU F 86 -26.56 -8.66 -1.30
C GLU F 86 -25.29 -7.95 -1.86
N ASP F 87 -25.33 -6.62 -1.99
CA ASP F 87 -24.20 -5.79 -2.44
C ASP F 87 -23.23 -5.33 -1.30
N VAL F 88 -23.59 -5.58 -0.04
CA VAL F 88 -22.81 -5.14 1.10
C VAL F 88 -21.49 -5.96 1.12
N GLY F 89 -20.36 -5.24 1.28
CA GLY F 89 -19.08 -5.87 1.35
C GLY F 89 -18.00 -4.84 1.00
N LEU F 90 -16.82 -5.40 0.76
CA LEU F 90 -15.62 -4.63 0.43
C LEU F 90 -15.31 -4.65 -1.07
N TYR F 91 -15.27 -3.45 -1.69
CA TYR F 91 -15.10 -3.24 -3.12
C TYR F 91 -13.69 -2.72 -3.38
N TYR F 92 -13.00 -3.36 -4.31
CA TYR F 92 -11.62 -3.02 -4.68
C TYR F 92 -11.55 -2.78 -6.18
N CYS F 93 -10.79 -1.76 -6.59
CA CYS F 93 -10.26 -1.67 -7.93
C CYS F 93 -8.91 -2.31 -8.01
N MET F 94 -8.56 -2.86 -9.15
CA MET F 94 -7.23 -3.45 -9.36
C MET F 94 -6.79 -3.22 -10.78
N GLN F 95 -5.48 -3.02 -10.95
CA GLN F 95 -4.90 -2.80 -12.26
C GLN F 95 -4.10 -4.05 -12.62
N THR F 96 -4.15 -4.40 -13.92
CA THR F 96 -3.38 -5.46 -14.52
C THR F 96 -2.64 -5.09 -15.80
N LEU F 97 -2.41 -3.81 -15.99
CA LEU F 97 -1.54 -3.33 -17.05
C LEU F 97 -0.13 -3.94 -16.90
N GLN F 98 0.40 -3.87 -15.68
CA GLN F 98 1.68 -4.45 -15.36
C GLN F 98 1.60 -5.27 -14.11
N THR F 99 2.59 -6.16 -13.96
CA THR F 99 2.81 -6.86 -12.71
C THR F 99 3.89 -6.06 -11.98
N PRO F 100 3.84 -6.02 -10.63
CA PRO F 100 2.81 -6.62 -9.80
C PRO F 100 1.45 -6.02 -10.02
N TRP F 101 0.40 -6.85 -10.01
CA TRP F 101 -0.96 -6.32 -9.98
C TRP F 101 -1.12 -5.57 -8.63
N THR F 102 -1.79 -4.40 -8.67
CA THR F 102 -1.97 -3.60 -7.50
C THR F 102 -3.43 -3.19 -7.34
N PHE F 103 -3.78 -2.85 -6.10
CA PHE F 103 -5.17 -2.77 -5.65
C PHE F 103 -5.38 -1.50 -4.93
N GLY F 104 -6.54 -0.88 -5.14
CA GLY F 104 -6.96 0.24 -4.32
C GLY F 104 -7.15 -0.15 -2.88
N GLN F 105 -7.36 0.86 -2.03
CA GLN F 105 -7.44 0.65 -0.58
C GLN F 105 -8.73 -0.07 -0.14
N GLY F 106 -9.74 -0.08 -1.01
CA GLY F 106 -10.96 -0.77 -0.74
C GLY F 106 -12.03 0.16 -0.15
N THR F 107 -13.30 -0.12 -0.44
CA THR F 107 -14.42 0.69 0.01
C THR F 107 -15.43 -0.25 0.71
N LYS F 108 -15.66 0.01 1.98
CA LYS F 108 -16.69 -0.77 2.74
C LYS F 108 -18.08 -0.19 2.49
N VAL F 109 -18.85 -0.88 1.64
CA VAL F 109 -20.22 -0.49 1.31
C VAL F 109 -21.12 -1.22 2.34
N GLU F 110 -21.90 -0.43 3.08
CA GLU F 110 -22.94 -0.93 3.96
C GLU F 110 -24.28 -0.22 3.69
N ILE F 111 -25.36 -0.85 4.19
CA ILE F 111 -26.71 -0.25 4.20
C ILE F 111 -26.74 0.74 5.34
N LYS F 112 -27.19 1.94 5.00
CA LYS F 112 -27.36 3.01 5.98
C LYS F 112 -28.80 2.91 6.49
N ARG F 113 -28.95 3.12 7.77
CA ARG F 113 -30.27 3.09 8.41
C ARG F 113 -30.24 4.08 9.55
N THR F 114 -31.41 4.25 10.16
CA THR F 114 -31.55 5.10 11.34
C THR F 114 -30.63 4.63 12.46
N VAL F 115 -30.10 5.58 13.22
CA VAL F 115 -29.23 5.32 14.31
C VAL F 115 -29.97 4.37 15.28
N ALA F 116 -29.26 3.35 15.76
CA ALA F 116 -29.80 2.39 16.72
C ALA F 116 -28.78 2.18 17.81
N ALA F 117 -29.17 2.53 19.04
CA ALA F 117 -28.32 2.28 20.22
C ALA F 117 -28.15 0.77 20.47
N PRO F 118 -26.99 0.37 21.02
CA PRO F 118 -26.82 -1.02 21.41
C PRO F 118 -27.59 -1.38 22.66
N SER F 119 -28.25 -2.54 22.65
CA SER F 119 -28.55 -3.26 23.93
C SER F 119 -27.26 -3.87 24.48
N VAL F 120 -26.91 -3.59 25.74
CA VAL F 120 -25.66 -4.03 26.35
C VAL F 120 -25.95 -5.09 27.41
N PHE F 121 -25.09 -6.11 27.52
CA PHE F 121 -25.22 -7.26 28.46
C PHE F 121 -23.85 -7.66 28.86
N ILE F 122 -23.64 -7.88 30.16
CA ILE F 122 -22.33 -8.27 30.75
C ILE F 122 -22.47 -9.69 31.30
N PHE F 123 -21.41 -10.51 31.16
CA PHE F 123 -21.42 -11.94 31.53
C PHE F 123 -20.22 -12.20 32.38
N PRO F 124 -20.42 -12.68 33.62
CA PRO F 124 -19.29 -13.08 34.42
C PRO F 124 -18.72 -14.43 33.98
N PRO F 125 -17.48 -14.79 34.41
CA PRO F 125 -16.90 -16.10 34.15
C PRO F 125 -17.63 -17.23 34.86
N SER F 126 -17.80 -18.34 34.15
CA SER F 126 -18.44 -19.55 34.72
C SER F 126 -17.57 -20.20 35.76
N ASP F 127 -18.20 -20.92 36.69
CA ASP F 127 -17.48 -21.65 37.74
C ASP F 127 -16.54 -22.71 37.15
N GLU F 128 -17.04 -23.44 36.16
CA GLU F 128 -16.21 -24.39 35.39
C GLU F 128 -14.90 -23.74 34.87
N GLN F 129 -14.99 -22.59 34.23
CA GLN F 129 -13.78 -21.89 33.76
C GLN F 129 -12.80 -21.50 34.88
N LEU F 130 -13.33 -21.01 35.99
CA LEU F 130 -12.54 -20.61 37.15
C LEU F 130 -11.71 -21.77 37.71
N LYS F 131 -12.27 -22.97 37.71
CA LYS F 131 -11.52 -24.17 38.10
C LYS F 131 -10.24 -24.38 37.26
N SER F 132 -10.24 -23.95 36.00
CA SER F 132 -9.05 -24.06 35.14
C SER F 132 -7.92 -23.04 35.38
N GLY F 133 -8.22 -21.97 36.13
CA GLY F 133 -7.24 -20.92 36.44
C GLY F 133 -7.29 -19.66 35.62
N THR F 134 -8.36 -19.45 34.87
CA THR F 134 -8.54 -18.26 34.02
C THR F 134 -9.98 -17.77 34.16
N ALA F 135 -10.16 -16.45 34.00
CA ALA F 135 -11.44 -15.80 34.05
C ALA F 135 -11.62 -15.01 32.77
N SER F 136 -12.69 -15.31 32.02
CA SER F 136 -13.13 -14.49 30.93
C SER F 136 -14.41 -13.77 31.30
N VAL F 137 -14.43 -12.44 31.09
CA VAL F 137 -15.63 -11.64 31.26
C VAL F 137 -16.00 -11.14 29.88
N VAL F 138 -17.27 -11.28 29.51
CA VAL F 138 -17.76 -10.94 28.19
C VAL F 138 -18.77 -9.78 28.27
N CYS F 139 -18.63 -8.82 27.37
CA CYS F 139 -19.62 -7.73 27.19
C CYS F 139 -20.14 -7.78 25.80
N LEU F 140 -21.45 -7.91 25.64
CA LEU F 140 -22.13 -7.96 24.36
C LEU F 140 -22.76 -6.61 24.06
N LEU F 141 -22.58 -6.10 22.87
CA LEU F 141 -23.31 -4.94 22.38
C LEU F 141 -24.10 -5.42 21.21
N ASN F 142 -25.41 -5.42 21.35
CA ASN F 142 -26.26 -6.09 20.42
C ASN F 142 -27.02 -5.07 19.55
N ASN F 143 -27.06 -5.36 18.26
CA ASN F 143 -27.95 -4.72 17.26
C ASN F 143 -27.93 -3.17 17.30
N PHE F 144 -26.76 -2.62 17.00
CA PHE F 144 -26.55 -1.18 16.86
C PHE F 144 -26.14 -0.70 15.41
N TYR F 145 -26.30 0.60 15.20
CA TYR F 145 -25.93 1.29 13.96
C TYR F 145 -25.74 2.80 14.27
N PRO F 146 -24.64 3.44 13.79
CA PRO F 146 -23.57 2.93 12.95
C PRO F 146 -22.60 1.97 13.68
N ARG F 147 -21.62 1.47 12.92
CA ARG F 147 -20.69 0.46 13.37
C ARG F 147 -19.73 0.94 14.44
N GLU F 148 -19.46 2.24 14.51
CA GLU F 148 -18.51 2.77 15.46
C GLU F 148 -19.11 2.64 16.85
N ALA F 149 -18.37 1.99 17.73
CA ALA F 149 -18.68 1.90 19.12
C ALA F 149 -17.37 1.75 19.87
N LYS F 150 -17.39 2.08 21.16
CA LYS F 150 -16.25 1.91 22.06
C LYS F 150 -16.71 1.19 23.30
N VAL F 151 -15.89 0.25 23.73
CA VAL F 151 -16.08 -0.53 24.95
C VAL F 151 -14.89 -0.21 25.75
N GLN F 152 -15.14 0.18 27.01
CA GLN F 152 -14.13 0.44 28.03
C GLN F 152 -14.43 -0.48 29.24
N TRP F 153 -13.47 -1.34 29.58
CA TRP F 153 -13.54 -2.20 30.75
C TRP F 153 -13.04 -1.49 31.99
N LYS F 154 -13.80 -1.69 33.08
CA LYS F 154 -13.45 -1.18 34.42
C LYS F 154 -13.55 -2.30 35.44
N VAL F 155 -12.53 -2.40 36.26
CA VAL F 155 -12.42 -3.39 37.33
C VAL F 155 -12.14 -2.57 38.59
N ASP F 156 -13.03 -2.65 39.57
CA ASP F 156 -12.98 -1.73 40.74
C ASP F 156 -12.89 -0.25 40.31
N ASN F 157 -13.68 0.08 39.30
CA ASN F 157 -13.71 1.43 38.71
C ASN F 157 -12.35 1.97 38.16
N ALA F 158 -11.40 1.09 37.86
CA ALA F 158 -10.09 1.43 37.28
C ALA F 158 -10.10 1.03 35.80
N LEU F 159 -9.75 1.96 34.90
CA LEU F 159 -9.71 1.71 33.44
C LEU F 159 -8.74 0.60 33.07
N GLN F 160 -9.28 -0.43 32.38
CA GLN F 160 -8.44 -1.56 31.91
C GLN F 160 -7.80 -1.30 30.52
N SER F 161 -6.61 -1.83 30.30
CA SER F 161 -5.92 -1.73 29.01
C SER F 161 -5.04 -2.97 28.75
N GLY F 162 -5.01 -3.41 27.49
CA GLY F 162 -4.09 -4.48 27.06
C GLY F 162 -4.52 -5.90 27.43
N ASN F 163 -5.70 -6.10 28.00
CA ASN F 163 -6.14 -7.41 28.42
C ASN F 163 -7.54 -7.79 27.88
N SER F 164 -7.98 -7.14 26.78
CA SER F 164 -9.25 -7.40 26.16
C SER F 164 -9.10 -7.51 24.62
N GLN F 165 -10.03 -8.24 24.02
CA GLN F 165 -10.13 -8.39 22.60
C GLN F 165 -11.54 -8.35 22.20
N GLU F 166 -11.83 -7.79 21.03
CA GLU F 166 -13.18 -7.75 20.51
C GLU F 166 -13.30 -8.23 19.12
N SER F 167 -14.55 -8.48 18.71
CA SER F 167 -14.83 -8.68 17.28
C SER F 167 -16.27 -8.33 17.04
N VAL F 168 -16.60 -8.14 15.77
CA VAL F 168 -17.85 -7.52 15.31
C VAL F 168 -18.44 -8.35 14.20
N THR F 169 -19.76 -8.51 14.22
CA THR F 169 -20.42 -9.30 13.21
C THR F 169 -20.47 -8.54 11.87
N GLU F 170 -20.76 -9.26 10.80
CA GLU F 170 -21.18 -8.62 9.56
C GLU F 170 -22.55 -7.93 9.75
N GLN F 171 -22.83 -6.96 8.88
CA GLN F 171 -24.07 -6.21 8.92
C GLN F 171 -25.21 -7.20 8.71
N ASP F 172 -26.27 -7.05 9.52
CA ASP F 172 -27.42 -7.96 9.42
C ASP F 172 -28.26 -7.63 8.21
N SER F 173 -28.52 -8.65 7.40
CA SER F 173 -29.33 -8.56 6.23
C SER F 173 -30.71 -7.95 6.49
N LYS F 174 -31.38 -8.38 7.56
CA LYS F 174 -32.76 -7.98 7.83
C LYS F 174 -32.86 -6.55 8.37
N ASP F 175 -32.15 -6.25 9.45
CA ASP F 175 -32.27 -4.97 10.17
C ASP F 175 -31.11 -3.99 10.01
N SER F 176 -30.10 -4.35 9.20
CA SER F 176 -28.95 -3.46 8.91
C SER F 176 -28.11 -3.02 10.12
N THR F 177 -28.10 -3.84 11.18
CA THR F 177 -27.33 -3.57 12.38
C THR F 177 -26.05 -4.41 12.51
N TYR F 178 -25.18 -3.97 13.42
CA TYR F 178 -23.98 -4.66 13.89
C TYR F 178 -24.10 -5.07 15.40
N SER F 179 -23.45 -6.15 15.77
CA SER F 179 -23.25 -6.53 17.14
C SER F 179 -21.80 -6.75 17.42
N LEU F 180 -21.38 -6.48 18.64
CA LEU F 180 -19.99 -6.60 19.06
C LEU F 180 -19.85 -7.38 20.34
N SER F 181 -18.80 -8.20 20.45
CA SER F 181 -18.45 -8.95 21.63
C SER F 181 -17.07 -8.61 22.06
N SER F 182 -16.88 -8.27 23.36
CA SER F 182 -15.58 -7.96 23.91
C SER F 182 -15.36 -8.85 25.09
N THR F 183 -14.15 -9.42 25.18
CA THR F 183 -13.76 -10.35 26.23
C THR F 183 -12.63 -9.76 26.97
N LEU F 184 -12.80 -9.64 28.30
CA LEU F 184 -11.72 -9.30 29.23
C LEU F 184 -11.18 -10.57 29.88
N THR F 185 -9.88 -10.72 29.90
CA THR F 185 -9.24 -11.98 30.29
C THR F 185 -8.28 -11.69 31.38
N LEU F 186 -8.53 -12.32 32.53
CA LEU F 186 -7.68 -12.21 33.72
C LEU F 186 -7.40 -13.59 34.23
N SER F 187 -6.32 -13.72 34.99
CA SER F 187 -6.06 -14.94 35.76
C SER F 187 -7.13 -15.05 36.88
N LYS F 188 -7.37 -16.26 37.36
CA LYS F 188 -8.18 -16.54 38.56
C LYS F 188 -7.78 -15.66 39.74
N ALA F 189 -6.47 -15.57 40.01
CA ALA F 189 -5.93 -14.81 41.15
C ALA F 189 -6.38 -13.36 41.06
N ASP F 190 -6.04 -12.74 39.94
CA ASP F 190 -6.42 -11.36 39.64
C ASP F 190 -7.92 -11.12 39.67
N TYR F 191 -8.71 -12.08 39.17
CA TYR F 191 -10.18 -11.93 39.23
C TYR F 191 -10.70 -11.93 40.70
N GLU F 192 -10.17 -12.84 41.52
CA GLU F 192 -10.56 -12.98 42.92
C GLU F 192 -10.15 -11.74 43.77
N LYS F 193 -9.07 -11.03 43.39
CA LYS F 193 -8.63 -9.82 44.10
C LYS F 193 -9.47 -8.56 43.85
N HIS F 194 -10.52 -8.62 43.02
CA HIS F 194 -11.38 -7.46 42.79
C HIS F 194 -12.84 -7.86 42.91
N LYS F 195 -13.74 -6.86 42.87
CA LYS F 195 -15.15 -7.02 43.15
C LYS F 195 -16.07 -6.60 42.02
N VAL F 196 -15.94 -5.35 41.56
CA VAL F 196 -16.87 -4.82 40.56
C VAL F 196 -16.23 -4.93 39.15
N TYR F 197 -17.03 -5.47 38.22
CA TYR F 197 -16.65 -5.70 36.85
C TYR F 197 -17.70 -5.00 36.02
N ALA F 198 -17.22 -4.05 35.20
CA ALA F 198 -18.09 -3.26 34.35
C ALA F 198 -17.51 -3.15 32.93
N CYS F 199 -18.41 -3.04 31.98
CA CYS F 199 -18.10 -2.56 30.65
C CYS F 199 -18.95 -1.31 30.33
N GLU F 200 -18.26 -0.21 29.99
CA GLU F 200 -18.87 1.09 29.64
C GLU F 200 -18.88 1.26 28.09
N VAL F 201 -20.06 1.48 27.53
CA VAL F 201 -20.29 1.46 26.11
C VAL F 201 -20.60 2.88 25.63
N THR F 202 -19.80 3.38 24.69
CA THR F 202 -20.04 4.67 24.03
C THR F 202 -20.49 4.40 22.59
N HIS F 203 -21.52 5.11 22.19
CA HIS F 203 -22.12 4.99 20.89
C HIS F 203 -22.97 6.24 20.57
N GLN F 204 -23.12 6.54 19.29
CA GLN F 204 -23.83 7.73 18.81
C GLN F 204 -25.30 7.80 19.31
N GLY F 205 -26.03 6.70 19.12
CA GLY F 205 -27.36 6.45 19.71
C GLY F 205 -27.60 6.52 21.23
N LEU F 206 -26.53 6.68 22.04
CA LEU F 206 -26.61 6.86 23.48
C LEU F 206 -26.18 8.28 23.90
N SER F 207 -27.07 8.99 24.60
CA SER F 207 -26.81 10.37 25.06
C SER F 207 -25.59 10.45 25.99
N SER F 208 -25.49 9.50 26.90
CA SER F 208 -24.36 9.40 27.85
C SER F 208 -23.97 7.92 27.79
N PRO F 209 -22.73 7.56 28.23
CA PRO F 209 -22.30 6.14 28.19
C PRO F 209 -23.19 5.22 29.03
N VAL F 210 -23.49 4.04 28.49
CA VAL F 210 -24.22 2.98 29.23
C VAL F 210 -23.20 2.08 29.87
N THR F 211 -23.38 1.82 31.17
CA THR F 211 -22.59 0.84 31.91
C THR F 211 -23.49 -0.35 32.30
N LYS F 212 -22.97 -1.57 32.10
CA LYS F 212 -23.52 -2.78 32.71
C LYS F 212 -22.42 -3.39 33.59
N SER F 213 -22.82 -3.95 34.71
CA SER F 213 -21.86 -4.42 35.71
C SER F 213 -22.42 -5.53 36.56
N PHE F 214 -21.50 -6.16 37.29
CA PHE F 214 -21.86 -7.19 38.29
C PHE F 214 -20.79 -7.11 39.35
N ASN F 215 -21.12 -7.65 40.51
CA ASN F 215 -20.20 -7.84 41.62
C ASN F 215 -19.89 -9.31 41.72
N ARG F 216 -18.59 -9.63 41.90
CA ARG F 216 -18.10 -11.01 42.06
C ARG F 216 -18.62 -11.63 43.35
N GLY F 217 -19.37 -12.73 43.24
CA GLY F 217 -20.13 -13.33 44.37
C GLY F 217 -21.37 -12.51 44.71
N PCA G 1 -43.07 -48.02 -11.00
CA PCA G 1 -41.97 -47.18 -10.62
CB PCA G 1 -41.13 -47.15 -11.84
CG PCA G 1 -41.97 -47.56 -13.03
CD PCA G 1 -43.13 -48.21 -12.33
OE PCA G 1 -44.00 -48.80 -12.94
C PCA G 1 -42.41 -45.73 -10.31
O PCA G 1 -43.45 -45.26 -10.77
N VAL G 2 -41.61 -45.05 -9.53
CA VAL G 2 -41.71 -43.56 -9.33
C VAL G 2 -41.36 -42.91 -10.64
N GLN G 3 -42.24 -42.06 -11.17
CA GLN G 3 -42.08 -41.40 -12.49
C GLN G 3 -42.55 -39.95 -12.41
N LEU G 4 -41.80 -39.11 -13.09
CA LEU G 4 -42.08 -37.68 -13.22
C LEU G 4 -42.00 -37.39 -14.67
N VAL G 5 -43.11 -36.90 -15.23
CA VAL G 5 -43.17 -36.61 -16.67
C VAL G 5 -43.51 -35.13 -16.88
N GLN G 6 -42.59 -34.42 -17.53
CA GLN G 6 -42.67 -33.03 -17.78
C GLN G 6 -43.28 -32.66 -19.14
N SER G 7 -43.78 -31.43 -19.26
CA SER G 7 -44.25 -30.88 -20.49
C SER G 7 -43.12 -30.73 -21.51
N GLY G 8 -43.51 -30.45 -22.77
CA GLY G 8 -42.66 -30.40 -23.92
C GLY G 8 -41.75 -29.15 -24.01
N ALA G 9 -40.85 -29.22 -24.96
CA ALA G 9 -39.82 -28.18 -25.21
C ALA G 9 -40.53 -26.85 -25.53
N GLU G 10 -39.88 -25.76 -25.19
CA GLU G 10 -40.43 -24.42 -25.28
C GLU G 10 -39.43 -23.56 -25.98
N VAL G 11 -39.95 -22.69 -26.85
CA VAL G 11 -39.20 -21.57 -27.40
C VAL G 11 -39.92 -20.31 -27.05
N LYS G 12 -39.24 -19.42 -26.33
CA LYS G 12 -39.86 -18.19 -25.79
C LYS G 12 -39.04 -16.96 -26.16
N LYS G 13 -39.71 -15.85 -26.40
CA LYS G 13 -39.01 -14.60 -26.69
C LYS G 13 -38.54 -13.95 -25.42
N PRO G 14 -37.47 -13.16 -25.46
CA PRO G 14 -37.07 -12.43 -24.25
C PRO G 14 -38.21 -11.62 -23.59
N GLY G 15 -38.30 -11.65 -22.28
CA GLY G 15 -39.41 -11.03 -21.55
C GLY G 15 -40.66 -11.89 -21.33
N ALA G 16 -40.88 -12.91 -22.17
CA ALA G 16 -42.01 -13.83 -21.98
C ALA G 16 -41.83 -14.72 -20.70
N PRO G 17 -42.92 -15.26 -20.14
CA PRO G 17 -42.81 -16.22 -19.11
C PRO G 17 -42.78 -17.64 -19.69
N VAL G 18 -42.31 -18.62 -18.89
CA VAL G 18 -42.50 -20.05 -19.23
C VAL G 18 -43.14 -20.76 -18.04
N LYS G 19 -44.08 -21.70 -18.31
CA LYS G 19 -44.69 -22.50 -17.27
C LYS G 19 -44.49 -23.98 -17.62
N VAL G 20 -43.73 -24.65 -16.77
CA VAL G 20 -43.39 -26.09 -17.02
C VAL G 20 -44.25 -26.89 -16.04
N SER G 21 -44.84 -27.98 -16.54
CA SER G 21 -45.64 -28.88 -15.70
C SER G 21 -44.88 -30.21 -15.50
N CYS G 22 -45.16 -30.86 -14.37
CA CYS G 22 -44.42 -32.05 -13.91
C CYS G 22 -45.47 -32.95 -13.23
N GLU G 23 -45.98 -33.91 -13.99
CA GLU G 23 -46.95 -34.88 -13.49
C GLU G 23 -46.15 -36.04 -12.88
N THR G 24 -46.57 -36.48 -11.70
CA THR G 24 -45.92 -37.56 -10.97
C THR G 24 -46.87 -38.81 -10.78
N SER G 25 -46.26 -39.97 -10.64
CA SER G 25 -46.99 -41.23 -10.29
C SER G 25 -46.01 -42.22 -9.59
N GLY G 26 -46.60 -43.25 -8.96
CA GLY G 26 -45.84 -44.30 -8.31
C GLY G 26 -45.50 -44.08 -6.88
N TYR G 27 -46.03 -43.02 -6.27
CA TYR G 27 -45.78 -42.69 -4.89
C TYR G 27 -46.86 -41.69 -4.41
N ARG G 28 -46.94 -41.46 -3.11
CA ARG G 28 -47.92 -40.51 -2.57
C ARG G 28 -47.41 -39.04 -2.77
N PHE G 29 -48.05 -38.30 -3.66
CA PHE G 29 -47.61 -36.97 -4.10
C PHE G 29 -47.47 -36.04 -2.92
N SER G 30 -48.44 -36.09 -1.97
CA SER G 30 -48.44 -35.21 -0.79
C SER G 30 -47.24 -35.33 0.16
N ASP G 31 -46.56 -36.50 0.16
CA ASP G 31 -45.52 -36.85 1.11
C ASP G 31 -44.09 -36.33 0.82
N TYR G 32 -43.80 -35.92 -0.44
CA TYR G 32 -42.44 -35.47 -0.81
C TYR G 32 -42.41 -34.06 -1.35
N PHE G 33 -41.34 -33.31 -1.00
CA PHE G 33 -41.04 -32.04 -1.60
C PHE G 33 -40.79 -32.26 -3.11
N VAL G 34 -41.14 -31.30 -3.96
CA VAL G 34 -40.80 -31.31 -5.40
C VAL G 34 -39.87 -30.13 -5.64
N HIS G 35 -38.68 -30.43 -6.12
CA HIS G 35 -37.61 -29.42 -6.36
C HIS G 35 -37.53 -29.15 -7.84
N TRP G 36 -36.92 -28.00 -8.20
CA TRP G 36 -36.65 -27.66 -9.56
C TRP G 36 -35.18 -27.24 -9.73
N VAL G 37 -34.55 -27.80 -10.75
CA VAL G 37 -33.15 -27.64 -10.99
C VAL G 37 -33.05 -27.40 -12.50
N ARG G 38 -32.09 -26.57 -12.90
CA ARG G 38 -31.80 -26.43 -14.33
C ARG G 38 -30.30 -26.60 -14.60
N GLN G 39 -29.98 -26.84 -15.87
CA GLN G 39 -28.65 -26.74 -16.32
C GLN G 39 -28.58 -26.05 -17.66
N ALA G 40 -27.91 -24.90 -17.66
CA ALA G 40 -27.72 -24.11 -18.84
C ALA G 40 -26.43 -24.69 -19.51
N PRO G 41 -26.31 -24.54 -20.84
CA PRO G 41 -25.04 -24.89 -21.45
C PRO G 41 -23.89 -24.09 -20.98
N GLY G 42 -22.75 -24.74 -20.71
CA GLY G 42 -21.54 -24.08 -20.20
C GLY G 42 -21.59 -23.56 -18.80
N GLN G 43 -22.53 -24.10 -17.99
CA GLN G 43 -22.67 -23.81 -16.56
C GLN G 43 -22.90 -25.12 -15.80
N GLY G 44 -22.53 -25.12 -14.54
CA GLY G 44 -22.95 -26.18 -13.59
C GLY G 44 -24.45 -26.11 -13.31
N PRO G 45 -25.03 -27.20 -12.81
CA PRO G 45 -26.44 -27.19 -12.49
C PRO G 45 -26.77 -26.23 -11.37
N GLU G 46 -28.03 -25.80 -11.33
CA GLU G 46 -28.46 -24.76 -10.44
C GLU G 46 -29.87 -25.12 -9.86
N TRP G 47 -29.97 -25.12 -8.55
CA TRP G 47 -31.20 -25.29 -7.82
C TRP G 47 -32.04 -24.06 -7.86
N ILE G 48 -33.28 -24.21 -8.31
CA ILE G 48 -34.19 -23.06 -8.47
C ILE G 48 -35.02 -22.83 -7.22
N GLY G 49 -35.63 -23.94 -6.74
CA GLY G 49 -36.49 -23.83 -5.57
C GLY G 49 -37.20 -25.15 -5.35
N ARG G 50 -38.11 -25.14 -4.40
CA ARG G 50 -38.96 -26.27 -4.13
C ARG G 50 -40.36 -25.87 -3.66
N ILE G 51 -41.23 -26.84 -3.72
CA ILE G 51 -42.61 -26.75 -3.15
C ILE G 51 -42.88 -27.97 -2.28
N ARG G 52 -43.57 -27.73 -1.18
CA ARG G 52 -44.07 -28.74 -0.25
C ARG G 52 -45.52 -28.96 -0.61
N PRO G 53 -45.85 -30.10 -1.27
CA PRO G 53 -47.22 -30.27 -1.79
C PRO G 53 -48.34 -30.27 -0.74
N ASN G 54 -48.07 -30.74 0.48
CA ASN G 54 -49.14 -30.78 1.52
C ASN G 54 -49.60 -29.41 1.91
N SER G 55 -48.65 -28.52 2.20
CA SER G 55 -48.96 -27.14 2.51
C SER G 55 -49.08 -26.17 1.36
N GLY G 56 -48.42 -26.49 0.25
CA GLY G 56 -48.20 -25.51 -0.82
C GLY G 56 -47.05 -24.54 -0.57
N GLY G 57 -46.31 -24.73 0.52
CA GLY G 57 -45.24 -23.85 0.96
C GLY G 57 -44.08 -23.92 -0.04
N THR G 58 -43.52 -22.78 -0.38
CA THR G 58 -42.41 -22.69 -1.34
C THR G 58 -41.16 -22.09 -0.72
N LYS G 59 -39.99 -22.44 -1.32
CA LYS G 59 -38.71 -21.82 -0.94
C LYS G 59 -37.92 -21.69 -2.25
N TYR G 60 -37.51 -20.46 -2.59
CA TYR G 60 -36.79 -20.19 -3.87
C TYR G 60 -35.36 -19.72 -3.56
N ALA G 61 -34.44 -19.99 -4.47
CA ALA G 61 -33.05 -19.52 -4.35
C ALA G 61 -33.09 -18.01 -4.49
N GLN G 62 -32.17 -17.34 -3.83
CA GLN G 62 -32.06 -15.89 -3.87
C GLN G 62 -32.10 -15.33 -5.26
N LYS G 63 -31.30 -15.90 -6.16
CA LYS G 63 -31.27 -15.52 -7.59
C LYS G 63 -32.63 -15.56 -8.38
N PHE G 64 -33.55 -16.43 -7.97
CA PHE G 64 -34.87 -16.52 -8.62
C PHE G 64 -36.03 -15.91 -7.79
N GLN G 65 -35.74 -15.44 -6.57
CA GLN G 65 -36.74 -14.72 -5.75
C GLN G 65 -37.30 -13.49 -6.54
N GLY G 66 -38.61 -13.47 -6.71
CA GLY G 66 -39.25 -12.41 -7.46
C GLY G 66 -39.52 -12.68 -8.91
N ARG G 67 -38.98 -13.78 -9.47
CA ARG G 67 -39.22 -14.16 -10.86
C ARG G 67 -39.71 -15.61 -11.09
N VAL G 68 -39.85 -16.40 -10.00
CA VAL G 68 -40.33 -17.78 -10.08
C VAL G 68 -41.54 -18.00 -9.18
N THR G 69 -42.48 -18.81 -9.66
CA THR G 69 -43.64 -19.17 -8.88
C THR G 69 -43.84 -20.64 -9.06
N MET G 70 -43.86 -21.34 -7.94
CA MET G 70 -44.14 -22.80 -7.93
C MET G 70 -45.48 -23.06 -7.34
N THR G 71 -46.20 -23.97 -7.96
CA THR G 71 -47.55 -24.33 -7.54
C THR G 71 -47.72 -25.82 -7.73
N ARG G 72 -48.83 -26.36 -7.24
CA ARG G 72 -49.16 -27.77 -7.47
C ARG G 72 -50.69 -27.96 -7.48
N ASP G 73 -51.09 -29.00 -8.17
CA ASP G 73 -52.48 -29.45 -8.19
C ASP G 73 -52.47 -30.86 -7.63
N MET G 74 -52.93 -30.97 -6.39
CA MET G 74 -53.03 -32.22 -5.67
C MET G 74 -53.87 -33.27 -6.35
N SER G 75 -55.00 -32.85 -6.93
CA SER G 75 -55.90 -33.76 -7.62
C SER G 75 -55.31 -34.41 -8.84
N MET G 76 -54.34 -33.76 -9.42
CA MET G 76 -53.66 -34.28 -10.64
C MET G 76 -52.20 -34.75 -10.38
N ASN G 77 -51.77 -34.71 -9.13
CA ASN G 77 -50.42 -35.15 -8.76
C ASN G 77 -49.33 -34.42 -9.59
N THR G 78 -49.57 -33.11 -9.82
CA THR G 78 -48.78 -32.31 -10.69
C THR G 78 -48.25 -31.06 -9.97
N ALA G 79 -46.96 -30.76 -10.18
CA ALA G 79 -46.32 -29.54 -9.77
C ALA G 79 -46.02 -28.69 -11.00
N TYR G 80 -45.93 -27.38 -10.77
CA TYR G 80 -45.65 -26.44 -11.87
C TYR G 80 -44.62 -25.42 -11.44
N MET G 81 -43.82 -24.96 -12.39
CA MET G 81 -42.91 -23.87 -12.15
C MET G 81 -43.06 -22.85 -13.24
N GLU G 82 -43.25 -21.60 -12.85
CA GLU G 82 -43.39 -20.50 -13.84
C GLU G 82 -42.23 -19.51 -13.58
N LEU G 83 -41.42 -19.31 -14.62
CA LEU G 83 -40.30 -18.42 -14.56
C LEU G 83 -40.64 -17.25 -15.47
N SER G 84 -40.60 -16.04 -14.92
CA SER G 84 -40.96 -14.82 -15.66
C SER G 84 -39.73 -14.02 -16.13
N GLY G 85 -39.96 -13.06 -17.00
CA GLY G 85 -38.87 -12.22 -17.46
C GLY G 85 -37.70 -12.95 -18.12
N LEU G 86 -37.99 -13.88 -19.00
CA LEU G 86 -36.91 -14.77 -19.61
C LEU G 86 -35.87 -13.93 -20.40
N ARG G 87 -34.61 -14.23 -20.18
CA ARG G 87 -33.48 -13.70 -20.90
C ARG G 87 -32.76 -14.85 -21.55
N SER G 88 -31.86 -14.54 -22.48
CA SER G 88 -31.00 -15.54 -23.16
C SER G 88 -30.34 -16.53 -22.25
N ASP G 89 -29.81 -16.06 -21.15
CA ASP G 89 -29.14 -16.94 -20.14
C ASP G 89 -30.04 -17.86 -19.28
N ASP G 90 -31.35 -17.78 -19.49
CA ASP G 90 -32.30 -18.75 -19.04
C ASP G 90 -32.45 -19.95 -19.88
N THR G 91 -31.84 -19.92 -21.06
CA THR G 91 -31.87 -21.02 -21.98
C THR G 91 -31.16 -22.21 -21.28
N ALA G 92 -31.91 -23.30 -21.11
CA ALA G 92 -31.47 -24.41 -20.20
C ALA G 92 -32.44 -25.55 -20.29
N VAL G 93 -32.01 -26.68 -19.76
CA VAL G 93 -32.97 -27.80 -19.51
C VAL G 93 -33.36 -27.65 -18.08
N TYR G 94 -34.68 -27.74 -17.84
CA TYR G 94 -35.31 -27.60 -16.57
C TYR G 94 -35.83 -28.94 -16.08
N TYR G 95 -35.53 -29.30 -14.86
CA TYR G 95 -35.99 -30.59 -14.24
C TYR G 95 -36.84 -30.38 -13.00
N CYS G 96 -37.92 -31.17 -12.88
CA CYS G 96 -38.54 -31.35 -11.59
C CYS G 96 -37.91 -32.59 -11.00
N VAL G 97 -37.77 -32.59 -9.68
CA VAL G 97 -37.05 -33.60 -8.94
C VAL G 97 -37.86 -33.94 -7.65
N ARG G 98 -38.35 -35.19 -7.53
CA ARG G 98 -38.93 -35.62 -6.27
C ARG G 98 -37.81 -35.69 -5.23
N GLY G 99 -38.13 -35.20 -4.04
CA GLY G 99 -37.22 -35.22 -2.88
C GLY G 99 -36.94 -36.59 -2.34
N HIS G 100 -36.22 -36.59 -1.21
CA HIS G 100 -35.62 -37.73 -0.59
C HIS G 100 -36.41 -38.27 0.58
N CYS G 101 -36.98 -37.37 1.40
CA CYS G 101 -37.45 -37.61 2.75
C CYS G 101 -38.99 -37.42 2.81
N ASP G 102 -39.70 -38.44 3.28
CA ASP G 102 -41.16 -38.35 3.52
C ASP G 102 -41.63 -38.07 4.97
N GLY G 103 -40.71 -37.78 5.88
CA GLY G 103 -40.96 -37.67 7.32
C GLY G 103 -40.70 -38.94 8.13
N THR G 104 -40.84 -40.10 7.49
CA THR G 104 -40.61 -41.39 8.13
C THR G 104 -39.27 -42.02 7.67
N THR G 105 -38.99 -41.96 6.36
CA THR G 105 -37.73 -42.46 5.82
C THR G 105 -37.13 -41.44 4.85
N CYS G 106 -35.85 -41.67 4.51
CA CYS G 106 -35.12 -40.94 3.47
C CYS G 106 -34.54 -41.87 2.46
N SER G 107 -34.67 -41.51 1.18
CA SER G 107 -34.28 -42.35 0.10
C SER G 107 -33.63 -41.50 -0.99
N ARG G 108 -33.61 -42.02 -2.21
CA ARG G 108 -33.12 -41.35 -3.39
C ARG G 108 -34.09 -40.31 -3.93
N ALA G 109 -33.57 -39.44 -4.79
CA ALA G 109 -34.29 -38.56 -5.63
C ALA G 109 -34.71 -39.28 -6.92
N TYR G 110 -35.75 -38.75 -7.57
CA TYR G 110 -36.20 -39.15 -8.87
C TYR G 110 -36.43 -37.90 -9.70
N TRP G 111 -35.91 -37.92 -10.93
CA TRP G 111 -35.83 -36.79 -11.81
C TRP G 111 -36.83 -36.95 -12.93
N GLY G 112 -37.49 -35.88 -13.29
CA GLY G 112 -38.23 -35.83 -14.57
C GLY G 112 -37.29 -35.92 -15.77
N GLN G 113 -37.86 -36.11 -16.95
CA GLN G 113 -37.04 -36.21 -18.19
C GLN G 113 -36.38 -34.92 -18.69
N GLY G 114 -36.79 -33.79 -18.14
CA GLY G 114 -36.26 -32.47 -18.51
C GLY G 114 -37.21 -31.80 -19.51
N THR G 115 -37.19 -30.48 -19.49
CA THR G 115 -37.85 -29.61 -20.44
C THR G 115 -36.83 -28.56 -20.93
N LEU G 116 -36.55 -28.58 -22.21
CA LEU G 116 -35.66 -27.58 -22.80
C LEU G 116 -36.41 -26.32 -23.01
N VAL G 117 -35.82 -25.21 -22.52
CA VAL G 117 -36.41 -23.91 -22.76
C VAL G 117 -35.34 -23.16 -23.50
N THR G 118 -35.70 -22.64 -24.69
CA THR G 118 -34.77 -21.84 -25.50
C THR G 118 -35.33 -20.42 -25.55
N VAL G 119 -34.52 -19.46 -25.17
CA VAL G 119 -34.93 -18.03 -25.11
C VAL G 119 -34.26 -17.30 -26.26
N SER G 120 -35.06 -16.89 -27.26
CA SER G 120 -34.57 -16.22 -28.44
C SER G 120 -35.67 -15.37 -29.14
N SER G 121 -35.25 -14.28 -29.76
CA SER G 121 -36.09 -13.46 -30.64
C SER G 121 -36.28 -14.03 -32.07
N ALA G 122 -35.50 -15.07 -32.46
CA ALA G 122 -35.43 -15.49 -33.80
C ALA G 122 -36.78 -16.14 -34.24
N SER G 123 -37.07 -16.05 -35.53
CA SER G 123 -38.25 -16.71 -36.14
C SER G 123 -37.82 -18.03 -36.79
N THR G 124 -38.78 -18.95 -36.88
CA THR G 124 -38.57 -20.21 -37.57
C THR G 124 -38.02 -20.03 -38.94
N LYS G 125 -36.92 -20.71 -39.26
CA LYS G 125 -36.35 -20.69 -40.61
C LYS G 125 -35.66 -22.02 -40.94
N GLY G 126 -35.85 -22.51 -42.13
CA GLY G 126 -35.23 -23.74 -42.66
C GLY G 126 -33.83 -23.48 -43.11
N PRO G 127 -32.95 -24.47 -43.02
CA PRO G 127 -31.55 -24.24 -43.45
C PRO G 127 -31.39 -24.18 -44.98
N SER G 128 -30.37 -23.47 -45.45
CA SER G 128 -29.68 -23.81 -46.72
C SER G 128 -28.63 -24.90 -46.52
N VAL G 129 -28.49 -25.78 -47.50
CA VAL G 129 -27.59 -26.93 -47.38
C VAL G 129 -26.59 -26.84 -48.52
N PHE G 130 -25.32 -26.74 -48.14
CA PHE G 130 -24.23 -26.52 -49.12
C PHE G 130 -23.27 -27.72 -49.05
N PRO G 131 -22.68 -28.16 -50.23
CA PRO G 131 -21.76 -29.27 -50.22
C PRO G 131 -20.40 -28.84 -49.64
N LEU G 132 -19.76 -29.78 -48.92
CA LEU G 132 -18.32 -29.68 -48.57
C LEU G 132 -17.60 -30.76 -49.44
N ALA G 133 -17.01 -30.32 -50.56
CA ALA G 133 -16.67 -31.29 -51.67
C ALA G 133 -15.29 -31.88 -51.36
N PRO G 134 -15.10 -33.20 -51.57
CA PRO G 134 -13.77 -33.79 -51.39
C PRO G 134 -12.73 -33.26 -52.38
N SER G 135 -11.52 -32.99 -51.88
CA SER G 135 -10.34 -32.58 -52.67
C SER G 135 -10.55 -31.19 -53.31
N GLY G 141 -4.20 -39.28 -49.55
CA GLY G 141 -3.85 -40.64 -49.90
C GLY G 141 -5.01 -41.63 -49.98
N GLY G 142 -5.19 -42.42 -48.91
CA GLY G 142 -6.17 -43.51 -48.86
C GLY G 142 -7.55 -43.14 -48.30
N THR G 143 -7.62 -42.11 -47.47
CA THR G 143 -8.87 -41.62 -46.85
C THR G 143 -9.24 -40.16 -47.32
N ALA G 144 -10.47 -39.99 -47.81
CA ALA G 144 -10.96 -38.67 -48.25
C ALA G 144 -12.14 -38.24 -47.38
N ALA G 145 -12.33 -36.92 -47.28
CA ALA G 145 -13.37 -36.33 -46.44
C ALA G 145 -14.28 -35.50 -47.29
N LEU G 146 -15.59 -35.62 -47.02
CA LEU G 146 -16.62 -34.78 -47.66
C LEU G 146 -17.80 -34.52 -46.67
N GLY G 147 -18.63 -33.57 -46.99
CA GLY G 147 -19.74 -33.26 -46.06
C GLY G 147 -20.78 -32.34 -46.58
N CYS G 148 -21.68 -31.94 -45.66
CA CYS G 148 -22.69 -30.92 -45.91
C CYS G 148 -22.65 -29.84 -44.80
N LEU G 149 -22.78 -28.58 -45.20
CA LEU G 149 -22.89 -27.45 -44.33
C LEU G 149 -24.34 -27.07 -44.29
N VAL G 150 -24.94 -27.13 -43.09
CA VAL G 150 -26.33 -26.88 -42.88
C VAL G 150 -26.45 -25.51 -42.19
N LYS G 151 -26.80 -24.48 -42.97
CA LYS G 151 -26.64 -23.15 -42.51
C LYS G 151 -27.92 -22.34 -42.29
N ASP G 152 -27.95 -21.52 -41.26
CA ASP G 152 -28.96 -20.50 -41.03
C ASP G 152 -30.36 -21.12 -40.82
N TYR G 153 -30.50 -21.87 -39.71
CA TYR G 153 -31.77 -22.41 -39.30
C TYR G 153 -32.13 -22.06 -37.86
N PHE G 154 -33.42 -22.13 -37.55
CA PHE G 154 -33.94 -21.95 -36.20
C PHE G 154 -35.36 -22.57 -36.09
N PRO G 155 -35.66 -23.18 -34.97
CA PRO G 155 -34.80 -23.58 -33.82
C PRO G 155 -34.14 -24.89 -34.07
N GLU G 156 -33.32 -25.36 -33.10
CA GLU G 156 -32.85 -26.74 -33.08
C GLU G 156 -34.02 -27.75 -32.94
N PRO G 157 -33.90 -28.98 -33.43
CA PRO G 157 -32.72 -29.59 -34.02
C PRO G 157 -32.85 -29.76 -35.53
N VAL G 158 -31.74 -30.00 -36.21
CA VAL G 158 -31.75 -30.62 -37.51
C VAL G 158 -31.23 -32.08 -37.34
N THR G 159 -31.61 -32.94 -38.26
CA THR G 159 -31.08 -34.32 -38.34
C THR G 159 -30.43 -34.47 -39.71
N VAL G 160 -29.31 -35.21 -39.74
CA VAL G 160 -28.58 -35.47 -40.95
C VAL G 160 -28.31 -36.94 -41.07
N SER G 161 -28.59 -37.54 -42.24
CA SER G 161 -28.13 -38.89 -42.55
C SER G 161 -27.44 -38.88 -43.86
N TRP G 162 -26.79 -39.99 -44.19
CA TRP G 162 -26.00 -40.07 -45.41
C TRP G 162 -26.47 -41.31 -46.16
N ASN G 163 -26.76 -41.07 -47.43
CA ASN G 163 -27.28 -42.11 -48.39
C ASN G 163 -28.46 -42.84 -47.73
N SER G 164 -29.41 -42.04 -47.21
CA SER G 164 -30.67 -42.55 -46.61
C SER G 164 -30.44 -43.53 -45.47
N GLY G 165 -29.41 -43.28 -44.68
CA GLY G 165 -29.04 -44.09 -43.55
C GLY G 165 -28.23 -45.30 -43.82
N ALA G 166 -27.88 -45.57 -45.11
CA ALA G 166 -27.03 -46.68 -45.44
C ALA G 166 -25.53 -46.41 -45.19
N LEU G 167 -25.09 -45.14 -45.22
CA LEU G 167 -23.72 -44.79 -44.80
C LEU G 167 -23.67 -44.22 -43.37
N THR G 168 -23.16 -45.01 -42.41
CA THR G 168 -22.99 -44.64 -41.00
C THR G 168 -21.53 -44.59 -40.52
N SER G 169 -20.69 -45.45 -41.05
CA SER G 169 -19.31 -45.52 -40.68
C SER G 169 -18.54 -44.26 -41.13
N GLY G 170 -17.70 -43.74 -40.26
CA GLY G 170 -16.95 -42.51 -40.52
C GLY G 170 -17.74 -41.18 -40.53
N VAL G 171 -19.03 -41.22 -40.21
CA VAL G 171 -19.88 -40.04 -40.14
C VAL G 171 -19.62 -39.31 -38.84
N HIS G 172 -19.45 -37.99 -38.95
CA HIS G 172 -19.47 -37.11 -37.74
C HIS G 172 -20.39 -35.91 -38.01
N THR G 173 -21.43 -35.81 -37.20
CA THR G 173 -22.39 -34.68 -37.30
C THR G 173 -22.16 -33.87 -36.02
N PHE G 174 -21.67 -32.68 -36.24
CA PHE G 174 -21.18 -31.82 -35.15
C PHE G 174 -22.31 -31.09 -34.41
N PRO G 175 -22.07 -30.71 -33.17
CA PRO G 175 -23.00 -29.81 -32.51
C PRO G 175 -23.13 -28.51 -33.28
N ALA G 176 -24.35 -27.99 -33.29
CA ALA G 176 -24.64 -26.70 -33.94
C ALA G 176 -23.97 -25.59 -33.18
N VAL G 177 -23.60 -24.52 -33.91
CA VAL G 177 -23.14 -23.24 -33.29
C VAL G 177 -24.22 -22.17 -33.48
N LEU G 178 -24.32 -21.22 -32.56
CA LEU G 178 -25.33 -20.14 -32.63
C LEU G 178 -24.61 -18.96 -33.16
N GLN G 179 -25.00 -18.52 -34.36
CA GLN G 179 -24.37 -17.32 -34.97
C GLN G 179 -24.98 -16.03 -34.33
N SER G 180 -24.30 -14.91 -34.51
CA SER G 180 -24.75 -13.65 -33.97
C SER G 180 -26.10 -13.21 -34.52
N SER G 181 -26.44 -13.71 -35.71
CA SER G 181 -27.77 -13.51 -36.28
C SER G 181 -28.88 -14.16 -35.46
N GLY G 182 -28.55 -15.02 -34.49
CA GLY G 182 -29.59 -15.83 -33.82
C GLY G 182 -29.98 -17.16 -34.55
N LEU G 183 -29.34 -17.44 -35.67
CA LEU G 183 -29.58 -18.66 -36.48
C LEU G 183 -28.44 -19.62 -36.25
N TYR G 184 -28.78 -20.88 -36.24
CA TYR G 184 -27.82 -21.98 -36.07
C TYR G 184 -27.18 -22.39 -37.38
N SER G 185 -26.01 -23.04 -37.24
CA SER G 185 -25.28 -23.67 -38.34
C SER G 185 -24.63 -24.92 -37.84
N LEU G 186 -24.68 -25.97 -38.64
CA LEU G 186 -24.00 -27.22 -38.37
C LEU G 186 -23.33 -27.83 -39.60
N SER G 187 -22.33 -28.65 -39.33
CA SER G 187 -21.68 -29.40 -40.41
C SER G 187 -21.79 -30.89 -40.10
N SER G 188 -21.97 -31.68 -41.14
CA SER G 188 -21.93 -33.10 -41.05
C SER G 188 -20.89 -33.56 -42.10
N VAL G 189 -19.97 -34.42 -41.67
CA VAL G 189 -18.92 -34.89 -42.53
C VAL G 189 -18.89 -36.39 -42.48
N VAL G 190 -18.24 -36.94 -43.48
CA VAL G 190 -17.93 -38.38 -43.53
C VAL G 190 -16.52 -38.61 -44.20
N THR G 191 -15.73 -39.51 -43.63
CA THR G 191 -14.48 -39.96 -44.21
C THR G 191 -14.78 -41.29 -44.90
N VAL G 192 -14.28 -41.40 -46.14
CA VAL G 192 -14.50 -42.56 -46.96
C VAL G 192 -13.16 -43.00 -47.58
N PRO G 193 -13.14 -44.19 -48.20
CA PRO G 193 -12.01 -44.50 -49.09
C PRO G 193 -11.90 -43.57 -50.31
N SER G 194 -10.74 -42.93 -50.50
CA SER G 194 -10.40 -42.21 -51.77
C SER G 194 -10.69 -42.99 -53.05
N SER G 195 -10.52 -44.32 -52.94
CA SER G 195 -10.89 -45.25 -54.02
C SER G 195 -12.36 -45.24 -54.48
N SER G 196 -13.28 -44.80 -53.62
CA SER G 196 -14.73 -44.72 -53.97
C SER G 196 -15.17 -43.44 -54.73
N LEU G 197 -14.33 -42.40 -54.76
CA LEU G 197 -14.77 -41.07 -55.22
C LEU G 197 -15.19 -41.00 -56.69
N GLY G 198 -14.63 -41.88 -57.54
CA GLY G 198 -15.10 -41.98 -58.92
C GLY G 198 -16.44 -42.68 -59.12
N THR G 199 -16.82 -43.56 -58.19
CA THR G 199 -17.98 -44.49 -58.39
C THR G 199 -19.17 -44.34 -57.41
N GLN G 200 -18.89 -44.19 -56.12
CA GLN G 200 -19.93 -44.10 -55.06
C GLN G 200 -20.62 -42.70 -54.99
N THR G 201 -21.95 -42.70 -55.05
CA THR G 201 -22.79 -41.51 -54.86
C THR G 201 -22.90 -41.22 -53.36
N TYR G 202 -22.62 -39.96 -53.01
CA TYR G 202 -22.78 -39.46 -51.61
C TYR G 202 -23.84 -38.32 -51.56
N ILE G 203 -24.89 -38.59 -50.79
CA ILE G 203 -26.02 -37.69 -50.58
C ILE G 203 -26.23 -37.51 -49.06
N CYS G 204 -26.17 -36.27 -48.57
CA CYS G 204 -26.58 -35.99 -47.19
C CYS G 204 -28.08 -35.70 -47.23
N ASN G 205 -28.82 -36.31 -46.31
CA ASN G 205 -30.27 -36.11 -46.12
C ASN G 205 -30.48 -35.25 -44.85
N VAL G 206 -30.92 -34.03 -45.05
CA VAL G 206 -31.12 -33.08 -43.98
C VAL G 206 -32.60 -32.85 -43.76
N ASN G 207 -33.03 -32.95 -42.50
CA ASN G 207 -34.39 -32.69 -42.06
C ASN G 207 -34.44 -31.66 -40.93
N HIS G 208 -35.32 -30.69 -41.10
CA HIS G 208 -35.61 -29.68 -40.13
C HIS G 208 -37.12 -29.61 -40.02
N LYS G 209 -37.66 -30.30 -38.98
CA LYS G 209 -39.11 -30.42 -38.79
C LYS G 209 -39.86 -29.07 -38.59
N PRO G 210 -39.34 -28.12 -37.77
CA PRO G 210 -40.08 -26.86 -37.54
C PRO G 210 -40.40 -26.03 -38.73
N SER G 211 -39.59 -26.16 -39.79
CA SER G 211 -39.82 -25.45 -41.06
C SER G 211 -40.24 -26.36 -42.20
N ASN G 212 -40.53 -27.62 -41.91
CA ASN G 212 -40.92 -28.63 -42.92
C ASN G 212 -39.90 -28.69 -44.08
N THR G 213 -38.63 -28.67 -43.72
CA THR G 213 -37.50 -28.78 -44.63
C THR G 213 -36.96 -30.19 -44.74
N LYS G 214 -36.86 -30.68 -45.98
CA LYS G 214 -36.26 -32.03 -46.20
C LYS G 214 -35.43 -31.86 -47.45
N VAL G 215 -34.10 -32.00 -47.33
CA VAL G 215 -33.17 -31.67 -48.43
C VAL G 215 -32.26 -32.87 -48.63
N ASP G 216 -32.11 -33.29 -49.88
CA ASP G 216 -31.14 -34.35 -50.25
C ASP G 216 -30.11 -33.67 -51.18
N LYS G 217 -28.92 -33.39 -50.65
CA LYS G 217 -27.85 -32.71 -51.40
C LYS G 217 -26.80 -33.77 -51.82
N ARG G 218 -26.59 -33.91 -53.13
CA ARG G 218 -25.49 -34.68 -53.67
C ARG G 218 -24.17 -33.94 -53.46
N VAL G 219 -23.18 -34.68 -52.95
CA VAL G 219 -21.81 -34.16 -52.73
C VAL G 219 -20.84 -34.99 -53.59
N GLU G 220 -20.15 -34.30 -54.50
CA GLU G 220 -19.25 -34.88 -55.49
C GLU G 220 -17.95 -34.07 -55.63
N PRO G 221 -16.90 -34.69 -56.18
CA PRO G 221 -15.64 -33.94 -56.36
C PRO G 221 -15.74 -32.71 -57.26
N ASP H 1 -24.51 -20.98 1.98
CA ASP H 1 -24.75 -22.21 1.18
C ASP H 1 -23.59 -23.20 1.43
N VAL H 2 -23.87 -24.51 1.26
CA VAL H 2 -22.86 -25.51 1.33
C VAL H 2 -22.02 -25.49 0.08
N VAL H 3 -20.70 -25.45 0.25
CA VAL H 3 -19.79 -25.39 -0.87
C VAL H 3 -19.22 -26.78 -1.03
N MET H 4 -19.42 -27.37 -2.21
CA MET H 4 -18.79 -28.63 -2.61
C MET H 4 -17.57 -28.38 -3.45
N THR H 5 -16.46 -29.07 -3.15
CA THR H 5 -15.25 -28.99 -3.96
C THR H 5 -14.96 -30.41 -4.50
N GLN H 6 -14.88 -30.51 -5.83
CA GLN H 6 -14.72 -31.73 -6.55
C GLN H 6 -13.42 -31.77 -7.30
N SER H 7 -12.79 -32.94 -7.28
CA SER H 7 -11.49 -33.20 -7.97
C SER H 7 -11.36 -34.63 -8.38
N PRO H 8 -10.81 -34.93 -9.56
CA PRO H 8 -10.23 -33.97 -10.54
C PRO H 8 -11.34 -33.46 -11.45
N LEU H 9 -11.01 -32.44 -12.21
CA LEU H 9 -11.91 -31.84 -13.21
C LEU H 9 -11.95 -32.64 -14.47
N SER H 10 -10.84 -33.30 -14.79
CA SER H 10 -10.70 -34.06 -16.03
C SER H 10 -10.09 -35.43 -15.62
N LEU H 11 -10.70 -36.50 -16.08
CA LEU H 11 -10.24 -37.83 -15.69
C LEU H 11 -10.23 -38.81 -16.87
N PRO H 12 -9.18 -38.76 -17.70
CA PRO H 12 -8.92 -39.80 -18.70
C PRO H 12 -8.54 -41.11 -18.08
N VAL H 13 -9.23 -42.19 -18.45
CA VAL H 13 -9.05 -43.50 -17.82
C VAL H 13 -8.72 -44.55 -18.91
N THR H 14 -7.57 -45.21 -18.80
CA THR H 14 -7.13 -46.27 -19.69
C THR H 14 -7.99 -47.48 -19.45
N PRO H 15 -8.50 -48.12 -20.53
CA PRO H 15 -9.37 -49.34 -20.34
C PRO H 15 -8.75 -50.35 -19.39
N GLY H 16 -9.53 -50.78 -18.41
CA GLY H 16 -9.07 -51.77 -17.41
C GLY H 16 -8.49 -51.14 -16.14
N GLU H 17 -8.17 -49.84 -16.14
CA GLU H 17 -7.76 -49.17 -14.90
C GLU H 17 -8.98 -48.60 -14.17
N PRO H 18 -8.92 -48.46 -12.82
CA PRO H 18 -10.02 -47.80 -12.08
C PRO H 18 -9.98 -46.27 -12.11
N ALA H 19 -11.09 -45.68 -11.63
CA ALA H 19 -11.27 -44.26 -11.46
C ALA H 19 -11.82 -43.95 -10.09
N SER H 20 -11.42 -42.81 -9.54
CA SER H 20 -11.90 -42.29 -8.27
C SER H 20 -12.12 -40.77 -8.48
N ILE H 21 -13.20 -40.28 -7.90
CA ILE H 21 -13.59 -38.86 -7.90
C ILE H 21 -13.83 -38.51 -6.47
N SER H 22 -13.18 -37.43 -6.03
CA SER H 22 -13.33 -36.92 -4.66
C SER H 22 -14.27 -35.66 -4.63
N CYS H 23 -14.99 -35.57 -3.54
CA CYS H 23 -15.84 -34.45 -3.28
C CYS H 23 -15.74 -34.16 -1.79
N ARG H 24 -15.45 -32.90 -1.49
CA ARG H 24 -15.44 -32.43 -0.08
C ARG H 24 -16.39 -31.29 0.18
N SER H 25 -17.05 -31.36 1.32
CA SER H 25 -18.10 -30.42 1.72
C SER H 25 -17.52 -29.41 2.76
N SER H 26 -17.99 -28.18 2.71
CA SER H 26 -17.60 -27.12 3.62
C SER H 26 -18.19 -27.33 5.02
N GLN H 27 -19.15 -28.24 5.16
CA GLN H 27 -19.63 -28.67 6.48
C GLN H 27 -20.09 -30.09 6.36
N SER H 28 -20.26 -30.73 7.52
CA SER H 28 -20.61 -32.15 7.55
C SER H 28 -21.99 -32.40 6.96
N LEU H 29 -22.06 -33.44 6.16
CA LEU H 29 -23.35 -33.89 5.52
C LEU H 29 -23.95 -35.06 6.22
N LEU H 30 -23.30 -35.48 7.30
CA LEU H 30 -23.85 -36.49 8.22
C LEU H 30 -24.81 -35.77 9.17
N HIS H 31 -26.09 -36.00 8.96
CA HIS H 31 -27.17 -35.54 9.82
C HIS H 31 -27.27 -36.41 11.04
N ARG H 32 -27.87 -35.86 12.09
CA ARG H 32 -27.99 -36.58 13.35
C ARG H 32 -28.79 -37.85 13.22
N SER H 33 -29.66 -37.94 12.21
CA SER H 33 -30.40 -39.18 11.93
C SER H 33 -29.56 -40.33 11.44
N GLY H 34 -28.30 -40.07 11.07
CA GLY H 34 -27.40 -41.06 10.50
C GLY H 34 -27.30 -41.07 8.98
N HIS H 35 -28.15 -40.31 8.29
CA HIS H 35 -28.09 -40.25 6.81
C HIS H 35 -26.92 -39.25 6.41
N LYS H 36 -26.17 -39.64 5.39
CA LYS H 36 -25.18 -38.77 4.73
C LYS H 36 -25.85 -38.20 3.44
N TYR H 37 -26.15 -36.90 3.45
CA TYR H 37 -26.92 -36.29 2.33
C TYR H 37 -26.02 -35.87 1.15
N LEU H 38 -25.32 -36.83 0.57
CA LEU H 38 -24.42 -36.62 -0.57
C LEU H 38 -24.73 -37.65 -1.64
N HIS H 39 -24.84 -37.19 -2.88
CA HIS H 39 -25.26 -38.05 -3.98
C HIS H 39 -24.34 -37.88 -5.16
N TRP H 40 -24.19 -38.88 -5.96
CA TRP H 40 -23.34 -38.85 -7.21
C TRP H 40 -24.21 -39.19 -8.43
N TYR H 41 -24.14 -38.34 -9.44
N TYR H 41 -24.05 -38.35 -9.45
CA TYR H 41 -24.80 -38.60 -10.70
CA TYR H 41 -24.77 -38.41 -10.71
C TYR H 41 -23.92 -38.43 -11.94
C TYR H 41 -23.88 -38.45 -11.94
N LEU H 42 -24.39 -39.06 -13.00
CA LEU H 42 -23.75 -39.02 -14.33
C LEU H 42 -24.68 -38.22 -15.27
N GLN H 43 -24.10 -37.21 -15.90
CA GLN H 43 -24.75 -36.44 -16.91
C GLN H 43 -24.17 -36.84 -18.25
N ARG H 44 -25.04 -37.40 -19.08
CA ARG H 44 -24.69 -37.67 -20.52
C ARG H 44 -25.58 -36.76 -21.40
N PRO H 45 -25.19 -36.50 -22.68
CA PRO H 45 -25.95 -35.57 -23.53
C PRO H 45 -27.40 -35.97 -23.82
N GLY H 46 -28.27 -34.98 -23.86
CA GLY H 46 -29.73 -35.21 -24.17
C GLY H 46 -30.50 -36.14 -23.23
N GLN H 47 -30.03 -36.34 -21.98
CA GLN H 47 -30.82 -37.05 -20.94
C GLN H 47 -30.64 -36.48 -19.55
N SER H 48 -31.58 -36.83 -18.67
CA SER H 48 -31.59 -36.42 -17.29
C SER H 48 -30.38 -36.93 -16.56
N PRO H 49 -29.92 -36.21 -15.52
CA PRO H 49 -29.02 -36.75 -14.51
C PRO H 49 -29.42 -38.14 -14.08
N GLN H 50 -28.44 -39.06 -14.11
CA GLN H 50 -28.67 -40.50 -13.74
C GLN H 50 -28.05 -40.70 -12.42
N VAL H 51 -28.86 -40.99 -11.40
CA VAL H 51 -28.36 -41.16 -10.00
C VAL H 51 -27.57 -42.45 -10.06
N LEU H 52 -26.34 -42.41 -9.54
CA LEU H 52 -25.47 -43.56 -9.42
C LEU H 52 -25.47 -44.02 -7.98
N ILE H 53 -25.14 -43.11 -7.07
CA ILE H 53 -24.97 -43.38 -5.66
C ILE H 53 -25.76 -42.34 -4.91
N TYR H 54 -26.59 -42.77 -4.01
CA TYR H 54 -27.37 -41.91 -3.14
C TYR H 54 -27.13 -42.16 -1.66
N LEU H 55 -27.37 -41.12 -0.89
CA LEU H 55 -27.15 -41.03 0.54
C LEU H 55 -25.79 -41.62 0.91
N GLY H 56 -24.75 -41.17 0.19
CA GLY H 56 -23.36 -41.51 0.51
C GLY H 56 -22.84 -42.74 -0.15
N SER H 57 -23.56 -43.84 0.02
CA SER H 57 -23.06 -45.15 -0.36
C SER H 57 -24.07 -46.14 -0.93
N ASN H 58 -25.35 -45.74 -1.11
CA ASN H 58 -26.35 -46.64 -1.73
C ASN H 58 -26.29 -46.64 -3.22
N ARG H 59 -26.14 -47.82 -3.84
CA ARG H 59 -26.23 -47.96 -5.30
C ARG H 59 -27.66 -47.95 -5.78
N ALA H 60 -27.99 -47.06 -6.71
CA ALA H 60 -29.33 -47.02 -7.35
C ALA H 60 -29.58 -48.27 -8.18
N SER H 61 -30.87 -48.65 -8.28
CA SER H 61 -31.32 -49.75 -9.13
C SER H 61 -30.80 -49.67 -10.54
N GLY H 62 -30.30 -50.78 -11.09
CA GLY H 62 -29.78 -50.90 -12.41
C GLY H 62 -28.38 -50.30 -12.67
N VAL H 63 -27.77 -49.73 -11.64
CA VAL H 63 -26.40 -49.17 -11.80
C VAL H 63 -25.42 -50.36 -11.67
N PRO H 64 -24.48 -50.51 -12.60
CA PRO H 64 -23.54 -51.62 -12.49
C PRO H 64 -22.75 -51.67 -11.17
N ASP H 65 -22.37 -52.87 -10.75
CA ASP H 65 -21.65 -53.09 -9.51
C ASP H 65 -20.30 -52.34 -9.47
N ARG H 66 -19.71 -52.06 -10.63
CA ARG H 66 -18.42 -51.35 -10.72
C ARG H 66 -18.42 -49.90 -10.10
N PHE H 67 -19.59 -49.31 -9.95
CA PHE H 67 -19.77 -48.04 -9.24
C PHE H 67 -19.97 -48.31 -7.74
N SER H 68 -19.22 -47.58 -6.90
CA SER H 68 -19.48 -47.56 -5.49
C SER H 68 -19.14 -46.18 -4.92
N GLY H 69 -19.69 -45.91 -3.74
CA GLY H 69 -19.45 -44.67 -3.04
C GLY H 69 -19.21 -44.85 -1.60
N SER H 70 -18.37 -44.00 -1.02
CA SER H 70 -18.19 -43.96 0.44
C SER H 70 -17.81 -42.56 0.90
N GLY H 71 -17.70 -42.39 2.19
CA GLY H 71 -17.19 -41.19 2.78
C GLY H 71 -17.58 -40.93 4.19
N SER H 72 -16.88 -39.99 4.81
CA SER H 72 -17.15 -39.51 6.15
C SER H 72 -18.35 -38.53 6.10
N GLY H 73 -18.39 -37.52 6.97
CA GLY H 73 -19.35 -36.40 6.90
C GLY H 73 -18.88 -35.31 5.98
N THR H 74 -17.56 -35.16 5.80
CA THR H 74 -17.06 -34.09 4.90
C THR H 74 -16.32 -34.52 3.66
N ASP H 75 -15.87 -35.78 3.54
CA ASP H 75 -15.05 -36.21 2.43
C ASP H 75 -15.67 -37.44 1.84
N PHE H 76 -15.93 -37.39 0.52
CA PHE H 76 -16.62 -38.50 -0.19
C PHE H 76 -15.90 -38.90 -1.44
N THR H 77 -16.12 -40.15 -1.85
CA THR H 77 -15.41 -40.71 -2.98
C THR H 77 -16.39 -41.56 -3.77
N LEU H 78 -16.41 -41.34 -5.11
CA LEU H 78 -17.03 -42.23 -6.04
C LEU H 78 -15.91 -43.06 -6.64
N LYS H 79 -16.09 -44.35 -6.68
CA LYS H 79 -15.11 -45.27 -7.25
C LYS H 79 -15.76 -46.01 -8.39
N ILE H 80 -15.03 -46.12 -9.51
CA ILE H 80 -15.46 -46.86 -10.64
C ILE H 80 -14.31 -47.84 -10.93
N SER H 81 -14.57 -49.14 -10.84
CA SER H 81 -13.50 -50.14 -10.84
C SER H 81 -12.92 -50.30 -12.23
N ARG H 82 -13.73 -50.10 -13.28
CA ARG H 82 -13.29 -49.97 -14.68
C ARG H 82 -14.26 -48.95 -15.35
N VAL H 83 -13.80 -48.33 -16.40
CA VAL H 83 -14.54 -47.28 -17.09
C VAL H 83 -14.74 -47.71 -18.53
N GLU H 84 -16.00 -48.09 -18.81
CA GLU H 84 -16.49 -48.40 -20.13
C GLU H 84 -16.93 -47.18 -20.89
N ALA H 85 -17.15 -47.33 -22.21
CA ALA H 85 -17.55 -46.24 -23.11
C ALA H 85 -18.90 -45.66 -22.71
N GLU H 86 -19.76 -46.49 -22.16
CA GLU H 86 -21.04 -46.05 -21.61
C GLU H 86 -20.93 -45.20 -20.36
N ASP H 87 -19.84 -45.31 -19.61
CA ASP H 87 -19.55 -44.52 -18.44
C ASP H 87 -18.96 -43.06 -18.76
N VAL H 88 -18.60 -42.79 -19.98
CA VAL H 88 -18.05 -41.54 -20.38
C VAL H 88 -19.09 -40.42 -20.24
N GLY H 89 -18.68 -39.29 -19.63
CA GLY H 89 -19.58 -38.21 -19.38
C GLY H 89 -19.11 -37.35 -18.25
N LEU H 90 -20.03 -36.51 -17.80
CA LEU H 90 -19.78 -35.55 -16.75
C LEU H 90 -20.40 -36.03 -15.42
N TYR H 91 -19.56 -36.20 -14.43
CA TYR H 91 -19.99 -36.67 -13.06
C TYR H 91 -20.03 -35.55 -12.11
N TYR H 92 -21.10 -35.43 -11.34
CA TYR H 92 -21.28 -34.44 -10.31
C TYR H 92 -21.55 -35.08 -8.98
N CYS H 93 -20.94 -34.56 -7.91
CA CYS H 93 -21.50 -34.73 -6.53
C CYS H 93 -22.52 -33.64 -6.25
N MET H 94 -23.52 -33.94 -5.41
CA MET H 94 -24.49 -32.92 -4.93
C MET H 94 -24.91 -33.16 -3.51
N GLN H 95 -25.04 -32.10 -2.74
CA GLN H 95 -25.47 -32.20 -1.37
C GLN H 95 -26.95 -31.79 -1.32
N THR H 96 -27.72 -32.49 -0.46
CA THR H 96 -29.09 -32.18 -0.18
C THR H 96 -29.42 -32.09 1.32
N LEU H 97 -28.36 -31.85 2.14
CA LEU H 97 -28.56 -31.56 3.54
C LEU H 97 -29.44 -30.33 3.71
N GLN H 98 -29.12 -29.27 2.95
CA GLN H 98 -29.87 -28.03 2.99
C GLN H 98 -30.11 -27.55 1.60
N THR H 99 -31.14 -26.71 1.45
CA THR H 99 -31.35 -25.92 0.28
C THR H 99 -30.64 -24.59 0.46
N PRO H 100 -30.08 -24.03 -0.60
CA PRO H 100 -30.07 -24.57 -2.00
C PRO H 100 -29.22 -25.81 -2.11
N TRP H 101 -29.71 -26.80 -2.85
CA TRP H 101 -28.87 -27.93 -3.22
C TRP H 101 -27.66 -27.30 -3.98
N THR H 102 -26.48 -27.82 -3.72
CA THR H 102 -25.22 -27.38 -4.37
C THR H 102 -24.43 -28.55 -4.89
N PHE H 103 -23.56 -28.23 -5.82
CA PHE H 103 -22.99 -29.23 -6.72
C PHE H 103 -21.50 -29.00 -6.74
N GLY H 104 -20.76 -30.09 -6.87
CA GLY H 104 -19.35 -29.98 -7.21
C GLY H 104 -19.14 -29.45 -8.58
N GLN H 105 -17.89 -29.12 -8.88
CA GLN H 105 -17.51 -28.58 -10.17
C GLN H 105 -17.68 -29.49 -11.37
N GLY H 106 -17.79 -30.79 -11.13
CA GLY H 106 -17.98 -31.75 -12.18
C GLY H 106 -16.66 -32.34 -12.64
N THR H 107 -16.69 -33.60 -13.03
CA THR H 107 -15.54 -34.35 -13.55
C THR H 107 -15.87 -34.89 -14.92
N LYS H 108 -15.11 -34.50 -15.94
CA LYS H 108 -15.22 -35.07 -17.28
C LYS H 108 -14.41 -36.39 -17.37
N VAL H 109 -15.12 -37.53 -17.34
CA VAL H 109 -14.47 -38.85 -17.47
C VAL H 109 -14.54 -39.25 -18.95
N GLU H 110 -13.40 -39.54 -19.55
CA GLU H 110 -13.22 -40.01 -20.90
C GLU H 110 -12.32 -41.23 -20.91
N ILE H 111 -12.38 -41.95 -22.00
CA ILE H 111 -11.46 -43.13 -22.20
C ILE H 111 -10.15 -42.52 -22.70
N LYS H 112 -9.06 -42.93 -22.06
CA LYS H 112 -7.73 -42.60 -22.51
C LYS H 112 -7.24 -43.63 -23.51
N ARG H 113 -6.59 -43.13 -24.55
CA ARG H 113 -5.94 -43.94 -25.55
C ARG H 113 -4.61 -43.33 -25.92
N THR H 114 -3.86 -44.02 -26.80
CA THR H 114 -2.62 -43.40 -27.39
C THR H 114 -2.91 -42.12 -28.19
N VAL H 115 -1.97 -41.19 -28.14
CA VAL H 115 -2.09 -39.94 -28.85
C VAL H 115 -2.33 -40.22 -30.37
N ALA H 116 -3.30 -39.53 -30.97
CA ALA H 116 -3.64 -39.63 -32.41
C ALA H 116 -3.74 -38.25 -32.98
N ALA H 117 -2.96 -37.99 -34.01
CA ALA H 117 -2.98 -36.70 -34.64
C ALA H 117 -4.26 -36.55 -35.51
N PRO H 118 -4.78 -35.31 -35.64
CA PRO H 118 -5.90 -35.09 -36.56
C PRO H 118 -5.52 -35.21 -38.03
N SER H 119 -6.37 -35.87 -38.82
CA SER H 119 -6.39 -35.66 -40.27
C SER H 119 -7.12 -34.32 -40.52
N VAL H 120 -6.47 -33.43 -41.27
CA VAL H 120 -6.98 -32.09 -41.50
C VAL H 120 -7.47 -31.92 -42.94
N PHE H 121 -8.67 -31.33 -43.11
CA PHE H 121 -9.23 -31.03 -44.42
C PHE H 121 -9.81 -29.63 -44.45
N ILE H 122 -9.63 -28.94 -45.57
CA ILE H 122 -10.14 -27.57 -45.76
C ILE H 122 -11.17 -27.58 -46.91
N PHE H 123 -12.26 -26.83 -46.73
CA PHE H 123 -13.34 -26.76 -47.70
C PHE H 123 -13.66 -25.35 -48.04
N PRO H 124 -13.57 -25.00 -49.34
CA PRO H 124 -13.91 -23.63 -49.75
C PRO H 124 -15.46 -23.46 -49.79
N PRO H 125 -15.96 -22.23 -49.79
CA PRO H 125 -17.37 -22.02 -49.98
C PRO H 125 -17.83 -22.52 -51.33
N SER H 126 -19.02 -23.12 -51.37
CA SER H 126 -19.65 -23.53 -52.61
C SER H 126 -20.08 -22.35 -53.46
N ASP H 127 -20.26 -22.60 -54.76
CA ASP H 127 -20.72 -21.54 -55.68
C ASP H 127 -22.15 -21.07 -55.31
N GLU H 128 -23.01 -22.02 -54.97
CA GLU H 128 -24.40 -21.74 -54.48
C GLU H 128 -24.41 -20.66 -53.40
N GLN H 129 -23.59 -20.86 -52.38
CA GLN H 129 -23.55 -19.96 -51.23
C GLN H 129 -23.06 -18.59 -51.62
N LEU H 130 -22.00 -18.54 -52.43
CA LEU H 130 -21.48 -17.27 -52.89
C LEU H 130 -22.51 -16.35 -53.63
N LYS H 131 -23.37 -16.94 -54.46
CA LYS H 131 -24.53 -16.22 -55.01
C LYS H 131 -25.48 -15.57 -53.94
N SER H 132 -25.57 -16.15 -52.73
CA SER H 132 -26.37 -15.55 -51.65
C SER H 132 -25.72 -14.34 -50.94
N GLY H 133 -24.41 -14.14 -51.10
CA GLY H 133 -23.71 -12.99 -50.49
C GLY H 133 -22.87 -13.28 -49.25
N THR H 134 -22.59 -14.56 -48.99
CA THR H 134 -21.81 -14.97 -47.80
C THR H 134 -20.87 -16.07 -48.22
N ALA H 135 -19.77 -16.22 -47.49
CA ALA H 135 -18.76 -17.27 -47.76
C ALA H 135 -18.41 -17.95 -46.45
N SER H 136 -18.67 -19.26 -46.37
CA SER H 136 -18.25 -20.09 -45.26
C SER H 136 -17.12 -20.98 -45.73
N VAL H 137 -16.01 -20.92 -44.98
CA VAL H 137 -14.87 -21.80 -45.16
C VAL H 137 -14.79 -22.74 -43.93
N VAL H 138 -14.69 -24.05 -44.18
CA VAL H 138 -14.76 -25.03 -43.18
C VAL H 138 -13.44 -25.79 -43.09
N CYS H 139 -12.96 -25.94 -41.86
CA CYS H 139 -11.79 -26.77 -41.52
C CYS H 139 -12.22 -27.92 -40.63
N LEU H 140 -11.99 -29.15 -41.09
CA LEU H 140 -12.28 -30.36 -40.35
C LEU H 140 -11.02 -30.92 -39.75
N LEU H 141 -11.02 -31.16 -38.44
CA LEU H 141 -9.98 -31.94 -37.78
C LEU H 141 -10.61 -33.25 -37.38
N ASN H 142 -10.14 -34.35 -37.96
CA ASN H 142 -10.85 -35.62 -37.86
C ASN H 142 -10.07 -36.64 -37.08
N ASN H 143 -10.78 -37.31 -36.15
CA ASN H 143 -10.28 -38.46 -35.32
C ASN H 143 -8.91 -38.26 -34.62
N PHE H 144 -8.91 -37.35 -33.68
CA PHE H 144 -7.73 -37.06 -32.79
C PHE H 144 -7.92 -37.33 -31.30
N TYR H 145 -6.80 -37.44 -30.60
CA TYR H 145 -6.75 -37.64 -29.12
C TYR H 145 -5.37 -37.21 -28.59
N PRO H 146 -5.29 -36.45 -27.49
CA PRO H 146 -6.40 -35.94 -26.62
C PRO H 146 -7.27 -34.83 -27.25
N ARG H 147 -8.25 -34.37 -26.47
CA ARG H 147 -9.26 -33.45 -26.98
C ARG H 147 -8.75 -32.03 -27.33
N GLU H 148 -7.67 -31.60 -26.69
CA GLU H 148 -7.14 -30.27 -26.86
C GLU H 148 -6.55 -30.15 -28.26
N ALA H 149 -7.08 -29.20 -29.01
CA ALA H 149 -6.56 -28.81 -30.30
C ALA H 149 -6.80 -27.29 -30.48
N LYS H 150 -5.99 -26.65 -31.29
CA LYS H 150 -6.19 -25.23 -31.69
C LYS H 150 -6.21 -25.09 -33.24
N VAL H 151 -7.18 -24.35 -33.73
CA VAL H 151 -7.35 -24.04 -35.10
C VAL H 151 -7.08 -22.54 -35.16
N GLN H 152 -6.24 -22.13 -36.12
CA GLN H 152 -5.97 -20.71 -36.37
C GLN H 152 -6.23 -20.50 -37.85
N TRP H 153 -7.10 -19.55 -38.17
CA TRP H 153 -7.41 -19.21 -39.53
C TRP H 153 -6.45 -18.13 -40.03
N LYS H 154 -6.08 -18.24 -41.31
CA LYS H 154 -5.20 -17.26 -42.01
C LYS H 154 -5.76 -16.96 -43.40
N VAL H 155 -5.93 -15.67 -43.69
CA VAL H 155 -6.45 -15.15 -44.96
C VAL H 155 -5.35 -14.23 -45.54
N ASP H 156 -4.74 -14.66 -46.63
CA ASP H 156 -3.52 -13.99 -47.19
C ASP H 156 -2.41 -13.88 -46.12
N ASN H 157 -2.22 -15.00 -45.44
CA ASN H 157 -1.28 -15.13 -44.34
C ASN H 157 -1.42 -14.14 -43.15
N ALA H 158 -2.61 -13.55 -43.00
CA ALA H 158 -2.95 -12.66 -41.88
C ALA H 158 -3.85 -13.43 -40.86
N LEU H 159 -3.52 -13.36 -39.57
CA LEU H 159 -4.21 -14.11 -38.51
C LEU H 159 -5.61 -13.55 -38.36
N GLN H 160 -6.61 -14.42 -38.49
CA GLN H 160 -8.02 -14.08 -38.33
C GLN H 160 -8.44 -14.24 -36.88
N SER H 161 -9.43 -13.44 -36.47
CA SER H 161 -9.89 -13.39 -35.05
C SER H 161 -11.34 -12.87 -34.98
N GLY H 162 -12.16 -13.53 -34.17
CA GLY H 162 -13.55 -13.15 -33.96
C GLY H 162 -14.54 -13.41 -35.10
N ASN H 163 -14.15 -14.12 -36.16
CA ASN H 163 -15.00 -14.41 -37.32
C ASN H 163 -15.06 -15.93 -37.63
N SER H 164 -14.78 -16.76 -36.60
CA SER H 164 -14.88 -18.16 -36.66
C SER H 164 -15.61 -18.76 -35.43
N GLN H 165 -16.19 -19.93 -35.63
CA GLN H 165 -16.85 -20.69 -34.57
C GLN H 165 -16.55 -22.13 -34.79
N GLU H 166 -16.41 -22.86 -33.71
CA GLU H 166 -16.13 -24.29 -33.76
C GLU H 166 -17.00 -25.10 -32.80
N SER H 167 -17.06 -26.40 -33.05
CA SER H 167 -17.62 -27.35 -32.13
C SER H 167 -16.91 -28.69 -32.31
N VAL H 168 -17.10 -29.54 -31.32
CA VAL H 168 -16.40 -30.77 -31.13
C VAL H 168 -17.36 -31.90 -30.86
N THR H 169 -17.14 -33.07 -31.47
CA THR H 169 -17.99 -34.25 -31.23
C THR H 169 -17.75 -34.86 -29.87
N GLU H 170 -18.71 -35.64 -29.41
CA GLU H 170 -18.49 -36.45 -28.25
C GLU H 170 -17.47 -37.53 -28.60
N GLN H 171 -16.84 -38.08 -27.58
CA GLN H 171 -15.83 -39.11 -27.79
C GLN H 171 -16.47 -40.28 -28.49
N ASP H 172 -15.76 -40.80 -29.49
CA ASP H 172 -16.21 -41.99 -30.24
C ASP H 172 -16.09 -43.24 -29.40
N SER H 173 -17.16 -43.98 -29.25
CA SER H 173 -17.19 -45.26 -28.47
C SER H 173 -16.20 -46.34 -28.96
N LYS H 174 -16.05 -46.50 -30.27
CA LYS H 174 -15.18 -47.54 -30.87
C LYS H 174 -13.67 -47.17 -30.75
N ASP H 175 -13.27 -46.02 -31.26
CA ASP H 175 -11.87 -45.62 -31.36
C ASP H 175 -11.39 -44.55 -30.36
N SER H 176 -12.27 -44.04 -29.49
CA SER H 176 -11.95 -43.11 -28.38
C SER H 176 -11.34 -41.75 -28.83
N THR H 177 -11.66 -41.34 -30.07
CA THR H 177 -11.20 -40.06 -30.64
C THR H 177 -12.30 -38.99 -30.66
N TYR H 178 -11.85 -37.76 -30.93
CA TYR H 178 -12.70 -36.61 -31.08
C TYR H 178 -12.47 -36.07 -32.48
N SER H 179 -13.45 -35.33 -32.96
CA SER H 179 -13.38 -34.56 -34.20
C SER H 179 -13.89 -33.15 -33.96
N LEU H 180 -13.31 -32.19 -34.68
CA LEU H 180 -13.62 -30.79 -34.55
C LEU H 180 -13.90 -30.17 -35.91
N SER H 181 -14.89 -29.25 -35.99
CA SER H 181 -15.25 -28.54 -37.23
C SER H 181 -15.20 -27.06 -36.89
N SER H 182 -14.45 -26.29 -37.67
CA SER H 182 -14.39 -24.82 -37.53
C SER H 182 -14.85 -24.17 -38.81
N THR H 183 -15.63 -23.09 -38.69
CA THR H 183 -16.16 -22.40 -39.81
C THR H 183 -15.70 -20.97 -39.72
N LEU H 184 -15.02 -20.50 -40.80
CA LEU H 184 -14.70 -19.08 -40.98
C LEU H 184 -15.76 -18.45 -41.88
N THR H 185 -16.40 -17.38 -41.39
CA THR H 185 -17.49 -16.74 -42.10
C THR H 185 -17.05 -15.32 -42.53
N LEU H 186 -17.10 -15.09 -43.83
CA LEU H 186 -16.87 -13.75 -44.40
C LEU H 186 -18.00 -13.37 -45.37
N SER H 187 -18.15 -12.06 -45.58
CA SER H 187 -18.99 -11.57 -46.66
C SER H 187 -18.36 -11.96 -48.03
N LYS H 188 -19.20 -12.11 -49.05
CA LYS H 188 -18.78 -12.30 -50.46
C LYS H 188 -17.70 -11.30 -50.86
N ALA H 189 -17.98 -10.01 -50.65
CA ALA H 189 -17.02 -8.90 -50.94
C ALA H 189 -15.66 -9.17 -50.34
N ASP H 190 -15.62 -9.40 -49.01
CA ASP H 190 -14.37 -9.69 -48.27
C ASP H 190 -13.70 -10.95 -48.75
N TYR H 191 -14.49 -11.98 -49.08
CA TYR H 191 -13.93 -13.21 -49.63
C TYR H 191 -13.18 -12.99 -50.98
N GLU H 192 -13.83 -12.22 -51.85
CA GLU H 192 -13.29 -11.91 -53.20
C GLU H 192 -12.03 -10.99 -53.13
N LYS H 193 -11.91 -10.18 -52.07
CA LYS H 193 -10.72 -9.33 -51.88
C LYS H 193 -9.43 -10.09 -51.54
N HIS H 194 -9.50 -11.39 -51.24
CA HIS H 194 -8.32 -12.16 -50.83
C HIS H 194 -8.17 -13.43 -51.67
N LYS H 195 -6.98 -14.03 -51.57
CA LYS H 195 -6.60 -15.20 -52.39
C LYS H 195 -6.41 -16.50 -51.62
N VAL H 196 -5.53 -16.45 -50.61
CA VAL H 196 -5.10 -17.65 -49.87
C VAL H 196 -5.92 -17.83 -48.59
N TYR H 197 -6.60 -18.97 -48.50
CA TYR H 197 -7.39 -19.33 -47.30
C TYR H 197 -6.74 -20.54 -46.69
N ALA H 198 -6.39 -20.46 -45.41
CA ALA H 198 -5.61 -21.52 -44.71
C ALA H 198 -6.11 -21.74 -43.27
N CYS H 199 -6.19 -23.00 -42.84
CA CYS H 199 -6.37 -23.29 -41.44
C CYS H 199 -5.09 -24.00 -40.97
N GLU H 200 -4.53 -23.48 -39.87
CA GLU H 200 -3.36 -24.04 -39.22
C GLU H 200 -3.78 -24.73 -37.92
N VAL H 201 -3.45 -26.01 -37.80
CA VAL H 201 -3.88 -26.87 -36.70
C VAL H 201 -2.68 -27.23 -35.81
N THR H 202 -2.87 -27.01 -34.49
CA THR H 202 -1.94 -27.39 -33.45
C THR H 202 -2.59 -28.48 -32.63
N HIS H 203 -1.84 -29.52 -32.40
CA HIS H 203 -2.27 -30.62 -31.63
C HIS H 203 -0.99 -31.39 -31.15
N GLN H 204 -1.08 -32.09 -30.02
CA GLN H 204 0.06 -32.80 -29.35
C GLN H 204 0.66 -33.88 -30.25
N GLY H 205 -0.20 -34.65 -30.91
CA GLY H 205 0.15 -35.59 -32.00
C GLY H 205 0.97 -35.07 -33.21
N LEU H 206 1.11 -33.76 -33.36
CA LEU H 206 1.79 -33.12 -34.48
C LEU H 206 3.09 -32.42 -34.03
N SER H 207 4.20 -32.73 -34.73
CA SER H 207 5.56 -32.24 -34.38
C SER H 207 5.61 -30.72 -34.54
N SER H 208 5.04 -30.25 -35.63
CA SER H 208 4.83 -28.83 -35.85
C SER H 208 3.41 -28.66 -36.35
N PRO H 209 2.85 -27.43 -36.28
CA PRO H 209 1.48 -27.21 -36.83
C PRO H 209 1.26 -27.57 -38.34
N VAL H 210 0.13 -28.20 -38.66
CA VAL H 210 -0.22 -28.65 -39.99
C VAL H 210 -1.16 -27.57 -40.56
N THR H 211 -0.86 -27.14 -41.78
CA THR H 211 -1.63 -26.16 -42.49
C THR H 211 -2.21 -26.91 -43.66
N LYS H 212 -3.50 -26.64 -43.90
CA LYS H 212 -4.17 -27.01 -45.14
C LYS H 212 -4.68 -25.72 -45.74
N SER H 213 -4.56 -25.56 -47.08
CA SER H 213 -5.05 -24.31 -47.73
C SER H 213 -5.58 -24.54 -49.17
N PHE H 214 -6.14 -23.47 -49.71
CA PHE H 214 -6.59 -23.39 -51.10
C PHE H 214 -6.44 -21.93 -51.54
N ASN H 215 -6.47 -21.77 -52.85
CA ASN H 215 -6.52 -20.46 -53.49
C ASN H 215 -7.88 -20.26 -54.15
N ARG H 216 -8.44 -19.09 -53.95
CA ARG H 216 -9.74 -18.74 -54.48
C ARG H 216 -9.66 -18.68 -56.01
N GLY H 217 -10.52 -19.43 -56.68
CA GLY H 217 -10.45 -19.64 -58.13
C GLY H 217 -9.61 -20.86 -58.52
N GLU H 218 -9.72 -21.93 -57.73
CA GLU H 218 -8.94 -23.19 -57.90
C GLU H 218 -7.44 -23.03 -57.59
N MET I 14 -2.28 22.10 24.57
CA MET I 14 -1.43 21.81 23.37
C MET I 14 -0.24 20.86 23.72
N VAL I 15 -0.57 19.72 24.34
CA VAL I 15 0.43 18.69 24.71
C VAL I 15 0.83 17.77 23.50
N ASP I 16 1.99 17.14 23.61
CA ASP I 16 2.48 16.18 22.66
C ASP I 16 2.07 14.84 23.17
N SEP I 17 1.92 13.89 22.25
CA SEP I 17 1.28 12.62 22.50
CB SEP I 17 0.87 11.93 21.22
OG SEP I 17 2.02 11.52 20.42
C SEP I 17 1.98 11.71 23.40
O SEP I 17 1.29 10.90 24.08
P SEP I 17 1.90 11.34 18.83
O1P SEP I 17 0.92 10.11 18.83
O2P SEP I 17 3.30 11.02 18.40
O3P SEP I 17 1.16 12.54 18.30
N PRO I 18 3.32 11.77 23.49
CA PRO I 18 3.98 10.99 24.52
C PRO I 18 3.56 11.30 25.96
N GLN I 19 2.97 12.48 26.20
CA GLN I 19 2.58 12.98 27.54
C GLN I 19 1.13 12.71 27.89
N LEU I 20 0.41 11.97 27.06
CA LEU I 20 -1.01 11.82 27.24
C LEU I 20 -1.36 10.98 28.46
N ALA I 21 -0.69 9.85 28.63
CA ALA I 21 -1.08 8.89 29.68
C ALA I 21 -0.97 9.50 31.10
N THR I 22 0.26 9.90 31.47
CA THR I 22 0.56 10.69 32.71
C THR I 22 -0.27 10.31 33.98
N ASP J 13 12.44 -14.43 -20.02
CA ASP J 13 11.18 -13.63 -20.24
C ASP J 13 10.78 -12.83 -18.99
N MET J 14 10.32 -11.61 -19.20
CA MET J 14 9.77 -10.76 -18.15
C MET J 14 8.83 -9.76 -18.83
N VAL J 15 7.82 -10.29 -19.49
CA VAL J 15 6.83 -9.54 -20.28
C VAL J 15 5.46 -9.75 -19.65
N ASP J 16 4.64 -8.69 -19.57
CA ASP J 16 3.27 -8.80 -19.09
C ASP J 16 2.31 -9.11 -20.18
N SEP J 17 1.21 -9.78 -19.82
CA SEP J 17 0.26 -10.28 -20.83
CB SEP J 17 -0.85 -11.16 -20.24
OG SEP J 17 -1.76 -10.41 -19.38
C SEP J 17 -0.35 -9.26 -21.76
O SEP J 17 -0.76 -9.63 -22.86
P SEP J 17 -2.47 -11.22 -18.13
O1P SEP J 17 -3.48 -12.03 -18.89
O2P SEP J 17 -3.16 -10.05 -17.35
O3P SEP J 17 -1.38 -11.95 -17.43
N PRO J 18 -0.49 -7.99 -21.36
CA PRO J 18 -0.95 -6.98 -22.34
C PRO J 18 -0.02 -6.78 -23.55
N GLN J 19 1.27 -6.99 -23.37
CA GLN J 19 2.27 -6.95 -24.48
C GLN J 19 2.29 -8.19 -25.47
N LEU J 20 1.42 -9.16 -25.28
CA LEU J 20 1.37 -10.35 -26.11
C LEU J 20 0.80 -10.09 -27.49
N ALA J 21 -0.28 -9.32 -27.60
CA ALA J 21 -0.80 -8.92 -28.95
C ALA J 21 0.27 -8.22 -29.89
N THR J 22 1.19 -7.45 -29.30
CA THR J 22 2.33 -6.83 -30.03
C THR J 22 3.42 -7.88 -30.26
N MET K 14 -40.12 -22.51 5.59
CA MET K 14 -38.71 -22.59 5.15
C MET K 14 -37.89 -23.64 5.97
N VAL K 15 -38.39 -24.88 5.99
CA VAL K 15 -37.73 -26.09 6.57
C VAL K 15 -37.25 -27.02 5.43
N ASP K 16 -36.05 -27.58 5.57
CA ASP K 16 -35.51 -28.59 4.64
C ASP K 16 -35.99 -29.99 4.97
N SEP K 17 -36.03 -30.87 3.99
CA SEP K 17 -36.56 -32.20 4.16
CB SEP K 17 -36.89 -32.93 2.90
OG SEP K 17 -35.71 -33.15 2.12
C SEP K 17 -35.81 -33.08 5.11
O SEP K 17 -36.46 -34.00 5.64
P SEP K 17 -35.86 -33.30 0.55
O1P SEP K 17 -36.63 -34.60 0.45
O2P SEP K 17 -34.40 -33.52 0.11
O3P SEP K 17 -36.58 -32.13 0.01
N PRO K 18 -34.50 -32.89 5.33
CA PRO K 18 -33.86 -33.60 6.44
C PRO K 18 -34.41 -33.36 7.84
N GLN K 19 -35.04 -32.22 8.07
CA GLN K 19 -35.65 -31.84 9.38
C GLN K 19 -37.05 -32.39 9.64
N LEU K 20 -37.62 -33.15 8.73
CA LEU K 20 -38.98 -33.68 8.88
C LEU K 20 -39.05 -34.79 9.93
N ALA K 21 -38.19 -35.80 9.82
CA ALA K 21 -38.16 -36.89 10.81
C ALA K 21 -37.56 -36.40 12.14
N MET L 14 47.37 29.17 -2.11
CA MET L 14 47.20 30.40 -1.22
C MET L 14 46.30 31.57 -1.76
N VAL L 15 45.80 31.46 -2.98
CA VAL L 15 44.78 32.35 -3.53
C VAL L 15 43.42 32.14 -2.83
N ASP L 16 42.62 33.22 -2.74
CA ASP L 16 41.20 33.19 -2.25
C ASP L 16 40.22 32.86 -3.37
N SEP L 17 39.12 32.16 -3.01
CA SEP L 17 38.19 31.56 -3.97
CB SEP L 17 37.12 30.68 -3.28
OG SEP L 17 36.21 31.45 -2.48
C SEP L 17 37.55 32.50 -4.98
O SEP L 17 37.34 32.06 -6.10
P SEP L 17 35.39 30.73 -1.24
O1P SEP L 17 34.51 29.74 -2.00
O2P SEP L 17 34.64 31.83 -0.58
O3P SEP L 17 36.47 30.10 -0.47
N PRO L 18 37.27 33.77 -4.62
CA PRO L 18 36.80 34.74 -5.63
C PRO L 18 37.76 35.00 -6.82
N GLN L 19 39.05 34.79 -6.61
CA GLN L 19 40.04 34.94 -7.70
C GLN L 19 40.20 33.70 -8.65
N LEU L 20 39.48 32.61 -8.40
CA LEU L 20 39.61 31.40 -9.21
C LEU L 20 39.14 31.58 -10.69
N ALA L 21 37.97 32.20 -10.90
CA ALA L 21 37.37 32.29 -12.23
C ALA L 21 38.16 33.18 -13.20
C1 GOL M . 17.25 14.69 -19.34
O1 GOL M . 15.94 14.45 -18.72
C2 GOL M . 17.36 16.13 -19.78
O2 GOL M . 16.20 16.91 -19.54
C3 GOL M . 18.61 16.82 -19.21
O3 GOL M . 19.69 16.46 -20.04
C1 GOL N . 40.21 12.40 26.01
O1 GOL N . 41.04 12.83 24.89
C2 GOL N . 38.72 12.42 25.74
O2 GOL N . 38.35 13.11 24.54
C3 GOL N . 37.95 12.94 26.96
O3 GOL N . 36.61 13.46 26.76
C1 GOL O . 16.34 31.56 9.53
O1 GOL O . 16.81 30.76 8.42
C2 GOL O . 14.84 31.89 9.46
O2 GOL O . 14.46 32.00 8.12
C3 GOL O . 14.50 33.23 10.11
O3 GOL O . 13.11 33.46 10.28
C1 GOL P . -12.60 -21.11 0.42
O1 GOL P . -12.00 -22.34 -0.05
C2 GOL P . -11.53 -20.06 0.72
O2 GOL P . -10.84 -20.61 1.82
C3 GOL P . -12.14 -18.70 1.04
O3 GOL P . -11.96 -17.64 0.06
C1 GOL Q . -18.81 -24.93 -36.75
O1 GOL Q . -17.96 -25.46 -37.77
C2 GOL Q . -20.18 -25.63 -36.85
O2 GOL Q . -20.98 -25.28 -38.03
C3 GOL Q . -20.00 -27.17 -36.82
O3 GOL Q . -21.31 -27.85 -36.60
#